data_6QP8
#
_entry.id   6QP8
#
_cell.length_a   107.990
_cell.length_b   145.580
_cell.length_c   152.200
_cell.angle_alpha   90.00
_cell.angle_beta   90.00
_cell.angle_gamma   90.00
#
_symmetry.space_group_name_H-M   'P 21 21 21'
#
loop_
_entity.id
_entity.type
_entity.pdbx_description
1 polymer IP13724p
2 branched 2-acetamido-2-deoxy-beta-D-glucopyranose-(1-4)-2-acetamido-2-deoxy-beta-D-glucopyranose
3 branched alpha-D-mannopyranose-(1-3)-alpha-D-mannopyranose-(1-6)-beta-D-mannopyranose-(1-4)-2-acetamido-2-deoxy-beta-D-glucopyranose-(1-4)-2-acetamido-2-deoxy-beta-D-glucopyranose
4 branched alpha-D-mannopyranose-(1-2)-alpha-D-mannopyranose-(1-6)-[alpha-D-mannopyranose-(1-3)]alpha-D-mannopyranose-(1-6)-[alpha-D-mannopyranose-(1-2)-alpha-D-mannopyranose-(1-3)]beta-D-mannopyranose-(1-4)-2-acetamido-2-deoxy-beta-D-glucopyranose-(1-4)-2-acetamido-2-deoxy-beta-D-glucopyranose
5 branched alpha-D-mannopyranose-(1-2)-alpha-D-mannopyranose-(1-3)-[alpha-D-mannopyranose-(1-6)]beta-D-mannopyranose-(1-4)-2-acetamido-2-deoxy-beta-D-glucopyranose-(1-4)-2-acetamido-2-deoxy-beta-D-glucopyranose
6 branched alpha-D-mannopyranose-(1-6)-beta-D-mannopyranose-(1-4)-2-acetamido-2-deoxy-beta-D-glucopyranose-(1-4)-2-acetamido-2-deoxy-beta-D-glucopyranose
7 branched alpha-D-mannopyranose-(1-2)-alpha-D-mannopyranose-(1-6)-[alpha-D-mannopyranose-(1-3)]alpha-D-mannopyranose-(1-6)-[alpha-D-mannopyranose-(1-3)]alpha-D-mannopyranose-(1-4)-2-acetamido-2-deoxy-beta-D-glucopyranose-(1-4)-2-acetamido-2-deoxy-beta-D-glucopyranose
8 branched alpha-D-mannopyranose-(1-6)-alpha-D-mannopyranose-(1-4)-2-acetamido-2-deoxy-beta-D-glucopyranose-(1-4)-2-acetamido-2-deoxy-beta-D-glucopyranose
9 branched beta-D-mannopyranose-(1-4)-2-acetamido-2-deoxy-beta-D-glucopyranose-(1-4)-2-acetamido-2-deoxy-beta-D-glucopyranose
10 non-polymer 2-acetamido-2-deoxy-beta-D-glucopyranose
11 non-polymer GLYCEROL
12 non-polymer 'CITRATE ANION'
13 water water
#
_entity_poly.entity_id   1
_entity_poly.type   'polypeptide(L)'
_entity_poly.pdbx_seq_one_letter_code
;ETGYENTWNLYYEPPCCTGSSAAHHLRHHKEHVQDFSCGPLHYKTFYMDERNNALYVGAMDRIFRLNLRNISQSICERDV
LILEPTGSDILNCVSKGKREKVECRNHIRVIQPMNFNGQKLYVCGTNAHNPKDYVINANLTHLPRSQYVPGIGLGIGKCP
YDPADNSTAVYVENGNPFGLPALYAGTNAEFTKADSVIFRSDLYNLTNGRKEANFKRTVKYDSKLLDKPNFVGSFEIGEF
VYFFFREHAVEYINCGKAVYSRVARVCKNDRGGKYMISQNWATYLKARMNCSISSEFPFYFNEIQSVYKMPTDDTKFYAT
FTTNTNGLIGSAVCSYDIRDINAAFDGKFKEQATSNSAWLPVLNSKVPEPRPGTCHNDTATLPDSVLNFIRKHPLMDKAV
DHEFGNPVFFKRDVILTKLVVDKIRIDKLNQEFLVYFVATTSGHIYKIVQFMHYGQRHSNLVDIFEASPHSEPIREMTLS
HKTGSLYVATDHQVKQIDIAMCARRYDSCFRCVSDPYCGWDKDVNACRPYQLGLLQDVANETSGICDTSVLRKKVTSSYG
QTLHLSCFVKMPEVLRKKQTRWYHHSTEKGRYEVRYTPTKYIDTNEGGLVLLAVNEGDGGRYDSYLDGTLLCSYGVTVDA
HRCSPPSQGTKHHHHHH
;
_entity_poly.pdbx_strand_id   A,B
#
loop_
_chem_comp.id
_chem_comp.type
_chem_comp.name
_chem_comp.formula
BMA D-saccharide, beta linking beta-D-mannopyranose 'C6 H12 O6'
FLC non-polymer 'CITRATE ANION' 'C6 H5 O7 -3'
GOL non-polymer GLYCEROL 'C3 H8 O3'
MAN D-saccharide, alpha linking alpha-D-mannopyranose 'C6 H12 O6'
NAG D-saccharide, beta linking 2-acetamido-2-deoxy-beta-D-glucopyranose 'C8 H15 N O6'
#
# COMPACT_ATOMS: atom_id res chain seq x y z
N ASN A 9 2.11 -8.94 35.53
CA ASN A 9 1.84 -8.99 36.97
C ASN A 9 0.84 -7.94 37.39
N LEU A 10 1.10 -6.68 37.03
CA LEU A 10 0.29 -5.56 37.47
C LEU A 10 -1.04 -5.48 36.74
N TYR A 11 -1.00 -5.53 35.41
CA TYR A 11 -2.19 -5.34 34.58
C TYR A 11 -2.50 -6.63 33.83
N TYR A 12 -3.78 -7.02 33.86
CA TYR A 12 -4.26 -8.16 33.09
C TYR A 12 -5.62 -7.79 32.53
N GLU A 13 -5.76 -7.89 31.20
CA GLU A 13 -7.03 -7.62 30.56
C GLU A 13 -7.63 -8.93 30.06
N PRO A 14 -8.87 -9.24 30.42
CA PRO A 14 -9.49 -10.48 29.95
C PRO A 14 -9.73 -10.42 28.45
N PRO A 15 -9.48 -11.52 27.73
CA PRO A 15 -9.72 -11.54 26.29
C PRO A 15 -11.20 -11.35 25.96
N CYS A 16 -11.44 -10.91 24.73
CA CYS A 16 -12.78 -10.55 24.28
C CYS A 16 -12.78 -10.55 22.76
N CYS A 17 -13.87 -11.03 22.16
CA CYS A 17 -15.07 -11.45 22.87
C CYS A 17 -15.60 -12.80 22.38
N THR A 18 -14.72 -13.78 22.22
CA THR A 18 -15.12 -15.10 21.74
C THR A 18 -14.82 -16.19 22.77
N GLY A 19 -14.78 -15.81 24.04
CA GLY A 19 -14.50 -16.75 25.12
C GLY A 19 -15.52 -17.86 25.23
N GLU A 31 -22.19 -10.26 32.64
CA GLU A 31 -21.56 -10.46 31.34
C GLU A 31 -21.78 -9.26 30.43
N HIS A 32 -20.81 -9.00 29.55
CA HIS A 32 -20.92 -7.95 28.54
C HIS A 32 -21.03 -8.51 27.13
N VAL A 33 -21.09 -9.83 26.99
CA VAL A 33 -21.20 -10.50 25.69
C VAL A 33 -22.30 -11.55 25.78
N GLN A 34 -23.21 -11.53 24.81
CA GLN A 34 -24.32 -12.48 24.75
C GLN A 34 -24.36 -13.11 23.37
N ASP A 35 -24.52 -14.44 23.34
CA ASP A 35 -24.53 -15.18 22.09
C ASP A 35 -25.91 -15.76 21.81
N PHE A 36 -26.18 -15.98 20.52
CA PHE A 36 -27.40 -16.65 20.09
C PHE A 36 -27.05 -17.49 18.86
N SER A 37 -27.41 -18.76 18.90
CA SER A 37 -27.14 -19.65 17.77
C SER A 37 -28.12 -20.80 17.78
N CYS A 38 -28.63 -21.13 16.58
CA CYS A 38 -29.45 -22.32 16.38
C CYS A 38 -28.84 -23.23 15.33
N GLY A 39 -27.56 -23.04 15.02
CA GLY A 39 -26.88 -23.81 14.01
C GLY A 39 -26.23 -22.91 12.97
N PRO A 40 -25.55 -23.51 11.99
CA PRO A 40 -24.96 -22.73 10.90
C PRO A 40 -26.01 -22.36 9.85
N LEU A 41 -26.81 -21.35 10.19
CA LEU A 41 -27.97 -20.97 9.40
C LEU A 41 -27.74 -19.74 8.54
N HIS A 42 -26.50 -19.27 8.43
CA HIS A 42 -26.13 -18.15 7.55
C HIS A 42 -26.96 -16.90 7.88
N TYR A 43 -26.76 -16.40 9.10
CA TYR A 43 -27.52 -15.26 9.58
C TYR A 43 -27.13 -14.01 8.80
N LYS A 44 -28.15 -13.30 8.31
CA LYS A 44 -27.94 -12.11 7.49
C LYS A 44 -29.20 -11.26 7.55
N THR A 45 -29.03 -9.96 7.36
CA THR A 45 -30.10 -8.96 7.37
C THR A 45 -30.61 -8.67 8.78
N PHE A 46 -30.32 -7.48 9.28
CA PHE A 46 -30.82 -6.99 10.56
C PHE A 46 -31.97 -6.01 10.35
N TYR A 47 -32.93 -6.05 11.26
CA TYR A 47 -33.87 -4.93 11.43
C TYR A 47 -34.08 -4.74 12.93
N MET A 48 -33.70 -3.58 13.44
CA MET A 48 -33.75 -3.30 14.87
C MET A 48 -34.97 -2.44 15.19
N ASP A 49 -35.75 -2.88 16.18
CA ASP A 49 -36.92 -2.17 16.67
C ASP A 49 -36.71 -1.95 18.16
N GLU A 50 -36.08 -0.82 18.51
CA GLU A 50 -35.74 -0.56 19.90
C GLU A 50 -36.98 -0.40 20.77
N ARG A 51 -38.02 0.25 20.22
CA ARG A 51 -39.22 0.51 21.01
C ARG A 51 -39.91 -0.76 21.47
N ASN A 52 -39.67 -1.88 20.77
CA ASN A 52 -40.28 -3.16 21.13
C ASN A 52 -39.25 -4.20 21.55
N ASN A 53 -38.03 -3.77 21.86
CA ASN A 53 -36.98 -4.66 22.37
C ASN A 53 -36.77 -5.87 21.45
N ALA A 54 -36.68 -5.60 20.15
CA ALA A 54 -36.61 -6.66 19.15
C ALA A 54 -35.47 -6.40 18.19
N LEU A 55 -34.69 -7.45 17.91
CA LEU A 55 -33.71 -7.45 16.83
C LEU A 55 -34.08 -8.58 15.90
N TYR A 56 -34.65 -8.26 14.74
CA TYR A 56 -34.99 -9.26 13.76
C TYR A 56 -33.76 -9.64 12.95
N VAL A 57 -33.56 -10.93 12.75
CA VAL A 57 -32.42 -11.46 12.02
C VAL A 57 -32.92 -12.45 10.99
N GLY A 58 -32.58 -12.23 9.73
CA GLY A 58 -32.84 -13.23 8.72
C GLY A 58 -31.84 -14.36 8.76
N ALA A 59 -32.22 -15.49 8.17
CA ALA A 59 -31.35 -16.64 8.08
C ALA A 59 -31.80 -17.49 6.90
N MET A 60 -31.20 -18.67 6.78
CA MET A 60 -31.59 -19.62 5.75
C MET A 60 -32.94 -20.23 6.12
N ASP A 61 -33.96 -19.94 5.30
CA ASP A 61 -35.33 -20.44 5.47
C ASP A 61 -35.97 -19.95 6.77
N ARG A 62 -35.43 -18.89 7.39
CA ARG A 62 -35.88 -18.49 8.71
C ARG A 62 -35.78 -16.98 8.87
N ILE A 63 -36.62 -16.45 9.76
CA ILE A 63 -36.46 -15.12 10.32
C ILE A 63 -36.60 -15.24 11.83
N PHE A 64 -35.67 -14.64 12.55
CA PHE A 64 -35.66 -14.67 14.00
C PHE A 64 -36.08 -13.32 14.56
N ARG A 65 -36.67 -13.33 15.75
CA ARG A 65 -36.94 -12.12 16.52
C ARG A 65 -36.22 -12.29 17.86
N LEU A 66 -35.07 -11.64 17.99
CA LEU A 66 -34.24 -11.79 19.18
C LEU A 66 -34.57 -10.70 20.21
N ASN A 67 -34.41 -11.06 21.47
CA ASN A 67 -34.52 -10.11 22.57
C ASN A 67 -33.38 -9.10 22.47
N LEU A 68 -33.71 -7.82 22.20
CA LEU A 68 -32.67 -6.83 21.94
C LEU A 68 -31.81 -6.60 23.16
N ARG A 69 -32.42 -6.57 24.35
CA ARG A 69 -31.66 -6.31 25.57
C ARG A 69 -30.67 -7.41 25.86
N ASN A 70 -31.04 -8.66 25.59
CA ASN A 70 -30.20 -9.83 25.89
C ASN A 70 -30.62 -10.93 24.92
N ILE A 71 -29.90 -11.03 23.80
CA ILE A 71 -30.25 -11.99 22.76
C ILE A 71 -30.10 -13.43 23.22
N SER A 72 -29.39 -13.66 24.33
CA SER A 72 -29.30 -15.01 24.88
C SER A 72 -30.63 -15.49 25.46
N GLN A 73 -31.55 -14.57 25.74
CA GLN A 73 -32.85 -14.94 26.30
C GLN A 73 -33.85 -15.38 25.24
N SER A 74 -33.45 -15.39 23.97
CA SER A 74 -34.31 -15.86 22.89
C SER A 74 -34.17 -17.37 22.74
N ILE A 75 -35.26 -18.00 22.30
CA ILE A 75 -35.31 -19.46 22.17
C ILE A 75 -35.47 -19.81 20.69
N CYS A 76 -34.71 -20.83 20.25
CA CYS A 76 -34.66 -21.18 18.84
C CYS A 76 -36.03 -21.60 18.31
N GLU A 77 -36.75 -22.44 19.06
CA GLU A 77 -38.01 -22.98 18.57
C GLU A 77 -39.14 -21.97 18.66
N ARG A 78 -39.05 -21.01 19.58
CA ARG A 78 -40.15 -20.08 19.82
C ARG A 78 -40.06 -18.84 18.96
N ASP A 79 -38.90 -18.18 18.95
CA ASP A 79 -38.73 -16.87 18.33
C ASP A 79 -38.33 -16.96 16.86
N VAL A 80 -38.94 -17.85 16.09
CA VAL A 80 -38.57 -18.07 14.70
C VAL A 80 -39.84 -18.25 13.86
N LEU A 81 -39.72 -17.94 12.58
CA LEU A 81 -40.76 -18.26 11.60
C LEU A 81 -40.09 -18.91 10.40
N ILE A 82 -40.51 -20.13 10.09
CA ILE A 82 -39.91 -20.88 8.98
C ILE A 82 -40.50 -20.39 7.67
N LEU A 83 -39.62 -20.05 6.72
CA LEU A 83 -40.01 -19.59 5.38
C LEU A 83 -39.14 -20.34 4.37
N GLU A 84 -39.48 -21.60 4.11
CA GLU A 84 -38.67 -22.42 3.22
C GLU A 84 -39.35 -22.56 1.87
N PRO A 85 -38.58 -22.84 0.81
CA PRO A 85 -39.16 -22.87 -0.53
C PRO A 85 -40.06 -24.09 -0.73
N THR A 86 -40.92 -23.98 -1.73
CA THR A 86 -41.76 -25.11 -2.13
C THR A 86 -40.92 -26.15 -2.88
N GLY A 87 -41.41 -27.38 -2.88
CA GLY A 87 -40.75 -28.43 -3.63
C GLY A 87 -40.62 -28.11 -5.10
N SER A 88 -41.57 -27.33 -5.64
CA SER A 88 -41.50 -26.90 -7.03
C SER A 88 -40.31 -25.97 -7.24
N ASP A 89 -40.13 -24.99 -6.35
CA ASP A 89 -39.03 -24.06 -6.49
C ASP A 89 -37.68 -24.72 -6.25
N ILE A 90 -37.62 -25.71 -5.35
CA ILE A 90 -36.39 -26.45 -5.13
C ILE A 90 -36.03 -27.26 -6.38
N LEU A 91 -37.03 -27.90 -7.00
CA LEU A 91 -36.80 -28.66 -8.22
C LEU A 91 -36.21 -27.78 -9.31
N ASN A 92 -36.86 -26.65 -9.61
CA ASN A 92 -36.39 -25.77 -10.67
C ASN A 92 -35.00 -25.22 -10.36
N CYS A 93 -34.72 -24.93 -9.09
CA CYS A 93 -33.43 -24.37 -8.72
C CYS A 93 -32.32 -25.39 -8.90
N VAL A 94 -32.55 -26.64 -8.47
CA VAL A 94 -31.56 -27.69 -8.67
C VAL A 94 -31.34 -27.94 -10.15
N SER A 95 -32.43 -28.00 -10.92
CA SER A 95 -32.40 -28.22 -12.37
C SER A 95 -31.69 -29.55 -12.63
N LYS A 96 -30.63 -29.60 -13.42
CA LYS A 96 -29.80 -30.78 -13.55
C LYS A 96 -28.65 -30.76 -12.56
N GLY A 97 -27.98 -29.61 -12.42
CA GLY A 97 -26.87 -29.47 -11.51
C GLY A 97 -26.78 -28.10 -10.85
N LYS A 98 -27.12 -28.06 -9.57
CA LYS A 98 -26.87 -26.89 -8.72
C LYS A 98 -26.90 -27.36 -7.28
N ARG A 99 -26.06 -26.72 -6.45
CA ARG A 99 -26.00 -27.07 -5.04
C ARG A 99 -27.35 -26.87 -4.36
N GLU A 100 -27.92 -27.96 -3.85
CA GLU A 100 -29.17 -27.90 -3.09
C GLU A 100 -28.95 -27.61 -1.61
N LYS A 101 -27.69 -27.57 -1.16
CA LYS A 101 -27.41 -27.52 0.26
C LYS A 101 -27.69 -26.14 0.85
N VAL A 102 -27.31 -25.07 0.16
CA VAL A 102 -27.54 -23.71 0.66
C VAL A 102 -28.00 -22.80 -0.47
N GLU A 103 -27.55 -23.07 -1.70
CA GLU A 103 -27.87 -22.21 -2.83
C GLU A 103 -29.35 -22.27 -3.20
N CYS A 104 -29.99 -23.43 -3.06
CA CYS A 104 -31.41 -23.59 -3.39
C CYS A 104 -32.32 -23.50 -2.17
N ARG A 105 -31.87 -22.83 -1.11
CA ARG A 105 -32.68 -22.55 0.04
C ARG A 105 -33.19 -21.10 -0.04
N ASN A 106 -34.01 -20.71 0.94
CA ASN A 106 -34.60 -19.38 0.97
C ASN A 106 -33.78 -18.51 1.92
N HIS A 107 -32.89 -17.69 1.36
CA HIS A 107 -32.03 -16.81 2.13
C HIS A 107 -32.70 -15.45 2.26
N ILE A 108 -33.06 -15.07 3.48
CA ILE A 108 -33.73 -13.80 3.72
C ILE A 108 -32.75 -12.66 3.49
N ARG A 109 -33.15 -11.68 2.67
CA ARG A 109 -32.29 -10.55 2.35
C ARG A 109 -32.90 -9.19 2.66
N VAL A 110 -34.22 -9.10 2.85
CA VAL A 110 -34.88 -7.84 3.14
C VAL A 110 -35.81 -8.04 4.33
N ILE A 111 -35.69 -7.17 5.34
CA ILE A 111 -36.61 -7.12 6.48
C ILE A 111 -36.88 -5.64 6.75
N GLN A 112 -38.09 -5.19 6.47
CA GLN A 112 -38.43 -3.78 6.57
C GLN A 112 -39.74 -3.57 7.31
N PRO A 113 -39.86 -2.48 8.07
CA PRO A 113 -41.14 -2.15 8.69
C PRO A 113 -42.13 -1.65 7.63
N MET A 114 -43.34 -2.18 7.67
CA MET A 114 -44.34 -1.88 6.66
C MET A 114 -45.69 -1.65 7.31
N ASN A 115 -46.35 -0.56 6.92
CA ASN A 115 -47.69 -0.25 7.42
C ASN A 115 -48.71 -0.95 6.54
N PHE A 116 -49.42 -1.91 7.12
CA PHE A 116 -50.54 -2.57 6.45
C PHE A 116 -51.52 -3.01 7.54
N ASN A 117 -52.53 -2.19 7.79
CA ASN A 117 -53.46 -2.37 8.91
C ASN A 117 -52.68 -2.57 10.21
N GLY A 118 -51.84 -1.59 10.50
CA GLY A 118 -50.93 -1.64 11.62
C GLY A 118 -49.49 -1.79 11.16
N GLN A 119 -48.60 -1.90 12.13
CA GLN A 119 -47.17 -2.01 11.88
C GLN A 119 -46.81 -3.47 11.68
N LYS A 120 -46.34 -3.81 10.47
CA LYS A 120 -45.99 -5.17 10.11
C LYS A 120 -44.61 -5.17 9.45
N LEU A 121 -44.16 -6.36 9.05
CA LEU A 121 -42.84 -6.56 8.49
C LEU A 121 -42.93 -6.98 7.04
N TYR A 122 -42.18 -6.29 6.18
CA TYR A 122 -41.99 -6.73 4.80
C TYR A 122 -40.69 -7.54 4.71
N VAL A 123 -40.80 -8.75 4.18
CA VAL A 123 -39.68 -9.68 4.12
C VAL A 123 -39.52 -10.20 2.70
N CYS A 124 -38.27 -10.29 2.24
CA CYS A 124 -37.96 -10.85 0.93
C CYS A 124 -36.80 -11.82 1.06
N GLY A 125 -36.90 -12.95 0.35
CA GLY A 125 -35.85 -13.95 0.38
C GLY A 125 -35.55 -14.46 -1.01
N THR A 126 -34.38 -15.10 -1.14
CA THR A 126 -33.92 -15.55 -2.45
C THR A 126 -34.76 -16.72 -2.97
N ASN A 127 -35.34 -17.51 -2.07
CA ASN A 127 -36.34 -18.54 -2.39
C ASN A 127 -35.89 -19.42 -3.56
N ALA A 128 -34.72 -20.04 -3.38
CA ALA A 128 -34.18 -21.00 -4.34
C ALA A 128 -34.11 -20.41 -5.74
N HIS A 129 -33.41 -19.27 -5.84
CA HIS A 129 -33.24 -18.54 -7.09
C HIS A 129 -34.59 -18.19 -7.72
N ASN A 130 -35.49 -17.70 -6.89
CA ASN A 130 -36.82 -17.27 -7.29
C ASN A 130 -37.35 -16.30 -6.24
N PRO A 131 -36.83 -15.08 -6.20
CA PRO A 131 -37.11 -14.17 -5.08
C PRO A 131 -38.59 -14.06 -4.77
N LYS A 132 -38.91 -14.27 -3.49
CA LYS A 132 -40.28 -14.23 -3.00
C LYS A 132 -40.35 -13.30 -1.81
N ASP A 133 -41.40 -12.48 -1.76
CA ASP A 133 -41.58 -11.56 -0.65
C ASP A 133 -42.82 -11.91 0.16
N TYR A 134 -42.85 -11.40 1.40
CA TYR A 134 -43.90 -11.73 2.36
C TYR A 134 -44.27 -10.48 3.15
N VAL A 135 -45.44 -10.55 3.76
CA VAL A 135 -45.85 -9.61 4.81
C VAL A 135 -46.28 -10.44 6.01
N ILE A 136 -45.67 -10.19 7.17
CA ILE A 136 -45.94 -10.97 8.37
C ILE A 136 -46.08 -10.04 9.57
N ASN A 137 -46.72 -10.55 10.61
CA ASN A 137 -46.93 -9.79 11.83
C ASN A 137 -45.60 -9.59 12.56
N ALA A 138 -45.60 -8.63 13.50
CA ALA A 138 -44.40 -8.33 14.26
C ALA A 138 -43.98 -9.51 15.14
N ASN A 139 -44.93 -10.33 15.59
CA ASN A 139 -44.64 -11.50 16.40
C ASN A 139 -44.28 -12.72 15.56
N LEU A 140 -43.89 -12.52 14.29
CA LEU A 140 -43.43 -13.59 13.41
C LEU A 140 -44.52 -14.64 13.16
N THR A 141 -45.74 -14.18 12.90
CA THR A 141 -46.81 -15.04 12.46
C THR A 141 -47.28 -14.58 11.08
N HIS A 142 -47.73 -15.53 10.27
CA HIS A 142 -48.33 -15.19 8.99
C HIS A 142 -49.62 -14.42 9.19
N LEU A 143 -50.00 -13.64 8.19
CA LEU A 143 -51.33 -13.07 8.15
C LEU A 143 -52.33 -14.19 7.84
N PRO A 144 -53.62 -13.98 8.12
CA PRO A 144 -54.62 -15.01 7.82
C PRO A 144 -54.55 -15.43 6.35
N ARG A 145 -54.90 -16.69 6.10
CA ARG A 145 -54.82 -17.24 4.74
C ARG A 145 -55.72 -16.47 3.78
N SER A 146 -56.84 -15.94 4.27
CA SER A 146 -57.71 -15.12 3.44
C SER A 146 -57.17 -13.72 3.20
N GLN A 147 -56.21 -13.28 4.02
CA GLN A 147 -55.67 -11.92 3.93
C GLN A 147 -54.69 -11.84 2.77
N TYR A 148 -55.05 -11.08 1.74
CA TYR A 148 -54.21 -10.87 0.58
C TYR A 148 -53.65 -9.44 0.61
N VAL A 149 -52.35 -9.31 0.43
CA VAL A 149 -51.68 -8.01 0.45
C VAL A 149 -51.38 -7.64 -1.00
N PRO A 150 -51.92 -6.52 -1.51
CA PRO A 150 -51.69 -6.16 -2.91
C PRO A 150 -50.20 -5.98 -3.21
N GLY A 151 -49.77 -6.54 -4.34
CA GLY A 151 -48.42 -6.39 -4.81
C GLY A 151 -47.46 -7.48 -4.40
N ILE A 152 -47.78 -8.24 -3.34
CA ILE A 152 -46.89 -9.30 -2.87
C ILE A 152 -46.93 -10.46 -3.86
N GLY A 153 -45.76 -10.98 -4.20
CA GLY A 153 -45.64 -12.06 -5.15
C GLY A 153 -45.73 -11.67 -6.61
N LEU A 154 -45.91 -10.38 -6.91
CA LEU A 154 -46.08 -9.90 -8.26
C LEU A 154 -44.96 -8.95 -8.65
N GLY A 155 -44.75 -8.81 -9.95
CA GLY A 155 -43.79 -7.85 -10.46
C GLY A 155 -42.37 -8.38 -10.50
N ILE A 156 -41.43 -7.43 -10.51
CA ILE A 156 -40.01 -7.76 -10.57
C ILE A 156 -39.57 -8.36 -9.25
N GLY A 157 -38.57 -9.26 -9.31
CA GLY A 157 -37.98 -9.81 -8.10
C GLY A 157 -37.41 -8.72 -7.21
N LYS A 158 -37.79 -8.71 -5.94
CA LYS A 158 -37.50 -7.59 -5.05
C LYS A 158 -36.19 -7.75 -4.28
N CYS A 159 -35.55 -8.91 -4.34
CA CYS A 159 -34.29 -9.16 -3.64
C CYS A 159 -33.48 -10.14 -4.50
N PRO A 160 -32.23 -10.48 -4.15
CA PRO A 160 -31.41 -11.24 -5.09
C PRO A 160 -31.97 -12.62 -5.42
N TYR A 161 -31.57 -13.13 -6.59
CA TYR A 161 -31.71 -14.54 -6.90
C TYR A 161 -30.63 -15.37 -6.22
N ASP A 162 -29.48 -14.76 -5.92
CA ASP A 162 -28.30 -15.48 -5.49
C ASP A 162 -27.94 -15.09 -4.06
N PRO A 163 -27.68 -16.07 -3.19
CA PRO A 163 -27.31 -15.73 -1.81
C PRO A 163 -26.00 -14.95 -1.69
N ALA A 164 -25.15 -14.97 -2.70
CA ALA A 164 -23.88 -14.25 -2.65
C ALA A 164 -23.99 -12.83 -3.17
N ASP A 165 -25.13 -12.44 -3.74
CA ASP A 165 -25.29 -11.11 -4.31
C ASP A 165 -25.28 -10.05 -3.21
N ASN A 166 -24.69 -8.89 -3.52
CA ASN A 166 -24.70 -7.74 -2.62
C ASN A 166 -25.80 -6.80 -3.09
N SER A 167 -26.89 -6.74 -2.34
CA SER A 167 -28.06 -5.96 -2.70
C SER A 167 -28.42 -5.03 -1.56
N THR A 168 -29.45 -4.22 -1.80
CA THR A 168 -29.95 -3.31 -0.78
C THR A 168 -31.42 -3.04 -1.07
N ALA A 169 -32.12 -2.54 -0.05
CA ALA A 169 -33.52 -2.21 -0.22
C ALA A 169 -33.97 -1.37 0.97
N VAL A 170 -34.97 -0.52 0.73
CA VAL A 170 -35.58 0.28 1.78
C VAL A 170 -37.04 0.50 1.42
N TYR A 171 -37.94 0.24 2.38
CA TYR A 171 -39.37 0.41 2.17
C TYR A 171 -39.77 1.82 2.60
N VAL A 172 -40.41 2.55 1.69
CA VAL A 172 -40.68 3.97 1.87
C VAL A 172 -42.18 4.19 1.90
N GLU A 173 -42.68 4.77 2.99
CA GLU A 173 -44.11 5.04 3.11
C GLU A 173 -44.50 6.37 2.50
N ASN A 174 -43.64 7.38 2.61
CA ASN A 174 -44.03 8.77 2.34
C ASN A 174 -43.21 9.35 1.20
N GLY A 175 -43.87 10.19 0.39
CA GLY A 175 -43.19 10.95 -0.65
C GLY A 175 -43.26 10.37 -2.04
N ASN A 176 -43.80 9.17 -2.21
CA ASN A 176 -43.92 8.55 -3.52
C ASN A 176 -45.12 9.14 -4.24
N PRO A 177 -45.26 8.89 -5.55
CA PRO A 177 -46.43 9.42 -6.28
C PRO A 177 -47.73 8.97 -5.63
N PHE A 178 -48.68 9.91 -5.57
CA PHE A 178 -50.04 9.66 -5.06
C PHE A 178 -50.05 9.24 -3.60
N GLY A 179 -48.97 9.49 -2.87
CA GLY A 179 -48.91 9.14 -1.46
C GLY A 179 -48.89 7.66 -1.17
N LEU A 180 -48.43 6.84 -2.12
CA LEU A 180 -48.49 5.39 -2.01
C LEU A 180 -47.16 4.82 -1.54
N PRO A 181 -47.17 3.68 -0.85
CA PRO A 181 -45.93 3.06 -0.40
C PRO A 181 -45.22 2.35 -1.55
N ALA A 182 -43.92 2.11 -1.35
CA ALA A 182 -43.11 1.47 -2.38
C ALA A 182 -41.80 0.99 -1.77
N LEU A 183 -41.26 -0.08 -2.35
CA LEU A 183 -39.95 -0.59 -2.02
C LEU A 183 -38.94 -0.11 -3.06
N TYR A 184 -37.87 0.53 -2.60
CA TYR A 184 -36.74 0.88 -3.44
C TYR A 184 -35.63 -0.15 -3.24
N ALA A 185 -34.99 -0.57 -4.32
CA ALA A 185 -34.04 -1.66 -4.20
C ALA A 185 -33.03 -1.63 -5.32
N GLY A 186 -31.81 -2.08 -5.01
CA GLY A 186 -30.81 -2.36 -6.01
C GLY A 186 -30.41 -3.81 -5.93
N THR A 187 -30.33 -4.48 -7.08
CA THR A 187 -30.02 -5.91 -7.10
C THR A 187 -29.41 -6.25 -8.44
N ASN A 188 -28.82 -7.45 -8.52
CA ASN A 188 -28.21 -7.94 -9.75
C ASN A 188 -28.94 -9.13 -10.34
N ALA A 189 -29.93 -9.68 -9.65
CA ALA A 189 -30.71 -10.84 -10.13
C ALA A 189 -29.71 -11.98 -10.41
N GLU A 190 -29.87 -12.73 -11.49
CA GLU A 190 -28.95 -13.80 -11.79
C GLU A 190 -27.63 -13.25 -12.33
N PHE A 191 -26.54 -13.93 -11.99
CA PHE A 191 -25.23 -13.56 -12.51
C PHE A 191 -25.01 -14.08 -13.92
N THR A 192 -25.70 -15.16 -14.30
CA THR A 192 -25.64 -15.64 -15.68
C THR A 192 -26.12 -14.57 -16.64
N LYS A 193 -27.36 -14.11 -16.48
CA LYS A 193 -27.83 -12.94 -17.20
C LYS A 193 -27.20 -11.69 -16.61
N ALA A 194 -27.29 -10.59 -17.34
CA ALA A 194 -26.68 -9.32 -16.95
C ALA A 194 -27.78 -8.27 -16.77
N ASP A 195 -28.54 -8.40 -15.67
CA ASP A 195 -29.66 -7.49 -15.40
C ASP A 195 -29.48 -6.86 -14.01
N SER A 196 -28.49 -5.98 -13.90
CA SER A 196 -28.37 -5.15 -12.70
C SER A 196 -29.33 -3.97 -12.80
N VAL A 197 -30.00 -3.68 -11.69
CA VAL A 197 -31.11 -2.74 -11.72
C VAL A 197 -31.22 -2.05 -10.37
N ILE A 198 -31.55 -0.75 -10.41
CA ILE A 198 -32.11 -0.03 -9.29
C ILE A 198 -33.57 0.22 -9.64
N PHE A 199 -34.48 -0.24 -8.78
CA PHE A 199 -35.89 -0.22 -9.14
C PHE A 199 -36.76 0.19 -7.95
N ARG A 200 -38.01 0.52 -8.27
CA ARG A 200 -39.07 0.78 -7.31
C ARG A 200 -40.26 -0.10 -7.66
N SER A 201 -40.85 -0.73 -6.65
CA SER A 201 -41.96 -1.64 -6.88
C SER A 201 -43.18 -0.88 -7.40
N ASP A 202 -44.13 -1.64 -7.97
CA ASP A 202 -45.41 -1.08 -8.39
C ASP A 202 -46.07 -0.35 -7.23
N LEU A 203 -46.69 0.78 -7.54
CA LEU A 203 -47.42 1.54 -6.52
C LEU A 203 -48.82 0.95 -6.40
N TYR A 204 -49.09 0.28 -5.29
CA TYR A 204 -50.42 -0.18 -4.96
C TYR A 204 -51.01 0.66 -3.85
N ASN A 205 -52.32 0.86 -3.90
CA ASN A 205 -53.09 1.28 -2.74
C ASN A 205 -53.44 0.01 -1.97
N LEU A 206 -52.79 -0.18 -0.82
CA LEU A 206 -52.97 -1.41 -0.07
C LEU A 206 -54.37 -1.58 0.49
N THR A 207 -55.19 -0.52 0.50
CA THR A 207 -56.55 -0.64 1.02
C THR A 207 -57.51 -1.17 -0.03
N ASN A 208 -57.53 -0.55 -1.22
CA ASN A 208 -58.46 -0.96 -2.28
C ASN A 208 -57.86 -1.95 -3.27
N GLY A 209 -56.57 -2.29 -3.12
CA GLY A 209 -55.95 -3.31 -3.93
C GLY A 209 -55.61 -2.93 -5.36
N ARG A 210 -55.86 -1.68 -5.75
CA ARG A 210 -55.62 -1.27 -7.13
C ARG A 210 -54.15 -0.98 -7.36
N LYS A 211 -53.62 -1.49 -8.47
CA LYS A 211 -52.33 -1.02 -8.96
C LYS A 211 -52.52 0.37 -9.55
N GLU A 212 -51.82 1.35 -8.98
CA GLU A 212 -52.01 2.75 -9.35
C GLU A 212 -50.92 3.29 -10.25
N ALA A 213 -49.71 2.74 -10.18
CA ALA A 213 -48.63 3.19 -11.05
C ALA A 213 -47.69 2.02 -11.29
N ASN A 214 -47.10 2.02 -12.49
CA ASN A 214 -46.16 0.99 -12.85
C ASN A 214 -44.87 1.15 -12.04
N PHE A 215 -44.03 0.12 -12.10
CA PHE A 215 -42.75 0.15 -11.40
C PHE A 215 -41.80 1.17 -12.04
N LYS A 216 -40.67 1.38 -11.37
CA LYS A 216 -39.61 2.25 -11.84
C LYS A 216 -38.32 1.44 -11.93
N ARG A 217 -37.48 1.77 -12.90
CA ARG A 217 -36.24 1.02 -13.03
C ARG A 217 -35.25 1.75 -13.92
N THR A 218 -33.97 1.49 -13.69
CA THR A 218 -32.94 1.96 -14.60
C THR A 218 -33.06 1.23 -15.93
N VAL A 219 -32.68 1.92 -17.01
CA VAL A 219 -32.77 1.35 -18.34
C VAL A 219 -32.03 0.03 -18.40
N LYS A 220 -32.70 -1.00 -18.91
CA LYS A 220 -32.11 -2.34 -18.96
C LYS A 220 -30.88 -2.35 -19.86
N TYR A 221 -29.80 -2.97 -19.37
CA TYR A 221 -28.57 -3.21 -20.11
C TYR A 221 -27.79 -1.92 -20.40
N ASP A 222 -28.08 -0.84 -19.70
CA ASP A 222 -27.39 0.44 -19.89
C ASP A 222 -26.23 0.50 -18.90
N SER A 223 -25.02 0.21 -19.38
CA SER A 223 -23.84 0.20 -18.52
C SER A 223 -23.45 1.59 -18.06
N LYS A 224 -24.05 2.65 -18.62
CA LYS A 224 -23.84 4.00 -18.09
C LYS A 224 -24.57 4.21 -16.78
N LEU A 225 -25.60 3.42 -16.50
CA LEU A 225 -26.32 3.53 -15.24
C LEU A 225 -25.73 2.60 -14.18
N LEU A 226 -25.45 1.36 -14.55
CA LEU A 226 -24.90 0.38 -13.62
C LEU A 226 -24.01 -0.57 -14.40
N ASP A 227 -22.83 -0.85 -13.87
CA ASP A 227 -21.84 -1.73 -14.51
C ASP A 227 -21.30 -2.68 -13.45
N LYS A 228 -21.93 -3.85 -13.35
CA LYS A 228 -21.59 -4.85 -12.33
C LYS A 228 -21.52 -4.23 -10.94
N PRO A 229 -22.62 -3.65 -10.44
CA PRO A 229 -22.58 -3.01 -9.13
C PRO A 229 -22.61 -4.01 -7.99
N ASN A 230 -22.08 -3.57 -6.85
CA ASN A 230 -22.23 -4.26 -5.57
C ASN A 230 -22.80 -3.25 -4.60
N PHE A 231 -24.05 -3.43 -4.20
CA PHE A 231 -24.72 -2.46 -3.36
C PHE A 231 -24.38 -2.69 -1.89
N VAL A 232 -24.17 -1.59 -1.18
CA VAL A 232 -23.79 -1.65 0.23
C VAL A 232 -24.76 -0.91 1.13
N GLY A 233 -25.75 -0.20 0.58
CA GLY A 233 -26.70 0.49 1.42
C GLY A 233 -27.68 1.33 0.63
N SER A 234 -28.77 1.73 1.28
CA SER A 234 -29.76 2.62 0.70
C SER A 234 -30.51 3.31 1.83
N PHE A 235 -30.86 4.57 1.61
CA PHE A 235 -31.54 5.36 2.62
C PHE A 235 -32.50 6.33 1.96
N GLU A 236 -33.62 6.61 2.64
CA GLU A 236 -34.48 7.71 2.26
C GLU A 236 -34.12 8.93 3.07
N ILE A 237 -33.86 10.05 2.38
CA ILE A 237 -33.52 11.32 3.01
C ILE A 237 -34.20 12.43 2.23
N GLY A 238 -34.93 13.28 2.94
CA GLY A 238 -35.63 14.36 2.26
C GLY A 238 -36.58 13.81 1.23
N GLU A 239 -36.56 14.40 0.04
CA GLU A 239 -37.42 14.00 -1.06
C GLU A 239 -36.80 12.92 -1.93
N PHE A 240 -35.68 12.34 -1.52
CA PHE A 240 -34.94 11.39 -2.35
C PHE A 240 -34.80 10.04 -1.66
N VAL A 241 -34.33 9.07 -2.44
CA VAL A 241 -33.72 7.85 -1.94
C VAL A 241 -32.32 7.77 -2.51
N TYR A 242 -31.34 7.50 -1.66
CA TYR A 242 -29.95 7.41 -2.05
C TYR A 242 -29.49 5.96 -2.02
N PHE A 243 -28.73 5.56 -3.04
CA PHE A 243 -28.14 4.23 -3.12
C PHE A 243 -26.63 4.34 -3.07
N PHE A 244 -26.00 3.45 -2.31
CA PHE A 244 -24.54 3.39 -2.21
C PHE A 244 -24.06 2.06 -2.75
N PHE A 245 -23.11 2.11 -3.67
CA PHE A 245 -22.59 0.88 -4.28
C PHE A 245 -21.21 1.16 -4.88
N ARG A 246 -20.51 0.10 -5.19
CA ARG A 246 -19.31 0.15 -6.02
C ARG A 246 -19.58 -0.55 -7.34
N GLU A 247 -18.84 -0.15 -8.37
CA GLU A 247 -19.05 -0.70 -9.70
C GLU A 247 -17.78 -0.52 -10.51
N HIS A 248 -17.71 -1.26 -11.61
CA HIS A 248 -16.67 -1.04 -12.60
C HIS A 248 -16.74 0.39 -13.11
N ALA A 249 -15.58 1.06 -13.16
CA ALA A 249 -15.52 2.48 -13.46
C ALA A 249 -15.46 2.66 -14.97
N VAL A 250 -16.59 3.02 -15.57
CA VAL A 250 -16.67 3.20 -17.02
C VAL A 250 -15.80 4.37 -17.47
N GLU A 251 -15.75 5.44 -16.68
CA GLU A 251 -14.98 6.60 -17.08
C GLU A 251 -13.48 6.41 -16.92
N TYR A 252 -13.02 5.23 -16.50
CA TYR A 252 -11.61 4.93 -16.33
C TYR A 252 -11.09 3.98 -17.40
N ILE A 253 -11.95 3.53 -18.32
CA ILE A 253 -11.61 2.42 -19.21
C ILE A 253 -10.42 2.76 -20.09
N ASN A 254 -10.31 4.02 -20.52
CA ASN A 254 -9.18 4.38 -21.38
C ASN A 254 -7.86 4.45 -20.62
N CYS A 255 -7.88 4.33 -19.30
CA CYS A 255 -6.66 4.33 -18.50
C CYS A 255 -6.38 3.00 -17.82
N GLY A 256 -7.35 2.11 -17.73
CA GLY A 256 -7.15 0.81 -17.12
C GLY A 256 -8.46 0.28 -16.57
N LYS A 257 -8.36 -0.69 -15.67
CA LYS A 257 -9.51 -1.29 -15.02
C LYS A 257 -9.54 -0.85 -13.57
N ALA A 258 -10.69 -0.36 -13.11
CA ALA A 258 -10.83 0.08 -11.74
C ALA A 258 -12.26 -0.10 -11.29
N VAL A 259 -12.45 -0.24 -9.99
CA VAL A 259 -13.75 -0.22 -9.35
C VAL A 259 -13.87 1.09 -8.58
N TYR A 260 -14.94 1.84 -8.84
CA TYR A 260 -15.19 3.09 -8.15
C TYR A 260 -16.39 2.95 -7.21
N SER A 261 -16.48 3.87 -6.26
CA SER A 261 -17.61 3.93 -5.34
C SER A 261 -18.60 4.99 -5.82
N ARG A 262 -19.88 4.69 -5.67
CA ARG A 262 -20.94 5.55 -6.20
C ARG A 262 -22.01 5.80 -5.15
N VAL A 263 -22.53 7.01 -5.12
CA VAL A 263 -23.83 7.30 -4.54
C VAL A 263 -24.76 7.71 -5.68
N ALA A 264 -25.95 7.12 -5.71
CA ALA A 264 -26.95 7.44 -6.71
C ALA A 264 -28.19 7.98 -6.01
N ARG A 265 -28.98 8.75 -6.76
CA ARG A 265 -30.10 9.48 -6.18
C ARG A 265 -31.28 9.48 -7.15
N VAL A 266 -32.47 9.22 -6.61
CA VAL A 266 -33.71 9.34 -7.37
C VAL A 266 -34.70 10.15 -6.54
N CYS A 267 -35.56 10.88 -7.23
CA CYS A 267 -36.65 11.59 -6.57
C CYS A 267 -37.74 10.61 -6.17
N LYS A 268 -38.25 10.76 -4.95
CA LYS A 268 -39.32 9.88 -4.48
C LYS A 268 -40.55 9.98 -5.36
N ASN A 269 -40.87 11.19 -5.82
CA ASN A 269 -42.09 11.41 -6.60
C ASN A 269 -41.87 11.17 -8.10
N ASP A 270 -40.74 10.60 -8.48
CA ASP A 270 -40.47 10.29 -9.88
C ASP A 270 -41.55 9.36 -10.42
N ARG A 271 -42.16 9.76 -11.53
CA ARG A 271 -43.17 8.93 -12.22
C ARG A 271 -42.71 8.45 -13.57
N GLY A 272 -41.47 8.72 -13.96
CA GLY A 272 -41.00 8.39 -15.28
C GLY A 272 -41.43 9.40 -16.32
N GLY A 273 -40.96 9.18 -17.54
CA GLY A 273 -41.22 10.09 -18.65
C GLY A 273 -42.46 9.73 -19.43
N LYS A 274 -42.43 10.07 -20.71
CA LYS A 274 -43.59 9.87 -21.59
C LYS A 274 -43.68 8.40 -21.98
N TYR A 275 -44.58 8.09 -22.94
CA TYR A 275 -45.07 6.74 -23.14
C TYR A 275 -43.96 5.72 -23.32
N MET A 276 -43.01 6.01 -24.22
CA MET A 276 -42.03 4.99 -24.59
C MET A 276 -41.02 4.71 -23.49
N ILE A 277 -40.90 5.57 -22.48
CA ILE A 277 -39.90 5.38 -21.44
C ILE A 277 -40.51 5.52 -20.06
N SER A 278 -41.84 5.34 -19.96
CA SER A 278 -42.52 5.63 -18.70
C SER A 278 -42.02 4.75 -17.56
N GLN A 279 -41.52 3.55 -17.87
CA GLN A 279 -41.06 2.64 -16.82
C GLN A 279 -39.68 2.99 -16.28
N ASN A 280 -38.99 3.96 -16.88
CA ASN A 280 -37.63 4.29 -16.48
C ASN A 280 -37.61 5.51 -15.57
N TRP A 281 -36.59 5.58 -14.71
CA TRP A 281 -36.37 6.76 -13.89
C TRP A 281 -36.18 7.98 -14.78
N ALA A 282 -36.81 9.08 -14.37
CA ALA A 282 -36.59 10.37 -15.01
C ALA A 282 -35.65 11.26 -14.21
N THR A 283 -35.23 10.81 -13.02
CA THR A 283 -34.44 11.64 -12.11
C THR A 283 -33.18 10.94 -11.61
N TYR A 284 -32.76 9.83 -12.25
CA TYR A 284 -31.65 9.04 -11.74
C TYR A 284 -30.33 9.70 -12.07
N LEU A 285 -29.55 10.01 -11.04
CA LEU A 285 -28.18 10.51 -11.17
C LEU A 285 -27.28 9.76 -10.21
N LYS A 286 -25.99 9.75 -10.51
CA LYS A 286 -24.99 9.14 -9.65
C LYS A 286 -23.70 9.92 -9.72
N ALA A 287 -22.91 9.84 -8.65
CA ALA A 287 -21.66 10.55 -8.55
C ALA A 287 -20.61 9.64 -7.93
N ARG A 288 -19.37 9.82 -8.37
CA ARG A 288 -18.26 9.14 -7.72
C ARG A 288 -18.13 9.65 -6.28
N MET A 289 -17.72 8.74 -5.39
CA MET A 289 -17.43 9.12 -4.01
C MET A 289 -15.92 9.19 -3.83
N ASN A 290 -15.46 10.27 -3.21
CA ASN A 290 -14.04 10.53 -3.02
C ASN A 290 -13.66 10.13 -1.60
N CYS A 291 -12.76 9.17 -1.49
CA CYS A 291 -12.13 8.84 -0.21
C CYS A 291 -10.64 8.73 -0.48
N SER A 292 -9.87 9.70 -0.01
CA SER A 292 -8.46 9.75 -0.40
C SER A 292 -7.66 10.52 0.65
N ILE A 293 -6.36 10.24 0.66
CA ILE A 293 -5.40 11.02 1.43
C ILE A 293 -4.96 12.20 0.58
N SER A 294 -5.22 13.41 1.06
CA SER A 294 -4.99 14.61 0.26
C SER A 294 -3.51 14.86 0.03
N SER A 295 -3.18 15.30 -1.20
CA SER A 295 -1.87 15.79 -1.57
C SER A 295 -1.90 16.17 -3.04
N GLU A 296 -0.73 16.52 -3.62
CA GLU A 296 -0.67 16.77 -5.05
C GLU A 296 -1.03 15.54 -5.85
N PHE A 297 -0.75 14.35 -5.32
CA PHE A 297 -1.14 13.08 -5.92
C PHE A 297 -2.00 12.35 -4.89
N PRO A 298 -3.30 12.64 -4.85
CA PRO A 298 -4.18 11.99 -3.88
C PRO A 298 -4.11 10.47 -3.99
N PHE A 299 -4.15 9.80 -2.85
CA PHE A 299 -4.15 8.35 -2.80
C PHE A 299 -5.56 7.87 -2.51
N TYR A 300 -6.15 7.15 -3.45
CA TYR A 300 -7.57 6.80 -3.40
C TYR A 300 -7.80 5.42 -2.79
N PHE A 301 -8.80 5.34 -1.93
CA PHE A 301 -9.41 4.09 -1.51
C PHE A 301 -10.72 3.99 -2.28
N ASN A 302 -10.75 3.15 -3.32
CA ASN A 302 -11.78 3.27 -4.34
C ASN A 302 -13.00 2.38 -4.12
N GLU A 303 -12.90 1.35 -3.28
CA GLU A 303 -13.94 0.32 -3.21
C GLU A 303 -14.66 0.38 -1.87
N ILE A 304 -15.87 0.94 -1.88
CA ILE A 304 -16.68 1.03 -0.67
C ILE A 304 -17.17 -0.35 -0.27
N GLN A 305 -17.14 -0.63 1.03
CA GLN A 305 -17.53 -1.92 1.57
C GLN A 305 -18.82 -1.89 2.37
N SER A 306 -19.09 -0.80 3.10
CA SER A 306 -20.31 -0.65 3.87
C SER A 306 -20.50 0.82 4.17
N VAL A 307 -21.75 1.19 4.44
CA VAL A 307 -22.11 2.57 4.78
C VAL A 307 -23.04 2.54 5.97
N TYR A 308 -22.90 3.53 6.86
CA TYR A 308 -23.72 3.60 8.06
C TYR A 308 -24.20 5.02 8.26
N LYS A 309 -25.46 5.14 8.68
CA LYS A 309 -26.07 6.42 9.05
C LYS A 309 -26.61 6.30 10.47
N MET A 310 -26.32 7.29 11.30
CA MET A 310 -26.92 7.32 12.62
C MET A 310 -28.43 7.51 12.50
N PRO A 311 -29.23 6.77 13.27
CA PRO A 311 -30.68 6.88 13.13
C PRO A 311 -31.22 8.29 13.34
N THR A 312 -30.61 9.07 14.22
CA THR A 312 -31.09 10.41 14.52
C THR A 312 -30.49 11.50 13.64
N ASP A 313 -29.52 11.18 12.79
CA ASP A 313 -28.83 12.18 11.98
C ASP A 313 -28.95 11.80 10.51
N ASP A 314 -29.74 12.56 9.76
CA ASP A 314 -29.93 12.36 8.33
C ASP A 314 -28.95 13.18 7.48
N THR A 315 -27.89 13.72 8.08
CA THR A 315 -26.97 14.58 7.35
C THR A 315 -25.57 14.00 7.20
N LYS A 316 -25.26 12.88 7.84
CA LYS A 316 -23.91 12.33 7.81
C LYS A 316 -23.95 10.86 7.39
N PHE A 317 -22.97 10.46 6.60
CA PHE A 317 -22.84 9.08 6.15
C PHE A 317 -21.40 8.63 6.36
N TYR A 318 -21.24 7.48 6.99
CA TYR A 318 -19.94 6.94 7.35
C TYR A 318 -19.73 5.63 6.61
N ALA A 319 -18.58 5.50 5.95
CA ALA A 319 -18.36 4.37 5.07
C ALA A 319 -16.91 3.90 5.13
N THR A 320 -16.74 2.60 4.87
CA THR A 320 -15.43 1.99 4.74
C THR A 320 -15.08 1.82 3.26
N PHE A 321 -13.80 2.01 2.96
CA PHE A 321 -13.31 1.86 1.60
C PHE A 321 -12.01 1.07 1.62
N THR A 322 -11.81 0.25 0.60
CA THR A 322 -10.55 -0.46 0.44
C THR A 322 -9.94 -0.15 -0.92
N THR A 323 -8.63 -0.34 -1.00
CA THR A 323 -7.99 -0.45 -2.30
C THR A 323 -8.47 -1.72 -2.98
N ASN A 324 -8.07 -1.90 -4.23
CA ASN A 324 -8.27 -3.19 -4.87
C ASN A 324 -7.54 -4.27 -4.06
N THR A 325 -8.20 -5.41 -3.87
CA THR A 325 -7.66 -6.43 -2.97
C THR A 325 -6.55 -7.25 -3.59
N ASN A 326 -6.32 -7.11 -4.90
CA ASN A 326 -5.06 -7.57 -5.48
C ASN A 326 -3.99 -6.51 -5.29
N GLY A 327 -2.75 -6.96 -5.12
CA GLY A 327 -1.65 -6.07 -4.83
C GLY A 327 -1.69 -5.54 -3.40
N LEU A 328 -0.98 -4.44 -3.21
CA LEU A 328 -0.80 -3.89 -1.87
C LEU A 328 -2.11 -3.30 -1.36
N ILE A 329 -2.50 -3.69 -0.15
CA ILE A 329 -3.85 -3.49 0.37
C ILE A 329 -3.85 -2.39 1.42
N GLY A 330 -4.90 -1.58 1.41
CA GLY A 330 -5.13 -0.62 2.48
C GLY A 330 -6.61 -0.33 2.58
N SER A 331 -7.05 0.04 3.78
CA SER A 331 -8.45 0.37 4.03
C SER A 331 -8.54 1.74 4.69
N ALA A 332 -9.70 2.37 4.53
CA ALA A 332 -9.92 3.68 5.11
C ALA A 332 -11.38 3.83 5.51
N VAL A 333 -11.63 4.76 6.42
CA VAL A 333 -12.96 5.20 6.77
C VAL A 333 -13.08 6.67 6.42
N CYS A 334 -14.12 7.01 5.66
CA CYS A 334 -14.41 8.39 5.28
C CYS A 334 -15.82 8.75 5.72
N SER A 335 -16.06 10.05 5.88
CA SER A 335 -17.37 10.56 6.27
C SER A 335 -17.84 11.59 5.25
N TYR A 336 -19.16 11.67 5.08
CA TYR A 336 -19.74 12.46 4.00
C TYR A 336 -20.95 13.23 4.50
N ASP A 337 -20.99 14.53 4.18
CA ASP A 337 -22.08 15.41 4.57
C ASP A 337 -23.08 15.50 3.42
N ILE A 338 -24.37 15.42 3.75
CA ILE A 338 -25.43 15.43 2.74
C ILE A 338 -25.31 16.65 1.84
N ARG A 339 -24.80 17.77 2.36
CA ARG A 339 -24.64 18.96 1.55
C ARG A 339 -23.58 18.77 0.48
N ASP A 340 -22.55 17.95 0.76
CA ASP A 340 -21.53 17.69 -0.24
C ASP A 340 -22.02 16.69 -1.28
N ILE A 341 -22.78 15.68 -0.85
CA ILE A 341 -23.42 14.76 -1.78
C ILE A 341 -24.30 15.53 -2.76
N ASN A 342 -25.18 16.39 -2.24
CA ASN A 342 -26.07 17.15 -3.11
C ASN A 342 -25.31 18.19 -3.93
N ALA A 343 -24.15 18.65 -3.44
CA ALA A 343 -23.34 19.56 -4.24
C ALA A 343 -22.91 18.91 -5.54
N ALA A 344 -22.53 17.64 -5.50
CA ALA A 344 -22.16 16.91 -6.70
C ALA A 344 -23.34 16.80 -7.65
N PHE A 345 -24.55 16.60 -7.12
CA PHE A 345 -25.73 16.50 -7.96
C PHE A 345 -26.22 17.86 -8.45
N ASP A 346 -25.86 18.95 -7.77
CA ASP A 346 -26.17 20.28 -8.25
C ASP A 346 -25.10 20.85 -9.16
N GLY A 347 -23.96 20.17 -9.30
CA GLY A 347 -22.84 20.66 -10.05
C GLY A 347 -22.89 20.30 -11.52
N LYS A 348 -21.71 20.27 -12.14
CA LYS A 348 -21.62 20.01 -13.56
C LYS A 348 -21.83 18.53 -13.87
N PHE A 349 -22.38 18.26 -15.04
CA PHE A 349 -22.51 16.90 -15.52
C PHE A 349 -21.23 16.46 -16.22
N LYS A 350 -20.98 15.16 -16.20
CA LYS A 350 -19.91 14.56 -16.99
C LYS A 350 -20.48 14.10 -18.32
N GLU A 351 -19.63 14.10 -19.35
CA GLU A 351 -20.09 13.73 -20.68
C GLU A 351 -18.96 13.09 -21.48
N GLN A 352 -19.30 12.01 -22.19
CA GLN A 352 -18.46 11.44 -23.23
C GLN A 352 -19.25 11.61 -24.54
N ALA A 353 -18.84 12.57 -25.36
CA ALA A 353 -19.62 12.93 -26.54
C ALA A 353 -19.72 11.76 -27.52
N THR A 354 -18.59 11.13 -27.82
CA THR A 354 -18.54 9.94 -28.66
C THR A 354 -17.85 8.82 -27.90
N SER A 355 -17.96 7.61 -28.43
CA SER A 355 -17.32 6.46 -27.80
C SER A 355 -15.81 6.58 -27.77
N ASN A 356 -15.23 7.47 -28.57
CA ASN A 356 -13.79 7.69 -28.60
C ASN A 356 -13.38 9.03 -28.00
N SER A 357 -14.25 9.62 -27.18
CA SER A 357 -14.00 10.94 -26.61
C SER A 357 -13.51 10.82 -25.17
N ALA A 358 -12.84 11.88 -24.72
CA ALA A 358 -12.52 12.01 -23.30
C ALA A 358 -13.80 12.30 -22.52
N TRP A 359 -13.70 12.17 -21.20
CA TRP A 359 -14.80 12.48 -20.29
C TRP A 359 -14.64 13.90 -19.78
N LEU A 360 -15.58 14.77 -20.13
CA LEU A 360 -15.42 16.20 -19.91
C LEU A 360 -16.63 16.78 -19.20
N PRO A 361 -16.44 17.89 -18.48
CA PRO A 361 -17.58 18.56 -17.85
C PRO A 361 -18.44 19.26 -18.89
N VAL A 362 -19.73 19.37 -18.59
CA VAL A 362 -20.69 20.03 -19.48
C VAL A 362 -20.85 21.47 -19.03
N LEU A 363 -20.77 22.40 -19.98
CA LEU A 363 -21.12 23.79 -19.71
C LEU A 363 -22.55 23.88 -19.22
N ASN A 364 -22.77 24.64 -18.14
CA ASN A 364 -24.12 24.74 -17.60
C ASN A 364 -25.08 25.36 -18.60
N SER A 365 -24.58 26.18 -19.51
CA SER A 365 -25.43 26.72 -20.57
C SER A 365 -25.93 25.63 -21.50
N LYS A 366 -25.33 24.43 -21.47
CA LYS A 366 -25.81 23.31 -22.27
C LYS A 366 -26.90 22.51 -21.56
N VAL A 367 -27.06 22.67 -20.26
CA VAL A 367 -28.02 21.89 -19.50
C VAL A 367 -29.42 22.43 -19.74
N PRO A 368 -30.40 21.58 -20.04
CA PRO A 368 -31.77 22.05 -20.27
C PRO A 368 -32.46 22.43 -18.97
N GLU A 369 -33.62 23.07 -19.12
CA GLU A 369 -34.45 23.49 -18.01
C GLU A 369 -35.83 22.84 -18.09
N PRO A 370 -36.40 22.38 -16.97
CA PRO A 370 -35.81 22.34 -15.62
C PRO A 370 -34.59 21.42 -15.53
N ARG A 371 -33.73 21.68 -14.56
CA ARG A 371 -32.47 20.95 -14.45
C ARG A 371 -32.73 19.46 -14.26
N PRO A 372 -32.08 18.58 -15.02
CA PRO A 372 -32.23 17.15 -14.79
C PRO A 372 -31.78 16.76 -13.39
N GLY A 373 -32.54 15.86 -12.77
CA GLY A 373 -32.26 15.44 -11.41
C GLY A 373 -33.04 16.17 -10.35
N THR A 374 -33.66 17.30 -10.68
CA THR A 374 -34.56 17.96 -9.75
C THR A 374 -35.92 17.26 -9.74
N CYS A 375 -36.64 17.41 -8.64
CA CYS A 375 -37.88 16.67 -8.45
C CYS A 375 -39.08 17.47 -8.96
N HIS A 376 -40.04 16.75 -9.55
CA HIS A 376 -41.25 17.37 -10.08
C HIS A 376 -42.40 16.38 -9.93
N ASN A 377 -43.58 16.92 -9.59
CA ASN A 377 -44.75 16.08 -9.34
C ASN A 377 -45.20 15.30 -10.57
N ASP A 378 -44.83 15.77 -11.77
CA ASP A 378 -45.35 15.22 -13.04
C ASP A 378 -44.17 15.19 -14.03
N THR A 379 -43.32 14.17 -13.89
CA THR A 379 -42.13 14.09 -14.71
C THR A 379 -42.42 13.85 -16.18
N ALA A 380 -43.60 13.31 -16.52
CA ALA A 380 -43.97 13.17 -17.92
C ALA A 380 -44.17 14.52 -18.61
N THR A 381 -44.42 15.58 -17.84
CA THR A 381 -44.60 16.92 -18.40
C THR A 381 -43.27 17.61 -18.67
N LEU A 382 -42.17 17.15 -18.06
CA LEU A 382 -40.86 17.70 -18.34
C LEU A 382 -40.59 17.67 -19.84
N PRO A 383 -39.93 18.69 -20.39
CA PRO A 383 -39.59 18.66 -21.82
C PRO A 383 -38.73 17.44 -22.14
N ASP A 384 -38.93 16.88 -23.34
CA ASP A 384 -38.17 15.70 -23.73
C ASP A 384 -36.66 15.95 -23.69
N SER A 385 -36.23 17.19 -23.95
CA SER A 385 -34.81 17.51 -23.89
C SER A 385 -34.23 17.25 -22.52
N VAL A 386 -35.03 17.43 -21.47
CA VAL A 386 -34.58 17.12 -20.11
C VAL A 386 -34.35 15.63 -19.95
N LEU A 387 -35.31 14.82 -20.41
CA LEU A 387 -35.17 13.37 -20.32
C LEU A 387 -34.07 12.86 -21.23
N ASN A 388 -33.98 13.38 -22.47
CA ASN A 388 -32.89 13.02 -23.36
C ASN A 388 -31.54 13.29 -22.70
N PHE A 389 -31.42 14.43 -22.00
CA PHE A 389 -30.15 14.77 -21.38
C PHE A 389 -29.82 13.82 -20.23
N ILE A 390 -30.77 13.60 -19.33
CA ILE A 390 -30.46 12.81 -18.13
C ILE A 390 -30.20 11.36 -18.49
N ARG A 391 -30.80 10.85 -19.57
CA ARG A 391 -30.53 9.48 -19.97
C ARG A 391 -29.14 9.34 -20.56
N LYS A 392 -28.58 10.42 -21.08
CA LYS A 392 -27.23 10.41 -21.64
C LYS A 392 -26.18 10.95 -20.68
N HIS A 393 -26.58 11.56 -19.56
CA HIS A 393 -25.62 12.10 -18.58
C HIS A 393 -26.01 11.68 -17.16
N PRO A 394 -26.01 10.37 -16.87
CA PRO A 394 -26.35 9.95 -15.50
C PRO A 394 -25.26 10.25 -14.49
N LEU A 395 -24.03 10.43 -14.93
CA LEU A 395 -22.88 10.58 -14.03
C LEU A 395 -22.52 12.06 -13.87
N MET A 396 -22.45 12.50 -12.62
CA MET A 396 -22.02 13.86 -12.35
C MET A 396 -20.51 13.98 -12.50
N ASP A 397 -20.05 15.20 -12.79
CA ASP A 397 -18.62 15.42 -12.94
C ASP A 397 -17.91 15.43 -11.60
N LYS A 398 -18.55 16.01 -10.57
CA LYS A 398 -17.91 16.16 -9.27
C LYS A 398 -17.87 14.83 -8.52
N ALA A 399 -16.71 14.48 -7.99
CA ALA A 399 -16.62 13.40 -7.03
C ALA A 399 -16.99 13.95 -5.66
N VAL A 400 -17.89 13.25 -4.95
CA VAL A 400 -18.41 13.75 -3.69
C VAL A 400 -17.29 13.95 -2.70
N ASP A 401 -17.21 15.15 -2.13
CA ASP A 401 -16.16 15.48 -1.18
C ASP A 401 -16.36 14.71 0.13
N HIS A 402 -15.29 14.10 0.62
CA HIS A 402 -15.25 13.56 1.97
C HIS A 402 -14.84 14.65 2.95
N GLU A 403 -15.43 14.61 4.14
CA GLU A 403 -15.18 15.64 5.14
C GLU A 403 -13.70 15.72 5.49
N PHE A 404 -13.19 16.95 5.60
CA PHE A 404 -11.81 17.28 5.90
C PHE A 404 -10.82 16.81 4.82
N GLY A 405 -11.29 16.20 3.73
CA GLY A 405 -10.40 15.84 2.64
C GLY A 405 -9.42 14.74 2.95
N ASN A 406 -9.63 14.02 4.04
CA ASN A 406 -8.78 12.91 4.43
C ASN A 406 -9.64 11.86 5.11
N PRO A 407 -9.18 10.61 5.15
CA PRO A 407 -9.90 9.59 5.90
C PRO A 407 -9.94 9.93 7.38
N VAL A 408 -11.06 9.57 8.02
CA VAL A 408 -11.09 9.55 9.48
C VAL A 408 -9.98 8.67 10.00
N PHE A 409 -9.78 7.53 9.35
CA PHE A 409 -8.85 6.51 9.79
C PHE A 409 -8.47 5.69 8.56
N PHE A 410 -7.20 5.28 8.48
CA PHE A 410 -6.80 4.35 7.44
C PHE A 410 -5.71 3.45 7.99
N LYS A 411 -5.52 2.32 7.32
CA LYS A 411 -4.66 1.26 7.84
C LYS A 411 -4.18 0.39 6.68
N ARG A 412 -2.91 0.02 6.72
CA ARG A 412 -2.32 -0.85 5.72
C ARG A 412 -2.61 -2.31 6.02
N ASP A 413 -2.76 -3.10 4.97
CA ASP A 413 -2.81 -4.56 5.05
C ASP A 413 -4.00 -5.06 5.88
N VAL A 414 -5.06 -4.28 5.96
CA VAL A 414 -6.29 -4.69 6.63
C VAL A 414 -7.46 -4.38 5.69
N ILE A 415 -8.43 -5.29 5.63
CA ILE A 415 -9.66 -5.07 4.89
C ILE A 415 -10.75 -4.76 5.91
N LEU A 416 -11.22 -3.52 5.90
CA LEU A 416 -12.31 -3.08 6.76
C LEU A 416 -13.64 -3.24 6.04
N THR A 417 -14.65 -3.77 6.75
CA THR A 417 -15.91 -4.15 6.13
C THR A 417 -17.04 -3.41 6.82
N LYS A 418 -17.81 -4.08 7.68
CA LYS A 418 -18.97 -3.47 8.32
C LYS A 418 -18.55 -2.39 9.30
N LEU A 419 -19.46 -1.45 9.57
CA LEU A 419 -19.18 -0.41 10.54
C LEU A 419 -20.47 0.15 11.11
N VAL A 420 -20.39 0.56 12.39
CA VAL A 420 -21.41 1.36 13.05
C VAL A 420 -20.69 2.51 13.74
N VAL A 421 -21.42 3.59 13.99
CA VAL A 421 -20.84 4.81 14.54
C VAL A 421 -21.72 5.32 15.67
N ASP A 422 -21.11 5.60 16.81
CA ASP A 422 -21.77 6.15 17.98
C ASP A 422 -21.33 7.59 18.21
N LYS A 423 -22.11 8.32 19.01
CA LYS A 423 -21.87 9.72 19.31
C LYS A 423 -21.86 9.93 20.82
N ILE A 424 -20.94 10.78 21.28
CA ILE A 424 -20.76 11.04 22.71
C ILE A 424 -20.56 12.54 22.92
N ARG A 425 -21.22 13.09 23.93
CA ARG A 425 -21.09 14.50 24.28
C ARG A 425 -20.73 14.63 25.75
N ILE A 426 -19.67 15.39 26.04
CA ILE A 426 -19.34 15.78 27.41
C ILE A 426 -19.50 17.30 27.49
N ASP A 427 -20.74 17.76 27.66
CA ASP A 427 -21.04 19.18 27.52
C ASP A 427 -20.41 20.03 28.63
N LYS A 428 -20.09 19.45 29.78
CA LYS A 428 -19.47 20.24 30.85
C LYS A 428 -17.99 20.44 30.64
N LEU A 429 -17.35 19.62 29.81
CA LEU A 429 -15.97 19.85 29.39
C LEU A 429 -15.86 20.17 27.90
N ASN A 430 -17.00 20.24 27.20
CA ASN A 430 -17.05 20.64 25.79
C ASN A 430 -16.22 19.72 24.91
N GLN A 431 -16.41 18.42 25.09
CA GLN A 431 -15.77 17.38 24.28
C GLN A 431 -16.86 16.53 23.65
N GLU A 432 -16.86 16.45 22.32
CA GLU A 432 -17.78 15.59 21.59
C GLU A 432 -16.99 14.61 20.74
N PHE A 433 -17.29 13.32 20.90
CA PHE A 433 -16.56 12.26 20.21
C PHE A 433 -17.51 11.44 19.35
N LEU A 434 -17.00 10.99 18.21
CA LEU A 434 -17.58 9.87 17.48
C LEU A 434 -16.73 8.64 17.75
N VAL A 435 -17.38 7.49 17.85
CA VAL A 435 -16.70 6.22 18.04
C VAL A 435 -17.14 5.28 16.92
N TYR A 436 -16.18 4.81 16.13
CA TYR A 436 -16.43 3.90 15.04
C TYR A 436 -16.08 2.47 15.49
N PHE A 437 -16.99 1.55 15.25
CA PHE A 437 -16.74 0.12 15.43
C PHE A 437 -16.72 -0.50 14.05
N VAL A 438 -15.53 -0.91 13.60
CA VAL A 438 -15.31 -1.34 12.22
C VAL A 438 -14.81 -2.78 12.23
N ALA A 439 -15.51 -3.64 11.52
CA ALA A 439 -15.13 -5.04 11.41
C ALA A 439 -14.01 -5.21 10.37
N THR A 440 -13.27 -6.31 10.52
CA THR A 440 -12.24 -6.69 9.57
C THR A 440 -12.55 -8.08 9.04
N THR A 441 -11.94 -8.42 7.89
CA THR A 441 -12.12 -9.75 7.32
C THR A 441 -11.54 -10.85 8.20
N SER A 442 -10.75 -10.50 9.21
CA SER A 442 -10.17 -11.48 10.12
C SER A 442 -11.04 -11.71 11.35
N GLY A 443 -12.18 -11.04 11.46
CA GLY A 443 -13.08 -11.22 12.58
C GLY A 443 -12.88 -10.29 13.74
N HIS A 444 -12.12 -9.22 13.57
CA HIS A 444 -11.87 -8.26 14.64
C HIS A 444 -12.73 -7.02 14.47
N ILE A 445 -12.92 -6.31 15.58
CA ILE A 445 -13.58 -5.01 15.60
C ILE A 445 -12.54 -3.98 16.00
N TYR A 446 -12.40 -2.92 15.20
CA TYR A 446 -11.59 -1.79 15.58
C TYR A 446 -12.47 -0.77 16.30
N LYS A 447 -11.99 -0.27 17.44
CA LYS A 447 -12.67 0.79 18.18
C LYS A 447 -11.89 2.07 17.96
N ILE A 448 -12.42 2.94 17.10
CA ILE A 448 -11.75 4.17 16.68
C ILE A 448 -12.53 5.35 17.21
N VAL A 449 -11.85 6.24 17.92
CA VAL A 449 -12.47 7.46 18.43
C VAL A 449 -12.02 8.63 17.57
N GLN A 450 -12.95 9.55 17.32
CA GLN A 450 -12.69 10.76 16.55
C GLN A 450 -12.88 11.97 17.43
N PHE A 451 -11.98 12.94 17.31
CA PHE A 451 -12.05 14.14 18.14
C PHE A 451 -11.47 15.32 17.38
N MET A 452 -11.87 16.51 17.79
CA MET A 452 -11.39 17.76 17.21
C MET A 452 -10.28 18.34 18.07
N HIS A 453 -9.28 18.95 17.42
CA HIS A 453 -8.20 19.61 18.14
C HIS A 453 -7.68 20.75 17.28
N TYR A 454 -7.89 21.99 17.74
CA TYR A 454 -7.41 23.18 17.06
C TYR A 454 -7.95 23.27 15.63
N GLY A 455 -9.22 22.92 15.46
CA GLY A 455 -9.87 23.01 14.17
C GLY A 455 -9.62 21.84 13.23
N GLN A 456 -8.79 20.87 13.63
CA GLN A 456 -8.50 19.71 12.80
C GLN A 456 -9.11 18.46 13.42
N ARG A 457 -9.46 17.52 12.54
CA ARG A 457 -10.03 16.24 12.97
C ARG A 457 -8.90 15.22 13.13
N HIS A 458 -8.90 14.51 14.25
CA HIS A 458 -7.95 13.44 14.50
C HIS A 458 -8.72 12.19 14.90
N SER A 459 -8.02 11.06 14.87
CA SER A 459 -8.60 9.79 15.31
C SER A 459 -7.53 8.98 16.04
N ASN A 460 -8.00 8.05 16.88
CA ASN A 460 -7.09 7.17 17.59
C ASN A 460 -7.74 5.80 17.72
N LEU A 461 -6.97 4.75 17.45
CA LEU A 461 -7.44 3.38 17.59
C LEU A 461 -7.44 3.05 19.08
N VAL A 462 -8.64 3.00 19.67
CA VAL A 462 -8.77 2.80 21.11
C VAL A 462 -8.57 1.34 21.48
N ASP A 463 -9.17 0.43 20.71
CA ASP A 463 -9.21 -0.96 21.12
C ASP A 463 -9.39 -1.85 19.90
N ILE A 464 -8.91 -3.09 20.03
CA ILE A 464 -9.19 -4.15 19.09
C ILE A 464 -9.65 -5.36 19.89
N PHE A 465 -10.82 -5.90 19.55
CA PHE A 465 -11.29 -7.13 20.16
C PHE A 465 -11.82 -8.06 19.08
N GLU A 466 -11.93 -9.33 19.44
CA GLU A 466 -12.32 -10.38 18.51
C GLU A 466 -13.82 -10.62 18.61
N ALA A 467 -14.50 -10.53 17.46
CA ALA A 467 -15.93 -10.78 17.40
C ALA A 467 -16.27 -12.11 16.75
N SER A 468 -15.39 -12.65 15.91
CA SER A 468 -15.60 -13.90 15.21
C SER A 468 -14.25 -14.51 14.89
N PRO A 469 -14.13 -15.84 14.88
CA PRO A 469 -12.89 -16.46 14.45
C PRO A 469 -12.49 -16.03 13.05
N HIS A 470 -11.20 -16.18 12.75
CA HIS A 470 -10.66 -15.70 11.49
C HIS A 470 -11.38 -16.32 10.29
N SER A 471 -11.67 -17.62 10.37
CA SER A 471 -12.29 -18.34 9.27
C SER A 471 -13.79 -18.06 9.13
N GLU A 472 -14.35 -17.20 9.97
CA GLU A 472 -15.79 -16.92 9.94
C GLU A 472 -16.01 -15.43 9.71
N PRO A 473 -16.36 -15.01 8.50
CA PRO A 473 -16.50 -13.57 8.22
C PRO A 473 -17.69 -12.97 8.96
N ILE A 474 -17.59 -11.66 9.19
CA ILE A 474 -18.69 -10.90 9.79
C ILE A 474 -19.63 -10.48 8.67
N ARG A 475 -20.88 -10.94 8.73
CA ARG A 475 -21.83 -10.72 7.66
C ARG A 475 -22.70 -9.49 7.89
N GLU A 476 -22.96 -9.12 9.14
CA GLU A 476 -23.82 -7.99 9.45
C GLU A 476 -23.39 -7.38 10.78
N MET A 477 -23.59 -6.07 10.90
CA MET A 477 -23.31 -5.35 12.14
C MET A 477 -24.32 -4.22 12.29
N THR A 478 -24.88 -4.08 13.50
CA THR A 478 -25.75 -2.96 13.82
C THR A 478 -25.47 -2.52 15.26
N LEU A 479 -26.10 -1.43 15.65
CA LEU A 479 -25.82 -0.78 16.92
C LEU A 479 -27.10 -0.28 17.55
N SER A 480 -27.24 -0.46 18.87
CA SER A 480 -28.41 0.01 19.61
C SER A 480 -27.93 1.00 20.66
N HIS A 481 -28.34 2.26 20.52
CA HIS A 481 -28.07 3.24 21.56
C HIS A 481 -28.84 2.93 22.83
N LYS A 482 -30.02 2.33 22.70
CA LYS A 482 -30.84 2.04 23.87
C LYS A 482 -30.16 1.03 24.79
N THR A 483 -29.68 -0.08 24.23
CA THR A 483 -29.01 -1.11 25.02
C THR A 483 -27.51 -0.89 25.14
N GLY A 484 -26.96 0.10 24.44
CA GLY A 484 -25.53 0.32 24.44
C GLY A 484 -24.76 -0.89 23.96
N SER A 485 -25.34 -1.57 22.98
CA SER A 485 -24.74 -2.83 22.47
C SER A 485 -24.54 -2.79 20.95
N LEU A 486 -23.57 -3.59 20.52
CA LEU A 486 -23.18 -3.79 19.11
C LEU A 486 -23.63 -5.21 18.78
N TYR A 487 -24.26 -5.40 17.62
CA TYR A 487 -24.74 -6.75 17.22
C TYR A 487 -24.00 -7.19 15.96
N VAL A 488 -23.49 -8.42 16.00
CA VAL A 488 -22.71 -8.95 14.90
C VAL A 488 -23.31 -10.28 14.48
N ALA A 489 -23.48 -10.47 13.17
CA ALA A 489 -23.98 -11.70 12.60
C ALA A 489 -22.87 -12.39 11.81
N THR A 490 -22.71 -13.69 12.02
CA THR A 490 -21.85 -14.52 11.21
C THR A 490 -22.66 -15.72 10.72
N ASP A 491 -21.99 -16.62 10.01
CA ASP A 491 -22.67 -17.82 9.53
C ASP A 491 -23.09 -18.75 10.65
N HIS A 492 -22.53 -18.59 11.85
CA HIS A 492 -22.74 -19.55 12.92
C HIS A 492 -23.50 -19.02 14.12
N GLN A 493 -23.52 -17.71 14.35
CA GLN A 493 -24.22 -17.17 15.51
C GLN A 493 -24.41 -15.66 15.34
N VAL A 494 -25.20 -15.10 16.26
CA VAL A 494 -25.30 -13.66 16.46
C VAL A 494 -24.65 -13.35 17.80
N LYS A 495 -23.93 -12.23 17.86
CA LYS A 495 -23.17 -11.88 19.04
C LYS A 495 -23.49 -10.44 19.44
N GLN A 496 -23.90 -10.26 20.69
CA GLN A 496 -24.14 -8.95 21.28
C GLN A 496 -22.94 -8.58 22.14
N ILE A 497 -22.38 -7.39 21.90
CA ILE A 497 -21.17 -6.92 22.57
C ILE A 497 -21.44 -5.53 23.11
N ASP A 498 -21.26 -5.36 24.42
CA ASP A 498 -21.38 -4.02 25.00
C ASP A 498 -20.30 -3.11 24.45
N ILE A 499 -20.70 -1.92 24.01
CA ILE A 499 -19.74 -0.98 23.45
C ILE A 499 -18.82 -0.41 24.51
N ALA A 500 -19.24 -0.43 25.78
CA ALA A 500 -18.41 0.04 26.88
C ALA A 500 -18.25 -1.08 27.89
N MET A 501 -17.00 -1.42 28.20
CA MET A 501 -16.66 -2.42 29.21
C MET A 501 -15.63 -1.85 30.17
N CYS A 502 -15.88 -0.62 30.63
CA CYS A 502 -14.87 0.13 31.37
C CYS A 502 -14.36 -0.63 32.59
N ALA A 503 -15.28 -1.15 33.41
CA ALA A 503 -14.86 -1.81 34.64
C ALA A 503 -14.20 -3.16 34.35
N ARG A 504 -14.65 -3.86 33.32
CA ARG A 504 -14.17 -5.21 33.09
C ARG A 504 -12.88 -5.23 32.28
N ARG A 505 -12.75 -4.34 31.30
CA ARG A 505 -11.67 -4.40 30.34
C ARG A 505 -10.41 -3.68 30.81
N TYR A 506 -10.56 -2.50 31.39
CA TYR A 506 -9.42 -1.64 31.71
C TYR A 506 -9.12 -1.69 33.21
N ASP A 507 -8.03 -2.35 33.58
CA ASP A 507 -7.58 -2.37 34.97
C ASP A 507 -6.42 -1.42 35.20
N SER A 508 -6.06 -0.60 34.20
CA SER A 508 -4.99 0.37 34.32
C SER A 508 -5.50 1.74 33.91
N CYS A 509 -5.03 2.77 34.60
CA CYS A 509 -5.34 4.14 34.20
C CYS A 509 -4.89 4.41 32.77
N PHE A 510 -3.73 3.87 32.39
CA PHE A 510 -3.18 4.09 31.06
C PHE A 510 -4.18 3.73 29.98
N ARG A 511 -4.76 2.54 30.06
CA ARG A 511 -5.75 2.12 29.05
C ARG A 511 -7.08 2.80 29.27
N CYS A 512 -7.46 3.06 30.53
CA CYS A 512 -8.79 3.53 30.84
C CYS A 512 -9.05 4.92 30.26
N VAL A 513 -8.10 5.84 30.44
CA VAL A 513 -8.32 7.24 30.06
C VAL A 513 -8.32 7.45 28.55
N SER A 514 -7.96 6.44 27.76
CA SER A 514 -7.97 6.57 26.31
C SER A 514 -9.34 6.28 25.71
N ASP A 515 -10.24 5.67 26.46
CA ASP A 515 -11.54 5.27 25.96
C ASP A 515 -12.57 6.34 26.28
N PRO A 516 -13.26 6.90 25.28
CA PRO A 516 -14.22 7.99 25.56
C PRO A 516 -15.39 7.58 26.42
N TYR A 517 -15.73 6.30 26.48
CA TYR A 517 -16.81 5.85 27.35
C TYR A 517 -16.40 5.78 28.81
N CYS A 518 -15.11 5.85 29.10
CA CYS A 518 -14.59 5.48 30.41
C CYS A 518 -13.90 6.66 31.08
N GLY A 519 -13.64 6.48 32.37
CA GLY A 519 -12.89 7.44 33.17
C GLY A 519 -12.28 6.74 34.37
N TRP A 520 -11.05 7.11 34.72
CA TRP A 520 -10.36 6.47 35.83
C TRP A 520 -10.71 7.18 37.14
N ASP A 521 -11.02 6.39 38.16
CA ASP A 521 -11.33 6.89 39.50
C ASP A 521 -10.13 6.58 40.39
N LYS A 522 -9.33 7.61 40.68
CA LYS A 522 -8.13 7.40 41.48
C LYS A 522 -8.45 7.07 42.94
N ASP A 523 -9.64 7.44 43.43
CA ASP A 523 -10.02 7.08 44.78
C ASP A 523 -10.13 5.56 44.95
N VAL A 524 -10.95 4.92 44.12
CA VAL A 524 -11.13 3.47 44.20
C VAL A 524 -10.14 2.72 43.32
N ASN A 525 -9.31 3.41 42.56
CA ASN A 525 -8.28 2.79 41.72
C ASN A 525 -8.89 1.76 40.77
N ALA A 526 -9.80 2.24 39.93
CA ALA A 526 -10.50 1.36 39.00
C ALA A 526 -11.12 2.21 37.89
N CYS A 527 -11.36 1.55 36.75
CA CYS A 527 -11.97 2.20 35.60
C CYS A 527 -13.49 2.06 35.68
N ARG A 528 -14.18 3.14 35.35
CA ARG A 528 -15.62 3.22 35.46
C ARG A 528 -16.18 3.92 34.23
N PRO A 529 -17.48 3.79 33.97
CA PRO A 529 -18.11 4.66 32.97
C PRO A 529 -17.83 6.10 33.29
N TYR A 530 -17.65 6.91 32.25
CA TYR A 530 -17.22 8.29 32.47
C TYR A 530 -18.30 9.08 33.19
N GLN A 531 -17.86 9.92 34.13
CA GLN A 531 -18.67 10.97 34.72
C GLN A 531 -17.74 12.10 35.13
N LEU A 532 -18.32 13.25 35.43
CA LEU A 532 -17.50 14.40 35.83
C LEU A 532 -16.62 14.05 37.01
N GLY A 533 -15.36 14.50 36.95
CA GLY A 533 -14.41 14.27 38.01
C GLY A 533 -13.48 13.11 37.80
N LEU A 534 -13.74 12.27 36.81
CA LEU A 534 -12.87 11.12 36.52
C LEU A 534 -11.82 11.51 35.49
N LEU A 535 -10.68 10.83 35.56
CA LEU A 535 -9.58 11.12 34.66
C LEU A 535 -9.87 10.56 33.28
N GLN A 536 -9.68 11.39 32.26
CA GLN A 536 -9.87 10.97 30.88
C GLN A 536 -9.02 11.85 29.99
N ASP A 537 -8.42 11.25 28.97
CA ASP A 537 -7.64 11.99 27.99
C ASP A 537 -7.68 11.28 26.64
N VAL A 538 -8.82 11.35 25.97
CA VAL A 538 -8.99 10.68 24.68
C VAL A 538 -8.00 11.21 23.66
N ALA A 539 -7.82 12.53 23.62
CA ALA A 539 -6.96 13.17 22.62
C ALA A 539 -5.48 13.12 22.97
N ASN A 540 -5.12 12.56 24.12
CA ASN A 540 -3.72 12.52 24.59
C ASN A 540 -3.13 13.93 24.60
N GLU A 541 -3.83 14.85 25.27
CA GLU A 541 -3.36 16.22 25.40
C GLU A 541 -2.85 16.55 26.79
N THR A 542 -3.01 15.63 27.76
CA THR A 542 -2.42 15.77 29.08
C THR A 542 -1.70 14.47 29.45
N SER A 543 -0.67 14.14 28.70
CA SER A 543 0.14 12.96 29.01
C SER A 543 0.80 13.16 30.36
N GLY A 544 0.81 12.10 31.17
CA GLY A 544 1.19 12.18 32.56
C GLY A 544 0.02 12.29 33.51
N ILE A 545 -1.21 12.25 33.00
CA ILE A 545 -2.39 12.32 33.85
C ILE A 545 -2.50 11.08 34.72
N CYS A 546 -1.93 9.95 34.28
CA CYS A 546 -1.97 8.70 35.02
C CYS A 546 -0.74 8.48 35.88
N ASP A 547 0.14 9.47 36.00
CA ASP A 547 1.38 9.28 36.75
C ASP A 547 1.10 8.94 38.21
N THR A 548 0.26 9.74 38.87
CA THR A 548 -0.04 9.51 40.27
C THR A 548 -0.95 8.30 40.49
N SER A 549 -1.48 7.70 39.43
CA SER A 549 -2.28 6.49 39.53
C SER A 549 -1.48 5.22 39.33
N VAL A 550 -0.22 5.33 38.92
CA VAL A 550 0.67 4.17 38.85
C VAL A 550 1.15 3.87 40.26
N LEU A 551 0.73 2.72 40.80
CA LEU A 551 1.06 2.33 42.16
C LEU A 551 2.25 1.38 42.12
N ARG A 552 3.40 1.86 42.61
CA ARG A 552 4.63 1.07 42.59
C ARG A 552 4.46 -0.21 43.39
N LYS A 553 4.68 -1.35 42.73
CA LYS A 553 4.58 -2.65 43.37
C LYS A 553 5.94 -3.06 43.90
N LYS A 554 6.04 -3.22 45.22
CA LYS A 554 7.29 -3.66 45.83
C LYS A 554 7.41 -5.17 45.76
N VAL A 555 8.62 -5.64 45.46
CA VAL A 555 8.89 -7.07 45.30
C VAL A 555 10.27 -7.36 45.89
N THR A 556 10.44 -8.59 46.35
CA THR A 556 11.71 -9.04 46.92
C THR A 556 12.27 -10.18 46.08
N SER A 557 13.59 -10.36 46.16
CA SER A 557 14.27 -11.40 45.40
C SER A 557 15.59 -11.73 46.08
N SER A 558 15.96 -13.00 46.06
CA SER A 558 17.23 -13.43 46.64
C SER A 558 18.36 -13.18 45.65
N TYR A 559 19.59 -13.18 46.18
CA TYR A 559 20.77 -12.95 45.36
C TYR A 559 20.99 -14.12 44.41
N GLY A 560 21.12 -13.81 43.11
CA GLY A 560 21.48 -14.80 42.12
C GLY A 560 20.33 -15.46 41.39
N GLN A 561 19.08 -15.16 41.75
CA GLN A 561 17.93 -15.79 41.12
C GLN A 561 17.27 -14.84 40.13
N THR A 562 16.60 -15.43 39.13
CA THR A 562 16.07 -14.67 38.01
C THR A 562 14.75 -13.99 38.38
N LEU A 563 14.66 -12.70 38.07
CA LEU A 563 13.47 -11.90 38.33
C LEU A 563 12.87 -11.41 37.02
N HIS A 564 11.54 -11.37 36.96
CA HIS A 564 10.82 -10.99 35.75
C HIS A 564 9.81 -9.89 36.08
N LEU A 565 10.11 -8.67 35.65
CA LEU A 565 9.21 -7.54 35.83
C LEU A 565 8.39 -7.33 34.57
N SER A 566 7.10 -7.04 34.74
CA SER A 566 6.20 -6.88 33.62
C SER A 566 4.99 -6.07 34.06
N CYS A 567 4.61 -5.06 33.25
CA CYS A 567 3.41 -4.30 33.55
C CYS A 567 2.16 -5.11 33.19
N PHE A 568 2.00 -5.44 31.92
CA PHE A 568 0.89 -6.27 31.46
C PHE A 568 1.29 -7.74 31.45
N VAL A 569 0.33 -8.61 31.79
CA VAL A 569 0.51 -10.03 31.56
C VAL A 569 0.64 -10.28 30.05
N LYS A 570 -0.24 -9.68 29.27
CA LYS A 570 -0.11 -9.62 27.82
C LYS A 570 -0.39 -8.18 27.40
N MET A 571 0.49 -7.64 26.55
CA MET A 571 0.31 -6.27 26.11
C MET A 571 -0.98 -6.15 25.30
N PRO A 572 -1.82 -5.15 25.57
CA PRO A 572 -3.02 -4.96 24.75
C PRO A 572 -2.66 -4.75 23.29
N GLU A 573 -3.54 -5.24 22.42
CA GLU A 573 -3.22 -5.33 20.99
C GLU A 573 -2.85 -3.97 20.40
N VAL A 574 -3.65 -2.94 20.69
CA VAL A 574 -3.40 -1.61 20.13
C VAL A 574 -2.11 -0.99 20.62
N LEU A 575 -1.49 -1.55 21.66
CA LEU A 575 -0.25 -1.02 22.21
C LEU A 575 0.97 -1.87 21.88
N ARG A 576 0.78 -3.04 21.25
CA ARG A 576 1.87 -3.99 21.11
C ARG A 576 2.99 -3.49 20.21
N LYS A 577 2.74 -2.48 19.38
CA LYS A 577 3.75 -1.98 18.45
C LYS A 577 4.29 -0.61 18.88
N LYS A 578 4.26 -0.33 20.17
CA LYS A 578 4.86 0.87 20.74
C LYS A 578 6.11 0.49 21.51
N GLN A 579 6.94 1.49 21.81
CA GLN A 579 8.27 1.25 22.37
C GLN A 579 8.19 1.20 23.90
N THR A 580 8.62 0.07 24.46
CA THR A 580 8.79 -0.06 25.90
C THR A 580 10.24 0.25 26.27
N ARG A 581 10.43 1.19 27.19
CA ARG A 581 11.76 1.58 27.66
C ARG A 581 11.77 1.51 29.18
N TRP A 582 12.75 0.79 29.73
CA TRP A 582 12.88 0.62 31.17
C TRP A 582 14.00 1.50 31.72
N TYR A 583 13.78 2.02 32.92
CA TYR A 583 14.77 2.84 33.61
C TYR A 583 14.97 2.29 35.02
N HIS A 584 16.20 2.40 35.51
CA HIS A 584 16.60 1.88 36.80
C HIS A 584 17.17 3.00 37.66
N HIS A 585 16.81 3.00 38.94
CA HIS A 585 17.29 3.98 39.90
C HIS A 585 17.66 3.25 41.19
N SER A 586 18.95 3.15 41.46
CA SER A 586 19.46 2.44 42.63
C SER A 586 20.41 3.35 43.41
N THR A 587 20.79 2.90 44.60
CA THR A 587 21.74 3.66 45.40
C THR A 587 23.09 3.72 44.70
N GLU A 588 23.72 4.90 44.77
CA GLU A 588 25.00 5.19 44.11
C GLU A 588 24.91 5.13 42.60
N LYS A 589 23.71 5.22 42.03
CA LYS A 589 23.53 5.19 40.59
C LYS A 589 22.47 6.19 40.19
N GLY A 590 22.78 7.03 39.20
CA GLY A 590 21.79 7.91 38.65
C GLY A 590 20.76 7.15 37.83
N ARG A 591 19.62 7.80 37.61
CA ARG A 591 18.57 7.20 36.80
C ARG A 591 19.01 7.12 35.35
N TYR A 592 18.86 5.95 34.74
CA TYR A 592 19.38 5.70 33.40
C TYR A 592 18.51 4.67 32.70
N GLU A 593 18.61 4.64 31.38
CA GLU A 593 17.87 3.67 30.59
C GLU A 593 18.55 2.30 30.66
N VAL A 594 17.73 1.25 30.59
CA VAL A 594 18.21 -0.12 30.73
C VAL A 594 18.54 -0.65 29.34
N ARG A 595 19.83 -0.84 29.07
CA ARG A 595 20.25 -1.43 27.80
C ARG A 595 20.24 -2.95 27.91
N TYR A 596 19.79 -3.61 26.85
CA TYR A 596 19.65 -5.05 26.86
C TYR A 596 20.99 -5.71 26.50
N THR A 597 21.54 -6.47 27.44
CA THR A 597 22.73 -7.28 27.26
C THR A 597 22.36 -8.76 27.21
N PRO A 598 23.18 -9.59 26.57
CA PRO A 598 22.76 -10.99 26.33
C PRO A 598 22.38 -11.76 27.58
N THR A 599 23.13 -11.63 28.68
CA THR A 599 22.94 -12.48 29.84
C THR A 599 22.68 -11.68 31.12
N LYS A 600 22.04 -10.51 31.01
CA LYS A 600 21.69 -9.76 32.21
C LYS A 600 20.28 -9.18 32.12
N TYR A 601 19.99 -8.47 31.03
CA TYR A 601 18.69 -7.84 30.83
C TYR A 601 18.05 -8.36 29.56
N ILE A 602 16.86 -8.95 29.70
CA ILE A 602 16.12 -9.52 28.59
C ILE A 602 14.75 -8.86 28.51
N ASP A 603 14.29 -8.58 27.29
CA ASP A 603 12.97 -8.03 27.07
C ASP A 603 12.03 -9.10 26.55
N THR A 604 10.75 -8.97 26.91
CA THR A 604 9.70 -9.84 26.43
C THR A 604 8.76 -9.06 25.52
N ASN A 605 8.07 -9.79 24.63
CA ASN A 605 7.21 -9.17 23.64
C ASN A 605 5.99 -8.53 24.29
N GLU A 606 5.90 -8.62 25.62
CA GLU A 606 4.86 -7.94 26.37
C GLU A 606 5.36 -6.70 27.08
N GLY A 607 6.55 -6.22 26.73
CA GLY A 607 7.12 -5.08 27.43
C GLY A 607 7.65 -5.40 28.80
N GLY A 608 8.10 -6.63 29.02
CA GLY A 608 8.62 -7.05 30.30
C GLY A 608 10.14 -6.96 30.39
N LEU A 609 10.62 -6.99 31.64
CA LEU A 609 12.05 -6.94 31.93
C LEU A 609 12.43 -8.14 32.78
N VAL A 610 13.40 -8.92 32.30
CA VAL A 610 13.88 -10.11 33.00
C VAL A 610 15.28 -9.83 33.50
N LEU A 611 15.52 -10.13 34.78
CA LEU A 611 16.84 -9.95 35.40
C LEU A 611 17.50 -11.32 35.54
N LEU A 612 18.59 -11.53 34.81
CA LEU A 612 19.36 -12.75 34.89
C LEU A 612 20.54 -12.53 35.83
N ALA A 613 20.76 -13.49 36.74
CA ALA A 613 21.83 -13.42 37.73
C ALA A 613 21.78 -12.11 38.50
N VAL A 614 20.84 -12.01 39.44
CA VAL A 614 20.62 -10.78 40.19
C VAL A 614 21.71 -10.65 41.26
N ASN A 615 22.35 -9.47 41.30
CA ASN A 615 23.36 -9.15 42.29
C ASN A 615 22.82 -8.09 43.24
N GLU A 616 23.71 -7.45 44.00
CA GLU A 616 23.30 -6.45 44.97
C GLU A 616 22.77 -5.19 44.27
N GLY A 617 23.56 -4.64 43.34
CA GLY A 617 23.20 -3.40 42.68
C GLY A 617 21.99 -3.48 41.78
N ASP A 618 21.42 -4.68 41.58
CA ASP A 618 20.25 -4.81 40.73
C ASP A 618 18.96 -4.36 41.41
N GLY A 619 18.96 -4.24 42.74
CA GLY A 619 17.78 -3.77 43.43
C GLY A 619 17.58 -2.27 43.24
N GLY A 620 16.34 -1.84 43.45
CA GLY A 620 16.02 -0.43 43.41
C GLY A 620 14.76 -0.17 42.60
N ARG A 621 14.62 1.08 42.16
CA ARG A 621 13.43 1.54 41.46
C ARG A 621 13.53 1.22 39.97
N TYR A 622 12.47 0.61 39.44
CA TYR A 622 12.38 0.27 38.02
C TYR A 622 11.11 0.90 37.45
N ASP A 623 11.27 1.76 36.45
CA ASP A 623 10.15 2.43 35.79
C ASP A 623 10.05 1.96 34.35
N SER A 624 8.82 1.76 33.88
CA SER A 624 8.55 1.29 32.52
C SER A 624 7.73 2.36 31.81
N TYR A 625 8.23 2.82 30.67
CA TYR A 625 7.56 3.84 29.88
C TYR A 625 7.17 3.27 28.52
N LEU A 626 6.01 3.68 28.02
CA LEU A 626 5.50 3.26 26.72
C LEU A 626 5.36 4.50 25.85
N ASP A 627 6.27 4.65 24.89
CA ASP A 627 6.34 5.84 24.04
C ASP A 627 6.42 7.11 24.88
N GLY A 628 7.26 7.06 25.92
CA GLY A 628 7.53 8.21 26.75
C GLY A 628 6.57 8.44 27.90
N THR A 629 5.47 7.69 27.98
CA THR A 629 4.50 7.83 29.05
C THR A 629 4.70 6.73 30.08
N LEU A 630 4.74 7.10 31.35
CA LEU A 630 4.97 6.14 32.42
C LEU A 630 3.86 5.09 32.46
N LEU A 631 4.26 3.82 32.47
CA LEU A 631 3.32 2.70 32.45
C LEU A 631 3.22 2.00 33.79
N CYS A 632 4.34 1.62 34.40
CA CYS A 632 4.29 0.96 35.69
C CYS A 632 5.65 1.05 36.36
N SER A 633 5.66 0.89 37.69
CA SER A 633 6.86 1.03 38.50
C SER A 633 7.01 -0.15 39.45
N TYR A 634 8.26 -0.48 39.76
CA TYR A 634 8.58 -1.60 40.63
C TYR A 634 9.59 -1.17 41.68
N GLY A 635 9.44 -1.71 42.88
CA GLY A 635 10.45 -1.60 43.92
C GLY A 635 11.08 -2.95 44.18
N VAL A 636 12.38 -3.06 43.92
CA VAL A 636 13.09 -4.34 44.02
C VAL A 636 14.08 -4.26 45.16
N THR A 637 14.08 -5.30 46.01
CA THR A 637 15.06 -5.45 47.08
C THR A 637 15.74 -6.80 46.95
N VAL A 638 17.06 -6.81 47.09
CA VAL A 638 17.86 -8.02 46.97
C VAL A 638 18.69 -8.18 48.24
N ASP A 639 18.66 -9.38 48.81
CA ASP A 639 19.41 -9.68 50.03
C ASP A 639 20.73 -10.36 49.67
N ALA A 640 21.46 -10.82 50.68
CA ALA A 640 22.72 -11.52 50.48
C ALA A 640 22.55 -13.02 50.24
N HIS A 641 21.33 -13.53 50.36
CA HIS A 641 21.04 -14.95 50.13
C HIS A 641 21.86 -15.85 51.03
N ASN B 9 28.63 -18.68 23.00
CA ASN B 9 27.43 -18.81 23.82
C ASN B 9 26.17 -18.65 22.97
N LEU B 10 26.22 -17.74 21.99
CA LEU B 10 25.10 -17.49 21.10
C LEU B 10 25.63 -17.05 19.75
N TYR B 11 24.77 -17.15 18.74
CA TYR B 11 25.09 -16.61 17.43
C TYR B 11 25.19 -15.09 17.50
N TYR B 12 26.32 -14.53 17.05
CA TYR B 12 26.50 -13.08 17.03
C TYR B 12 26.98 -12.65 15.65
N GLU B 13 26.21 -11.78 15.00
CA GLU B 13 26.62 -11.16 13.75
C GLU B 13 26.97 -9.71 14.01
N PRO B 14 28.21 -9.28 13.75
CA PRO B 14 28.58 -7.90 14.03
C PRO B 14 27.89 -6.95 13.04
N PRO B 15 27.63 -5.71 13.44
CA PRO B 15 26.93 -4.78 12.56
C PRO B 15 27.76 -4.43 11.34
N CYS B 16 27.06 -3.95 10.31
CA CYS B 16 27.69 -3.61 9.04
C CYS B 16 26.76 -2.64 8.31
N CYS B 17 27.34 -1.64 7.65
CA CYS B 17 28.78 -1.47 7.52
C CYS B 17 29.23 -0.04 7.79
N THR B 18 28.62 0.61 8.79
CA THR B 18 28.94 1.99 9.14
C THR B 18 29.71 1.98 10.46
N GLY B 19 31.04 2.02 10.36
CA GLY B 19 31.89 2.01 11.54
C GLY B 19 33.22 2.69 11.32
N GLU B 31 37.90 -4.69 7.72
CA GLU B 31 38.82 -5.08 6.66
C GLU B 31 38.07 -5.32 5.36
N HIS B 32 36.75 -5.45 5.45
CA HIS B 32 35.90 -5.67 4.29
C HIS B 32 35.17 -4.41 3.84
N VAL B 33 35.40 -3.29 4.52
CA VAL B 33 34.77 -2.01 4.18
C VAL B 33 35.85 -0.94 4.16
N GLN B 34 35.86 -0.13 3.11
CA GLN B 34 36.83 0.96 2.98
C GLN B 34 36.08 2.27 2.75
N ASP B 35 36.57 3.34 3.36
CA ASP B 35 35.96 4.65 3.28
C ASP B 35 36.92 5.65 2.63
N PHE B 36 36.34 6.58 1.87
CA PHE B 36 37.09 7.71 1.33
C PHE B 36 36.25 8.97 1.54
N SER B 37 36.81 9.96 2.22
CA SER B 37 36.10 11.19 2.47
C SER B 37 37.09 12.34 2.56
N CYS B 38 36.72 13.47 1.95
CA CYS B 38 37.47 14.72 2.10
C CYS B 38 36.55 15.86 2.52
N GLY B 39 35.43 15.56 3.18
CA GLY B 39 34.51 16.57 3.62
C GLY B 39 33.15 16.46 2.96
N PRO B 40 32.20 17.28 3.41
CA PRO B 40 30.87 17.27 2.79
C PRO B 40 30.90 17.83 1.38
N LEU B 41 31.43 17.06 0.44
CA LEU B 41 31.70 17.53 -0.91
C LEU B 41 30.63 17.10 -1.92
N HIS B 42 29.54 16.48 -1.45
CA HIS B 42 28.44 16.06 -2.31
C HIS B 42 28.93 15.16 -3.45
N TYR B 43 29.47 14.01 -3.06
CA TYR B 43 30.01 13.06 -4.03
C TYR B 43 28.90 12.51 -4.91
N LYS B 44 29.16 12.50 -6.22
CA LYS B 44 28.15 12.15 -7.21
C LYS B 44 28.85 11.85 -8.52
N THR B 45 28.23 11.01 -9.35
CA THR B 45 28.72 10.62 -10.67
C THR B 45 29.92 9.69 -10.58
N PHE B 46 29.70 8.42 -10.88
CA PHE B 46 30.76 7.41 -10.93
C PHE B 46 31.19 7.15 -12.37
N TYR B 47 32.48 6.92 -12.56
CA TYR B 47 32.98 6.29 -13.78
C TYR B 47 34.06 5.32 -13.37
N MET B 48 33.89 4.05 -13.74
CA MET B 48 34.77 2.97 -13.31
C MET B 48 35.60 2.47 -14.47
N ASP B 49 36.91 2.52 -14.32
CA ASP B 49 37.88 2.03 -15.30
C ASP B 49 38.63 0.87 -14.62
N GLU B 50 38.04 -0.32 -14.68
CA GLU B 50 38.65 -1.48 -14.04
C GLU B 50 40.00 -1.83 -14.65
N ARG B 51 40.16 -1.60 -15.96
CA ARG B 51 41.43 -1.91 -16.61
C ARG B 51 42.58 -1.12 -15.99
N ASN B 52 42.31 0.05 -15.42
CA ASN B 52 43.33 0.91 -14.84
C ASN B 52 43.16 1.10 -13.34
N ASN B 53 42.36 0.25 -12.69
CA ASN B 53 42.19 0.26 -11.23
C ASN B 53 41.74 1.64 -10.73
N ALA B 54 40.84 2.27 -11.46
CA ALA B 54 40.41 3.62 -11.16
C ALA B 54 38.90 3.69 -11.01
N LEU B 55 38.45 4.44 -10.00
CA LEU B 55 37.06 4.83 -9.86
C LEU B 55 37.02 6.35 -9.77
N TYR B 56 36.64 7.00 -10.85
CA TYR B 56 36.49 8.45 -10.85
C TYR B 56 35.17 8.83 -10.19
N VAL B 57 35.20 9.87 -9.37
CA VAL B 57 34.03 10.35 -8.66
C VAL B 57 33.97 11.87 -8.80
N GLY B 58 32.84 12.37 -9.31
CA GLY B 58 32.61 13.80 -9.29
C GLY B 58 32.17 14.28 -7.94
N ALA B 59 32.31 15.59 -7.73
CA ALA B 59 31.93 16.19 -6.46
C ALA B 59 31.70 17.68 -6.69
N MET B 60 31.47 18.41 -5.61
CA MET B 60 31.30 19.85 -5.68
C MET B 60 32.64 20.50 -5.97
N ASP B 61 32.78 21.05 -7.17
CA ASP B 61 33.99 21.74 -7.66
C ASP B 61 35.18 20.80 -7.82
N ARG B 62 34.98 19.48 -7.77
CA ARG B 62 36.08 18.54 -7.75
C ARG B 62 35.74 17.30 -8.55
N ILE B 63 36.78 16.64 -9.06
CA ILE B 63 36.69 15.28 -9.56
C ILE B 63 37.84 14.49 -8.96
N PHE B 64 37.54 13.30 -8.45
CA PHE B 64 38.53 12.45 -7.81
C PHE B 64 38.80 11.22 -8.66
N ARG B 65 39.99 10.65 -8.49
CA ARG B 65 40.32 9.33 -9.04
C ARG B 65 40.74 8.45 -7.88
N LEU B 66 39.89 7.48 -7.55
CA LEU B 66 40.11 6.62 -6.39
C LEU B 66 40.68 5.27 -6.82
N ASN B 67 41.51 4.71 -5.95
CA ASN B 67 42.03 3.36 -6.14
C ASN B 67 40.87 2.37 -6.06
N LEU B 68 40.51 1.76 -7.19
CA LEU B 68 39.34 0.89 -7.23
C LEU B 68 39.50 -0.30 -6.29
N ARG B 69 40.73 -0.81 -6.15
CA ARG B 69 40.96 -1.96 -5.29
C ARG B 69 40.79 -1.60 -3.82
N ASN B 70 41.21 -0.40 -3.42
CA ASN B 70 41.11 0.06 -2.03
C ASN B 70 41.05 1.58 -2.05
N ILE B 71 39.84 2.13 -1.91
CA ILE B 71 39.66 3.58 -2.04
C ILE B 71 40.27 4.33 -0.87
N SER B 72 40.58 3.65 0.24
CA SER B 72 41.25 4.32 1.35
C SER B 72 42.70 4.66 1.02
N GLN B 73 43.29 4.00 0.03
CA GLN B 73 44.65 4.31 -0.38
C GLN B 73 44.74 5.69 -1.03
N SER B 74 43.64 6.17 -1.59
CA SER B 74 43.64 7.46 -2.27
C SER B 74 43.83 8.60 -1.28
N ILE B 75 44.50 9.66 -1.74
CA ILE B 75 44.82 10.81 -0.92
C ILE B 75 44.02 12.00 -1.43
N CYS B 76 43.41 12.75 -0.50
CA CYS B 76 42.56 13.88 -0.88
C CYS B 76 43.32 14.89 -1.73
N GLU B 77 44.48 15.34 -1.26
CA GLU B 77 45.18 16.42 -1.93
C GLU B 77 45.84 15.97 -3.23
N ARG B 78 46.09 14.67 -3.39
CA ARG B 78 46.83 14.18 -4.55
C ARG B 78 45.92 13.73 -5.69
N ASP B 79 44.85 13.00 -5.37
CA ASP B 79 44.02 12.36 -6.38
C ASP B 79 42.79 13.18 -6.72
N VAL B 80 42.98 14.46 -7.04
CA VAL B 80 41.87 15.38 -7.29
C VAL B 80 42.29 16.40 -8.34
N LEU B 81 41.30 16.93 -9.05
CA LEU B 81 41.47 18.08 -9.93
C LEU B 81 40.36 19.07 -9.63
N ILE B 82 40.75 20.27 -9.17
CA ILE B 82 39.78 21.29 -8.81
C ILE B 82 39.18 21.89 -10.07
N LEU B 83 37.83 21.98 -10.12
CA LEU B 83 37.10 22.55 -11.25
C LEU B 83 35.99 23.43 -10.67
N GLU B 84 36.36 24.63 -10.24
CA GLU B 84 35.42 25.53 -9.60
C GLU B 84 35.03 26.68 -10.53
N PRO B 85 33.88 27.31 -10.31
CA PRO B 85 33.43 28.37 -11.22
C PRO B 85 34.29 29.61 -11.09
N THR B 86 34.23 30.44 -12.12
CA THR B 86 34.89 31.75 -12.06
C THR B 86 34.16 32.66 -11.09
N GLY B 87 34.85 33.71 -10.65
CA GLY B 87 34.22 34.69 -9.77
C GLY B 87 33.02 35.35 -10.41
N SER B 88 33.04 35.52 -11.74
CA SER B 88 31.90 36.10 -12.43
C SER B 88 30.75 35.10 -12.51
N ASP B 89 31.05 33.82 -12.75
CA ASP B 89 30.01 32.80 -12.74
C ASP B 89 29.28 32.76 -11.42
N ILE B 90 30.02 32.81 -10.31
CA ILE B 90 29.39 32.81 -8.99
C ILE B 90 28.59 34.09 -8.78
N LEU B 91 29.11 35.22 -9.28
CA LEU B 91 28.38 36.48 -9.15
C LEU B 91 27.05 36.43 -9.90
N ASN B 92 27.08 36.01 -11.16
CA ASN B 92 25.86 35.94 -11.94
C ASN B 92 24.89 34.89 -11.40
N CYS B 93 25.40 33.85 -10.74
CA CYS B 93 24.53 32.80 -10.22
C CYS B 93 23.68 33.29 -9.08
N VAL B 94 24.25 34.10 -8.17
CA VAL B 94 23.45 34.69 -7.10
C VAL B 94 22.66 35.90 -7.57
N SER B 95 22.99 36.46 -8.73
CA SER B 95 22.17 37.52 -9.31
C SER B 95 20.79 36.99 -9.68
N LYS B 96 20.69 35.73 -10.08
CA LYS B 96 19.44 35.11 -10.46
C LYS B 96 18.60 34.68 -9.26
N GLY B 97 19.13 34.78 -8.05
CA GLY B 97 18.40 34.41 -6.85
C GLY B 97 18.71 33.04 -6.29
N LYS B 98 19.85 32.44 -6.65
CA LYS B 98 20.23 31.13 -6.15
C LYS B 98 21.13 31.25 -4.93
N ARG B 99 21.19 30.17 -4.15
CA ARG B 99 22.01 30.14 -2.94
C ARG B 99 23.48 29.92 -3.30
N GLU B 100 24.33 30.82 -2.80
CA GLU B 100 25.74 30.82 -3.17
C GLU B 100 26.50 29.64 -2.59
N LYS B 101 26.03 29.09 -1.46
CA LYS B 101 26.83 28.11 -0.73
C LYS B 101 26.93 26.78 -1.46
N VAL B 102 25.83 26.30 -2.03
CA VAL B 102 25.82 24.97 -2.64
C VAL B 102 25.32 25.04 -4.07
N GLU B 103 24.25 25.81 -4.31
CA GLU B 103 23.66 25.85 -5.65
C GLU B 103 24.59 26.49 -6.66
N CYS B 104 25.42 27.44 -6.23
CA CYS B 104 26.29 28.20 -7.14
C CYS B 104 27.70 27.65 -7.20
N ARG B 105 27.87 26.35 -6.98
CA ARG B 105 29.15 25.67 -7.17
C ARG B 105 29.07 24.79 -8.41
N ASN B 106 30.21 24.22 -8.78
CA ASN B 106 30.33 23.38 -9.97
C ASN B 106 30.18 21.92 -9.55
N HIS B 107 28.97 21.40 -9.65
CA HIS B 107 28.70 20.00 -9.33
C HIS B 107 28.92 19.15 -10.57
N ILE B 108 29.87 18.22 -10.50
CA ILE B 108 30.17 17.37 -11.65
C ILE B 108 29.04 16.38 -11.86
N ARG B 109 28.52 16.33 -13.09
CA ARG B 109 27.38 15.49 -13.41
C ARG B 109 27.63 14.51 -14.54
N VAL B 110 28.73 14.66 -15.29
CA VAL B 110 29.06 13.75 -16.38
C VAL B 110 30.55 13.45 -16.31
N ILE B 111 30.90 12.16 -16.28
CA ILE B 111 32.28 11.71 -16.42
C ILE B 111 32.24 10.53 -17.40
N GLN B 112 32.80 10.72 -18.58
CA GLN B 112 32.70 9.74 -19.65
C GLN B 112 34.05 9.53 -20.31
N PRO B 113 34.34 8.31 -20.75
CA PRO B 113 35.56 8.08 -21.53
C PRO B 113 35.42 8.68 -22.92
N MET B 114 36.51 9.27 -23.42
CA MET B 114 36.48 9.98 -24.68
C MET B 114 37.80 9.81 -25.41
N ASN B 115 37.73 9.39 -26.67
CA ASN B 115 38.92 9.29 -27.51
C ASN B 115 39.25 10.66 -28.10
N PHE B 116 40.41 11.19 -27.72
CA PHE B 116 40.91 12.43 -28.33
C PHE B 116 42.43 12.42 -28.14
N ASN B 117 43.14 11.94 -29.16
CA ASN B 117 44.59 11.75 -29.09
C ASN B 117 44.95 10.86 -27.89
N GLY B 118 44.20 9.78 -27.75
CA GLY B 118 44.34 8.87 -26.63
C GLY B 118 43.08 8.83 -25.79
N GLN B 119 43.18 8.08 -24.69
CA GLN B 119 42.05 7.87 -23.80
C GLN B 119 41.95 9.04 -22.83
N LYS B 120 40.99 9.93 -23.06
CA LYS B 120 40.77 11.10 -22.23
C LYS B 120 39.40 10.99 -21.56
N LEU B 121 39.10 11.96 -20.70
CA LEU B 121 37.85 12.00 -19.96
C LEU B 121 37.05 13.22 -20.38
N TYR B 122 35.78 13.00 -20.70
CA TYR B 122 34.83 14.09 -20.89
C TYR B 122 34.12 14.36 -19.58
N VAL B 123 34.16 15.61 -19.12
CA VAL B 123 33.59 16.01 -17.84
C VAL B 123 32.67 17.20 -18.07
N CYS B 124 31.49 17.17 -17.44
CA CYS B 124 30.53 18.27 -17.49
C CYS B 124 30.04 18.57 -16.08
N GLY B 125 29.91 19.85 -15.76
CA GLY B 125 29.48 20.26 -14.44
C GLY B 125 28.46 21.39 -14.53
N THR B 126 27.70 21.54 -13.44
CA THR B 126 26.65 22.54 -13.41
C THR B 126 27.21 23.96 -13.43
N ASN B 127 28.40 24.16 -12.86
CA ASN B 127 29.16 25.41 -12.96
C ASN B 127 28.28 26.63 -12.65
N ALA B 128 27.78 26.67 -11.41
CA ALA B 128 27.05 27.82 -10.87
C ALA B 128 25.88 28.22 -11.78
N HIS B 129 25.04 27.23 -12.12
CA HIS B 129 23.90 27.44 -13.01
C HIS B 129 24.33 28.00 -14.35
N ASN B 130 25.39 27.41 -14.90
CA ASN B 130 25.94 27.76 -16.21
C ASN B 130 26.75 26.57 -16.69
N PRO B 131 26.10 25.51 -17.15
CA PRO B 131 26.80 24.24 -17.40
C PRO B 131 28.00 24.40 -18.32
N LYS B 132 29.12 23.81 -17.90
CA LYS B 132 30.39 23.89 -18.61
C LYS B 132 30.99 22.49 -18.68
N ASP B 133 31.60 22.17 -19.81
CA ASP B 133 32.23 20.87 -19.97
C ASP B 133 33.72 21.01 -20.26
N TYR B 134 34.45 19.93 -20.02
CA TYR B 134 35.91 19.92 -20.12
C TYR B 134 36.35 18.58 -20.70
N VAL B 135 37.58 18.57 -21.21
CA VAL B 135 38.29 17.35 -21.60
C VAL B 135 39.63 17.36 -20.87
N ILE B 136 39.88 16.31 -20.09
CA ILE B 136 41.07 16.23 -19.26
C ILE B 136 41.74 14.87 -19.45
N ASN B 137 42.97 14.77 -18.99
CA ASN B 137 43.70 13.51 -19.04
C ASN B 137 43.18 12.55 -17.98
N ALA B 138 43.47 11.27 -18.18
CA ALA B 138 43.03 10.24 -17.24
C ALA B 138 43.65 10.41 -15.86
N ASN B 139 44.79 11.10 -15.77
CA ASN B 139 45.43 11.36 -14.48
C ASN B 139 44.98 12.68 -13.86
N LEU B 140 43.82 13.20 -14.27
CA LEU B 140 43.21 14.38 -13.66
C LEU B 140 44.11 15.62 -13.79
N THR B 141 44.70 15.81 -14.95
CA THR B 141 45.40 17.04 -15.28
C THR B 141 44.77 17.67 -16.52
N HIS B 142 44.82 19.00 -16.59
CA HIS B 142 44.31 19.70 -17.76
C HIS B 142 45.17 19.40 -18.98
N LEU B 143 44.53 19.42 -20.15
CA LEU B 143 45.29 19.45 -21.39
C LEU B 143 46.01 20.80 -21.49
N PRO B 144 47.11 20.87 -22.23
CA PRO B 144 47.82 22.14 -22.36
C PRO B 144 46.91 23.22 -22.91
N ARG B 145 47.09 24.45 -22.41
CA ARG B 145 46.24 25.56 -22.83
C ARG B 145 46.36 25.81 -24.33
N SER B 146 47.53 25.51 -24.91
CA SER B 146 47.68 25.60 -26.35
C SER B 146 46.80 24.60 -27.09
N GLN B 147 46.38 23.53 -26.43
CA GLN B 147 45.57 22.49 -27.04
C GLN B 147 44.10 22.81 -26.83
N TYR B 148 43.36 22.90 -27.93
CA TYR B 148 41.94 23.23 -27.92
C TYR B 148 41.15 22.06 -28.49
N VAL B 149 40.08 21.68 -27.80
CA VAL B 149 39.26 20.55 -28.21
C VAL B 149 38.01 21.08 -28.89
N PRO B 150 37.73 20.69 -30.14
CA PRO B 150 36.57 21.26 -30.85
C PRO B 150 35.25 20.91 -30.17
N GLY B 151 34.37 21.90 -30.06
CA GLY B 151 33.07 21.73 -29.49
C GLY B 151 33.00 21.85 -27.98
N ILE B 152 34.14 21.74 -27.29
CA ILE B 152 34.16 21.82 -25.84
C ILE B 152 34.07 23.27 -25.41
N GLY B 153 33.29 23.53 -24.36
CA GLY B 153 33.18 24.86 -23.81
C GLY B 153 31.89 25.08 -23.05
N LEU B 154 30.78 25.07 -23.78
CA LEU B 154 29.46 25.25 -23.19
C LEU B 154 28.83 23.89 -22.94
N GLY B 155 28.38 23.68 -21.71
CA GLY B 155 27.69 22.46 -21.34
C GLY B 155 26.19 22.51 -21.43
N ILE B 156 25.63 23.64 -21.88
CA ILE B 156 24.18 23.76 -21.99
C ILE B 156 23.65 22.69 -22.91
N GLY B 157 22.66 21.94 -22.43
CA GLY B 157 22.15 20.77 -23.11
C GLY B 157 22.90 19.49 -22.82
N LYS B 158 24.03 19.57 -22.13
CA LYS B 158 24.87 18.42 -21.86
C LYS B 158 24.85 17.98 -20.40
N CYS B 159 24.69 18.90 -19.46
CA CYS B 159 24.48 18.56 -18.06
C CYS B 159 23.69 19.68 -17.40
N PRO B 160 23.04 19.41 -16.27
CA PRO B 160 22.02 20.34 -15.76
C PRO B 160 22.61 21.64 -15.21
N TYR B 161 21.70 22.61 -15.04
CA TYR B 161 22.00 23.84 -14.32
C TYR B 161 21.89 23.63 -12.81
N ASP B 162 21.07 22.68 -12.38
CA ASP B 162 20.67 22.54 -10.99
C ASP B 162 21.26 21.28 -10.38
N PRO B 163 21.92 21.38 -9.23
CA PRO B 163 22.50 20.19 -8.60
C PRO B 163 21.46 19.15 -8.19
N ALA B 164 20.20 19.55 -8.00
CA ALA B 164 19.14 18.62 -7.62
C ALA B 164 18.50 17.94 -8.82
N ASP B 165 18.90 18.31 -10.03
CA ASP B 165 18.31 17.76 -11.25
C ASP B 165 18.72 16.30 -11.45
N ASN B 166 17.82 15.53 -12.05
CA ASN B 166 18.08 14.13 -12.40
C ASN B 166 18.28 14.05 -13.90
N SER B 167 19.54 13.96 -14.32
CA SER B 167 19.93 13.98 -15.72
C SER B 167 20.69 12.71 -16.07
N THR B 168 21.01 12.57 -17.35
CA THR B 168 21.76 11.42 -17.82
C THR B 168 22.56 11.82 -19.05
N ALA B 169 23.59 11.04 -19.34
CA ALA B 169 24.42 11.28 -20.52
C ALA B 169 25.29 10.06 -20.79
N VAL B 170 25.57 9.84 -22.08
CA VAL B 170 26.50 8.81 -22.51
C VAL B 170 27.27 9.33 -23.72
N TYR B 171 28.59 9.15 -23.71
CA TYR B 171 29.43 9.57 -24.82
C TYR B 171 29.59 8.41 -25.79
N VAL B 172 29.24 8.65 -27.05
CA VAL B 172 29.19 7.61 -28.07
C VAL B 172 30.26 7.90 -29.13
N GLU B 173 31.12 6.91 -29.39
CA GLU B 173 32.15 7.04 -30.41
C GLU B 173 31.70 6.51 -31.76
N ASN B 174 30.85 5.49 -31.80
CA ASN B 174 30.56 4.75 -33.02
C ASN B 174 29.08 4.79 -33.35
N GLY B 175 28.77 4.81 -34.64
CA GLY B 175 27.41 4.72 -35.11
C GLY B 175 26.73 6.04 -35.38
N ASN B 176 27.34 7.16 -35.03
CA ASN B 176 26.76 8.47 -35.30
C ASN B 176 27.00 8.84 -36.76
N PRO B 177 26.28 9.85 -37.27
CA PRO B 177 26.49 10.25 -38.67
C PRO B 177 27.94 10.56 -38.97
N PHE B 178 28.40 10.11 -40.14
CA PHE B 178 29.74 10.38 -40.65
C PHE B 178 30.84 9.80 -39.76
N GLY B 179 30.49 8.85 -38.90
CA GLY B 179 31.47 8.22 -38.04
C GLY B 179 32.06 9.12 -36.98
N LEU B 180 31.33 10.15 -36.56
CA LEU B 180 31.84 11.15 -35.65
C LEU B 180 31.35 10.88 -34.23
N PRO B 181 32.09 11.31 -33.21
CA PRO B 181 31.63 11.11 -31.83
C PRO B 181 30.54 12.11 -31.46
N ALA B 182 29.89 11.84 -30.33
CA ALA B 182 28.80 12.71 -29.89
C ALA B 182 28.44 12.37 -28.46
N LEU B 183 27.90 13.36 -27.75
CA LEU B 183 27.31 13.14 -26.43
C LEU B 183 25.80 13.14 -26.57
N TYR B 184 25.17 12.11 -26.02
CA TYR B 184 23.71 12.04 -25.89
C TYR B 184 23.35 12.34 -24.43
N ALA B 185 22.33 13.16 -24.22
CA ALA B 185 22.01 13.56 -22.86
C ALA B 185 20.53 13.91 -22.74
N GLY B 186 20.00 13.69 -21.53
CA GLY B 186 18.70 14.19 -21.13
C GLY B 186 18.85 15.05 -19.90
N THR B 187 18.33 16.28 -19.94
CA THR B 187 18.57 17.26 -18.88
C THR B 187 17.55 18.38 -19.05
N ASN B 188 17.77 19.50 -18.35
CA ASN B 188 16.99 20.72 -18.50
C ASN B 188 17.88 21.81 -19.06
N ALA B 189 17.47 22.40 -20.18
CA ALA B 189 18.29 23.35 -20.92
C ALA B 189 18.19 24.79 -20.41
N GLU B 190 17.31 25.06 -19.43
CA GLU B 190 17.15 26.39 -18.88
C GLU B 190 16.94 26.28 -17.38
N PHE B 191 17.60 27.17 -16.62
CA PHE B 191 17.60 27.01 -15.16
C PHE B 191 16.27 27.45 -14.54
N THR B 192 15.70 28.57 -15.02
CA THR B 192 14.41 29.03 -14.51
C THR B 192 13.24 28.57 -15.37
N LYS B 193 13.30 28.82 -16.67
CA LYS B 193 12.28 28.32 -17.58
C LYS B 193 12.42 26.81 -17.76
N ALA B 194 11.29 26.16 -18.04
CA ALA B 194 11.26 24.71 -18.20
C ALA B 194 11.58 24.35 -19.65
N ASP B 195 12.74 23.73 -19.87
CA ASP B 195 13.15 23.26 -21.19
C ASP B 195 13.80 21.88 -21.03
N SER B 196 12.98 20.89 -20.71
CA SER B 196 13.46 19.51 -20.67
C SER B 196 13.76 19.04 -22.09
N VAL B 197 14.86 18.31 -22.23
CA VAL B 197 15.35 17.98 -23.58
C VAL B 197 16.14 16.67 -23.53
N ILE B 198 15.94 15.86 -24.56
CA ILE B 198 16.84 14.77 -24.90
C ILE B 198 17.64 15.21 -26.13
N PHE B 199 18.97 15.15 -26.01
CA PHE B 199 19.84 16.01 -26.79
C PHE B 199 21.06 15.24 -27.27
N ARG B 200 21.53 15.59 -28.47
CA ARG B 200 22.81 15.13 -28.99
C ARG B 200 23.65 16.33 -29.37
N SER B 201 24.91 16.34 -28.95
CA SER B 201 25.78 17.48 -29.18
C SER B 201 26.15 17.59 -30.66
N ASP B 202 26.68 18.76 -31.02
CA ASP B 202 27.15 18.99 -32.38
C ASP B 202 28.19 17.95 -32.75
N LEU B 203 28.12 17.47 -33.99
CA LEU B 203 29.09 16.52 -34.51
C LEU B 203 30.32 17.27 -34.99
N TYR B 204 31.42 17.15 -34.26
CA TYR B 204 32.71 17.69 -34.67
C TYR B 204 33.62 16.55 -35.09
N ASN B 205 34.47 16.83 -36.07
CA ASN B 205 35.65 16.02 -36.32
C ASN B 205 36.76 16.57 -35.44
N LEU B 206 37.15 15.81 -34.43
CA LEU B 206 38.08 16.32 -33.42
C LEU B 206 39.49 16.48 -33.98
N THR B 207 39.77 15.90 -35.15
CA THR B 207 41.10 16.05 -35.74
C THR B 207 41.22 17.37 -36.49
N ASN B 208 40.34 17.61 -37.46
CA ASN B 208 40.42 18.82 -38.28
C ASN B 208 39.66 20.00 -37.67
N GLY B 209 38.87 19.77 -36.63
CA GLY B 209 38.22 20.85 -35.91
C GLY B 209 36.93 21.38 -36.51
N ARG B 210 36.44 20.78 -37.59
CA ARG B 210 35.27 21.30 -38.27
C ARG B 210 33.99 20.83 -37.60
N LYS B 211 33.03 21.74 -37.49
CA LYS B 211 31.67 21.33 -37.15
C LYS B 211 31.03 20.72 -38.39
N GLU B 212 30.65 19.46 -38.30
CA GLU B 212 30.16 18.72 -39.46
C GLU B 212 28.65 18.55 -39.49
N ALA B 213 28.01 18.46 -38.33
CA ALA B 213 26.56 18.36 -38.28
C ALA B 213 26.07 19.07 -37.03
N ASN B 214 24.86 19.60 -37.11
CA ASN B 214 24.27 20.33 -36.01
C ASN B 214 23.79 19.37 -34.93
N PHE B 215 23.40 19.93 -33.79
CA PHE B 215 22.89 19.13 -32.69
C PHE B 215 21.54 18.51 -33.07
N LYS B 216 21.10 17.58 -32.23
CA LYS B 216 19.75 17.02 -32.31
C LYS B 216 19.06 17.23 -30.99
N ARG B 217 17.76 17.53 -31.03
CA ARG B 217 17.00 17.74 -29.81
C ARG B 217 15.54 17.41 -30.05
N THR B 218 14.89 16.92 -29.00
CA THR B 218 13.43 16.84 -29.00
C THR B 218 12.85 18.23 -29.21
N VAL B 219 11.69 18.27 -29.86
CA VAL B 219 11.03 19.54 -30.18
C VAL B 219 10.83 20.35 -28.90
N LYS B 220 11.22 21.61 -28.93
CA LYS B 220 11.17 22.46 -27.75
C LYS B 220 9.73 22.68 -27.31
N TYR B 221 9.49 22.49 -26.00
CA TYR B 221 8.20 22.73 -25.35
C TYR B 221 7.11 21.76 -25.80
N ASP B 222 7.47 20.61 -26.35
CA ASP B 222 6.49 19.62 -26.82
C ASP B 222 6.23 18.64 -25.69
N SER B 223 5.11 18.80 -24.99
CA SER B 223 4.79 17.93 -23.87
C SER B 223 4.57 16.48 -24.28
N LYS B 224 4.31 16.22 -25.58
CA LYS B 224 4.18 14.85 -26.04
C LYS B 224 5.51 14.09 -25.98
N LEU B 225 6.63 14.80 -26.03
CA LEU B 225 7.94 14.17 -26.00
C LEU B 225 8.46 14.01 -24.57
N LEU B 226 8.39 15.07 -23.78
CA LEU B 226 8.85 15.05 -22.40
C LEU B 226 7.96 15.98 -21.58
N ASP B 227 7.55 15.51 -20.39
CA ASP B 227 6.66 16.29 -19.51
C ASP B 227 7.20 16.14 -18.09
N LYS B 228 8.03 17.10 -17.68
CA LYS B 228 8.72 17.08 -16.40
C LYS B 228 9.44 15.75 -16.15
N PRO B 229 10.37 15.36 -17.03
CA PRO B 229 11.04 14.07 -16.85
C PRO B 229 12.10 14.13 -15.77
N ASN B 230 12.30 12.97 -15.13
CA ASN B 230 13.41 12.75 -14.23
C ASN B 230 14.18 11.56 -14.79
N PHE B 231 15.39 11.81 -15.28
CA PHE B 231 16.17 10.77 -15.96
C PHE B 231 16.92 9.92 -14.95
N VAL B 232 17.03 8.62 -15.24
CA VAL B 232 17.66 7.69 -14.33
C VAL B 232 18.75 6.90 -15.03
N GLY B 233 18.86 7.02 -16.36
CA GLY B 233 19.89 6.31 -17.08
C GLY B 233 19.84 6.44 -18.60
N SER B 234 20.94 6.05 -19.24
CA SER B 234 21.03 6.06 -20.70
C SER B 234 22.14 5.13 -21.13
N PHE B 235 21.94 4.46 -22.27
CA PHE B 235 22.88 3.46 -22.75
C PHE B 235 22.89 3.45 -24.27
N GLU B 236 24.05 3.16 -24.85
CA GLU B 236 24.14 2.84 -26.27
C GLU B 236 24.06 1.32 -26.42
N ILE B 237 23.04 0.87 -27.14
CA ILE B 237 22.80 -0.55 -27.39
C ILE B 237 22.56 -0.72 -28.88
N GLY B 238 23.38 -1.54 -29.53
CA GLY B 238 23.21 -1.75 -30.95
C GLY B 238 23.32 -0.45 -31.72
N GLU B 239 22.33 -0.22 -32.60
CA GLU B 239 22.28 0.98 -33.42
C GLU B 239 21.52 2.13 -32.76
N PHE B 240 21.21 2.01 -31.47
CA PHE B 240 20.38 2.99 -30.78
C PHE B 240 21.10 3.54 -29.54
N VAL B 241 20.52 4.61 -29.01
CA VAL B 241 20.77 5.06 -27.65
C VAL B 241 19.42 5.07 -26.93
N TYR B 242 19.36 4.43 -25.76
CA TYR B 242 18.15 4.33 -24.98
C TYR B 242 18.24 5.24 -23.76
N PHE B 243 17.13 5.87 -23.41
CA PHE B 243 17.03 6.71 -22.23
C PHE B 243 15.94 6.16 -21.31
N PHE B 244 16.21 6.17 -20.00
CA PHE B 244 15.25 5.72 -19.01
C PHE B 244 14.90 6.88 -18.10
N PHE B 245 13.61 7.10 -17.89
CA PHE B 245 13.17 8.23 -17.08
C PHE B 245 11.72 8.01 -16.64
N ARG B 246 11.29 8.82 -15.69
CA ARG B 246 9.90 8.93 -15.32
C ARG B 246 9.42 10.35 -15.62
N GLU B 247 8.13 10.49 -15.86
CA GLU B 247 7.57 11.78 -16.24
C GLU B 247 6.08 11.79 -15.94
N HIS B 248 5.49 12.98 -15.92
CA HIS B 248 4.05 13.10 -15.82
C HIS B 248 3.40 12.34 -16.97
N ALA B 249 2.35 11.57 -16.64
CA ALA B 249 1.71 10.66 -17.60
C ALA B 249 0.66 11.44 -18.38
N VAL B 250 0.99 11.79 -19.63
CA VAL B 250 0.10 12.59 -20.44
C VAL B 250 -1.14 11.79 -20.86
N GLU B 251 -0.97 10.50 -21.15
CA GLU B 251 -2.11 9.68 -21.55
C GLU B 251 -3.02 9.33 -20.38
N TYR B 252 -2.72 9.82 -19.18
CA TYR B 252 -3.51 9.55 -17.99
C TYR B 252 -4.32 10.75 -17.52
N ILE B 253 -4.17 11.90 -18.19
CA ILE B 253 -4.71 13.16 -17.69
C ILE B 253 -6.22 13.10 -17.54
N ASN B 254 -6.93 12.39 -18.43
CA ASN B 254 -8.38 12.33 -18.31
C ASN B 254 -8.86 11.50 -17.14
N CYS B 255 -7.96 10.77 -16.46
CA CYS B 255 -8.34 9.96 -15.30
C CYS B 255 -7.72 10.45 -13.99
N GLY B 256 -6.77 11.36 -14.04
CA GLY B 256 -6.12 11.86 -12.83
C GLY B 256 -4.70 12.28 -13.13
N LYS B 257 -3.91 12.38 -12.06
CA LYS B 257 -2.50 12.74 -12.16
C LYS B 257 -1.66 11.52 -11.82
N ALA B 258 -0.71 11.21 -12.70
CA ALA B 258 0.17 10.07 -12.46
C ALA B 258 1.54 10.35 -13.09
N VAL B 259 2.54 9.66 -12.56
CA VAL B 259 3.89 9.64 -13.12
C VAL B 259 4.15 8.24 -13.66
N TYR B 260 4.51 8.15 -14.93
CA TYR B 260 4.82 6.88 -15.57
C TYR B 260 6.32 6.78 -15.83
N SER B 261 6.78 5.54 -16.02
CA SER B 261 8.16 5.26 -16.37
C SER B 261 8.25 5.04 -17.87
N ARG B 262 9.32 5.55 -18.48
CA ARG B 262 9.49 5.50 -19.92
C ARG B 262 10.87 4.98 -20.28
N VAL B 263 10.95 4.32 -21.42
CA VAL B 263 12.20 4.12 -22.14
C VAL B 263 12.04 4.81 -23.49
N ALA B 264 12.98 5.69 -23.82
CA ALA B 264 12.99 6.38 -25.11
C ALA B 264 14.16 5.86 -25.94
N ARG B 265 14.03 6.01 -27.26
CA ARG B 265 14.99 5.42 -28.18
C ARG B 265 15.21 6.34 -29.36
N VAL B 266 16.46 6.55 -29.72
CA VAL B 266 16.82 7.26 -30.94
C VAL B 266 17.82 6.42 -31.72
N CYS B 267 17.81 6.58 -33.03
CA CYS B 267 18.85 5.99 -33.86
C CYS B 267 20.09 6.86 -33.77
N LYS B 268 21.24 6.23 -33.52
CA LYS B 268 22.50 6.95 -33.63
C LYS B 268 22.67 7.51 -35.03
N ASN B 269 22.14 6.80 -36.03
CA ASN B 269 22.07 7.25 -37.42
C ASN B 269 21.48 8.65 -37.56
N ASP B 270 20.60 9.05 -36.65
CA ASP B 270 19.64 10.12 -36.90
C ASP B 270 20.34 11.42 -37.30
N ARG B 271 19.91 11.99 -38.43
CA ARG B 271 20.39 13.27 -38.90
C ARG B 271 19.29 14.33 -38.91
N GLY B 272 18.06 13.97 -38.55
CA GLY B 272 16.95 14.89 -38.61
C GLY B 272 16.32 14.92 -40.00
N GLY B 273 15.20 15.63 -40.08
CA GLY B 273 14.44 15.75 -41.32
C GLY B 273 14.93 16.86 -42.21
N LYS B 274 14.00 17.44 -42.95
CA LYS B 274 14.33 18.46 -43.95
C LYS B 274 14.54 19.81 -43.25
N TYR B 275 14.62 20.87 -44.06
CA TYR B 275 15.23 22.13 -43.62
C TYR B 275 14.59 22.67 -42.35
N MET B 276 13.25 22.73 -42.31
CA MET B 276 12.59 23.42 -41.21
C MET B 276 12.67 22.67 -39.88
N ILE B 277 12.96 21.38 -39.89
CA ILE B 277 12.99 20.59 -38.66
C ILE B 277 14.28 19.80 -38.56
N SER B 278 15.35 20.30 -39.20
CA SER B 278 16.58 19.52 -39.27
C SER B 278 17.20 19.30 -37.89
N GLN B 279 16.93 20.18 -36.94
CA GLN B 279 17.53 20.08 -35.62
C GLN B 279 16.85 19.06 -34.72
N ASN B 280 15.70 18.51 -35.12
CA ASN B 280 14.93 17.60 -34.28
C ASN B 280 15.19 16.15 -34.67
N TRP B 281 15.14 15.28 -33.66
CA TRP B 281 15.17 13.84 -33.90
C TRP B 281 14.11 13.46 -34.92
N ALA B 282 14.50 12.61 -35.86
CA ALA B 282 13.55 12.02 -36.80
C ALA B 282 13.15 10.60 -36.41
N THR B 283 13.75 10.05 -35.34
CA THR B 283 13.54 8.66 -34.96
C THR B 283 13.20 8.49 -33.49
N TYR B 284 12.80 9.55 -32.80
CA TYR B 284 12.54 9.50 -31.36
C TYR B 284 11.22 8.81 -31.08
N LEU B 285 11.27 7.70 -30.35
CA LEU B 285 10.08 7.02 -29.84
C LEU B 285 10.26 6.75 -28.35
N LYS B 286 9.14 6.63 -27.65
CA LYS B 286 9.17 6.26 -26.24
C LYS B 286 8.01 5.33 -25.94
N ALA B 287 8.16 4.54 -24.88
CA ALA B 287 7.16 3.58 -24.48
C ALA B 287 7.08 3.54 -22.97
N ARG B 288 5.87 3.37 -22.45
CA ARG B 288 5.70 3.10 -21.04
C ARG B 288 6.40 1.80 -20.66
N MET B 289 6.88 1.73 -19.42
CA MET B 289 7.48 0.52 -18.88
C MET B 289 6.54 -0.07 -17.84
N ASN B 290 6.30 -1.37 -17.95
CA ASN B 290 5.36 -2.08 -17.10
C ASN B 290 6.14 -2.77 -15.97
N CYS B 291 5.84 -2.38 -14.73
CA CYS B 291 6.33 -3.09 -13.55
C CYS B 291 5.12 -3.24 -12.63
N SER B 292 4.56 -4.45 -12.60
CA SER B 292 3.31 -4.66 -11.88
C SER B 292 3.26 -6.08 -11.33
N ILE B 293 2.48 -6.24 -10.26
CA ILE B 293 2.09 -7.56 -9.78
C ILE B 293 0.94 -8.04 -10.65
N SER B 294 1.10 -9.21 -11.25
CA SER B 294 0.16 -9.68 -12.26
C SER B 294 -1.12 -10.21 -11.62
N SER B 295 -2.27 -9.80 -12.17
CA SER B 295 -3.58 -10.34 -11.80
C SER B 295 -4.65 -9.72 -12.69
N GLU B 296 -5.92 -9.99 -12.37
CA GLU B 296 -7.01 -9.37 -13.12
C GLU B 296 -6.95 -7.85 -13.02
N PHE B 297 -6.54 -7.33 -11.86
CA PHE B 297 -6.32 -5.90 -11.66
C PHE B 297 -4.84 -5.73 -11.34
N PRO B 298 -3.99 -5.50 -12.35
CA PRO B 298 -2.56 -5.36 -12.08
C PRO B 298 -2.31 -4.22 -11.11
N PHE B 299 -1.33 -4.42 -10.22
CA PHE B 299 -0.91 -3.39 -9.28
C PHE B 299 0.42 -2.82 -9.75
N TYR B 300 0.42 -1.55 -10.12
CA TYR B 300 1.55 -0.93 -10.79
C TYR B 300 2.47 -0.21 -9.80
N PHE B 301 3.78 -0.35 -10.05
CA PHE B 301 4.82 0.50 -9.47
C PHE B 301 5.28 1.39 -10.63
N ASN B 302 4.84 2.65 -10.62
CA ASN B 302 4.88 3.47 -11.82
C ASN B 302 6.10 4.36 -11.94
N GLU B 303 6.85 4.59 -10.86
CA GLU B 303 7.89 5.63 -10.84
C GLU B 303 9.27 4.97 -10.74
N ILE B 304 9.95 4.87 -11.88
CA ILE B 304 11.28 4.29 -11.91
C ILE B 304 12.26 5.20 -11.17
N GLN B 305 13.12 4.59 -10.35
CA GLN B 305 14.10 5.32 -9.55
C GLN B 305 15.52 5.20 -10.06
N SER B 306 15.90 4.02 -10.54
CA SER B 306 17.23 3.83 -11.12
C SER B 306 17.17 2.62 -12.04
N VAL B 307 18.13 2.55 -12.95
CA VAL B 307 18.26 1.41 -13.86
C VAL B 307 19.72 0.99 -13.87
N TYR B 308 19.94 -0.32 -13.99
CA TYR B 308 21.28 -0.87 -14.04
C TYR B 308 21.42 -1.86 -15.18
N LYS B 309 22.55 -1.81 -15.86
CA LYS B 309 22.91 -2.78 -16.89
C LYS B 309 24.27 -3.37 -16.54
N MET B 310 24.42 -4.66 -16.74
CA MET B 310 25.71 -5.30 -16.51
C MET B 310 26.66 -4.92 -17.65
N PRO B 311 27.94 -4.65 -17.33
CA PRO B 311 28.87 -4.19 -18.37
C PRO B 311 28.98 -5.12 -19.57
N THR B 312 28.93 -6.43 -19.35
CA THR B 312 29.14 -7.40 -20.42
C THR B 312 27.85 -7.94 -21.03
N ASP B 313 26.70 -7.36 -20.69
CA ASP B 313 25.42 -7.86 -21.16
C ASP B 313 24.57 -6.68 -21.61
N ASP B 314 24.34 -6.56 -22.92
CA ASP B 314 23.52 -5.50 -23.48
C ASP B 314 22.09 -5.93 -23.74
N THR B 315 21.64 -7.04 -23.15
CA THR B 315 20.30 -7.55 -23.39
C THR B 315 19.37 -7.48 -22.19
N LYS B 316 19.88 -7.12 -21.01
CA LYS B 316 19.07 -7.10 -19.80
C LYS B 316 19.23 -5.78 -19.08
N PHE B 317 18.12 -5.27 -18.53
CA PHE B 317 18.09 -4.04 -17.77
C PHE B 317 17.32 -4.27 -16.49
N TYR B 318 17.88 -3.81 -15.37
CA TYR B 318 17.30 -4.02 -14.05
C TYR B 318 17.02 -2.66 -13.42
N ALA B 319 15.81 -2.49 -12.88
CA ALA B 319 15.37 -1.18 -12.46
C ALA B 319 14.55 -1.28 -11.17
N THR B 320 14.56 -0.18 -10.42
CA THR B 320 13.72 -0.03 -9.23
C THR B 320 12.53 0.86 -9.56
N PHE B 321 11.38 0.50 -9.00
CA PHE B 321 10.14 1.25 -9.19
C PHE B 321 9.47 1.42 -7.85
N THR B 322 8.94 2.62 -7.62
CA THR B 322 8.12 2.89 -6.45
C THR B 322 6.71 3.29 -6.89
N THR B 323 5.74 3.04 -6.01
CA THR B 323 4.47 3.71 -6.12
C THR B 323 4.70 5.19 -5.88
N ASN B 324 3.63 5.98 -5.96
CA ASN B 324 3.74 7.39 -5.62
C ASN B 324 4.06 7.53 -4.14
N THR B 325 5.05 8.38 -3.83
CA THR B 325 5.50 8.51 -2.46
C THR B 325 4.47 9.15 -1.54
N ASN B 326 3.42 9.75 -2.09
CA ASN B 326 2.29 10.17 -1.28
C ASN B 326 1.35 8.98 -1.12
N GLY B 327 0.88 8.76 0.11
CA GLY B 327 -0.01 7.64 0.36
C GLY B 327 0.72 6.39 0.80
N LEU B 328 0.07 5.25 0.59
CA LEU B 328 0.63 3.96 0.98
C LEU B 328 1.68 3.54 -0.05
N ILE B 329 2.88 3.21 0.43
CA ILE B 329 4.07 3.13 -0.41
C ILE B 329 4.52 1.69 -0.54
N GLY B 330 4.88 1.30 -1.76
CA GLY B 330 5.60 0.06 -1.99
C GLY B 330 6.66 0.28 -3.05
N SER B 331 7.62 -0.65 -3.10
CA SER B 331 8.69 -0.59 -4.07
C SER B 331 8.88 -1.97 -4.70
N ALA B 332 9.37 -1.97 -5.94
CA ALA B 332 9.58 -3.22 -6.66
C ALA B 332 10.85 -3.15 -7.48
N VAL B 333 11.36 -4.33 -7.81
CA VAL B 333 12.46 -4.49 -8.76
C VAL B 333 11.95 -5.32 -9.92
N CYS B 334 12.07 -4.78 -11.13
CA CYS B 334 11.67 -5.48 -12.34
C CYS B 334 12.86 -5.55 -13.29
N SER B 335 12.92 -6.63 -14.07
CA SER B 335 13.96 -6.79 -15.08
C SER B 335 13.34 -6.79 -16.47
N TYR B 336 14.13 -6.37 -17.46
CA TYR B 336 13.63 -6.18 -18.81
C TYR B 336 14.62 -6.72 -19.83
N ASP B 337 14.10 -7.40 -20.83
CA ASP B 337 14.89 -7.95 -21.93
C ASP B 337 14.80 -7.00 -23.12
N ILE B 338 15.95 -6.77 -23.77
CA ILE B 338 15.99 -5.82 -24.89
C ILE B 338 14.97 -6.18 -25.96
N ARG B 339 14.67 -7.47 -26.14
CA ARG B 339 13.72 -7.87 -27.16
C ARG B 339 12.31 -7.40 -26.81
N ASP B 340 11.94 -7.42 -25.52
CA ASP B 340 10.65 -6.89 -25.13
C ASP B 340 10.62 -5.38 -25.30
N ILE B 341 11.73 -4.69 -25.01
CA ILE B 341 11.81 -3.25 -25.23
C ILE B 341 11.58 -2.93 -26.70
N ASN B 342 12.30 -3.60 -27.59
CA ASN B 342 12.14 -3.34 -29.02
C ASN B 342 10.80 -3.86 -29.55
N ALA B 343 10.19 -4.84 -28.90
CA ALA B 343 8.87 -5.29 -29.31
C ALA B 343 7.85 -4.17 -29.21
N ALA B 344 7.96 -3.34 -28.17
CA ALA B 344 7.08 -2.18 -28.04
C ALA B 344 7.32 -1.18 -29.16
N PHE B 345 8.58 -0.90 -29.49
CA PHE B 345 8.88 0.04 -30.56
C PHE B 345 8.53 -0.51 -31.93
N ASP B 346 8.46 -1.83 -32.08
CA ASP B 346 8.00 -2.44 -33.33
C ASP B 346 6.50 -2.66 -33.37
N GLY B 347 5.77 -2.33 -32.30
CA GLY B 347 4.36 -2.58 -32.22
C GLY B 347 3.52 -1.39 -32.66
N LYS B 348 2.26 -1.41 -32.25
CA LYS B 348 1.32 -0.37 -32.64
C LYS B 348 1.68 0.96 -31.96
N PHE B 349 1.32 2.05 -32.62
CA PHE B 349 1.48 3.37 -32.07
C PHE B 349 0.23 3.78 -31.29
N LYS B 350 0.42 4.67 -30.32
CA LYS B 350 -0.67 5.29 -29.60
C LYS B 350 -1.04 6.61 -30.27
N GLU B 351 -2.31 6.97 -30.19
CA GLU B 351 -2.78 8.20 -30.82
C GLU B 351 -3.89 8.83 -30.01
N GLN B 352 -3.81 10.15 -29.86
CA GLN B 352 -4.93 10.97 -29.42
C GLN B 352 -5.29 11.84 -30.61
N ALA B 353 -6.37 11.48 -31.30
CA ALA B 353 -6.74 12.16 -32.54
C ALA B 353 -6.90 13.66 -32.32
N THR B 354 -7.79 14.06 -31.41
CA THR B 354 -7.96 15.45 -31.03
C THR B 354 -7.65 15.60 -29.54
N SER B 355 -7.59 16.85 -29.09
CA SER B 355 -7.29 17.10 -27.68
C SER B 355 -8.40 16.61 -26.76
N ASN B 356 -9.58 16.32 -27.30
CA ASN B 356 -10.69 15.77 -26.53
C ASN B 356 -10.97 14.31 -26.86
N SER B 357 -9.98 13.58 -27.37
CA SER B 357 -10.16 12.22 -27.81
C SER B 357 -9.54 11.25 -26.81
N ALA B 358 -10.03 10.01 -26.83
CA ALA B 358 -9.39 8.93 -26.09
C ALA B 358 -8.04 8.62 -26.71
N TRP B 359 -7.22 7.87 -25.97
CA TRP B 359 -5.94 7.39 -26.45
C TRP B 359 -6.12 5.97 -26.99
N LEU B 360 -5.87 5.80 -28.28
CA LEU B 360 -6.20 4.54 -28.95
C LEU B 360 -5.03 4.05 -29.79
N PRO B 361 -4.96 2.75 -30.06
CA PRO B 361 -3.89 2.24 -30.91
C PRO B 361 -4.16 2.51 -32.38
N VAL B 362 -3.08 2.76 -33.12
CA VAL B 362 -3.18 3.12 -34.53
C VAL B 362 -3.22 1.86 -35.37
N LEU B 363 -4.17 1.80 -36.31
CA LEU B 363 -4.21 0.73 -37.28
C LEU B 363 -2.91 0.71 -38.09
N ASN B 364 -2.31 -0.47 -38.22
CA ASN B 364 -1.03 -0.58 -38.92
C ASN B 364 -1.11 -0.08 -40.35
N SER B 365 -2.28 -0.22 -40.99
CA SER B 365 -2.46 0.28 -42.35
C SER B 365 -2.35 1.79 -42.44
N LYS B 366 -2.45 2.50 -41.31
CA LYS B 366 -2.32 3.95 -41.30
C LYS B 366 -0.88 4.41 -41.10
N VAL B 367 0.06 3.50 -40.88
CA VAL B 367 1.45 3.83 -40.59
C VAL B 367 2.21 3.99 -41.90
N PRO B 368 2.92 5.09 -42.12
CA PRO B 368 3.66 5.27 -43.37
C PRO B 368 4.90 4.39 -43.43
N GLU B 369 5.50 4.35 -44.62
CA GLU B 369 6.72 3.61 -44.89
C GLU B 369 7.79 4.54 -45.43
N PRO B 370 9.06 4.36 -45.02
CA PRO B 370 9.57 3.40 -44.03
C PRO B 370 8.94 3.60 -42.65
N ARG B 371 8.86 2.53 -41.88
CA ARG B 371 8.20 2.60 -40.58
C ARG B 371 8.86 3.66 -39.71
N PRO B 372 8.10 4.56 -39.09
CA PRO B 372 8.72 5.57 -38.23
C PRO B 372 9.47 4.93 -37.08
N GLY B 373 10.63 5.50 -36.76
CA GLY B 373 11.46 4.98 -35.70
C GLY B 373 12.52 3.99 -36.14
N THR B 374 12.47 3.51 -37.37
CA THR B 374 13.55 2.69 -37.91
C THR B 374 14.69 3.58 -38.40
N CYS B 375 15.89 3.04 -38.40
CA CYS B 375 17.09 3.82 -38.66
C CYS B 375 17.38 3.88 -40.15
N HIS B 376 17.90 5.03 -40.58
CA HIS B 376 18.23 5.26 -41.99
C HIS B 376 19.39 6.23 -42.09
N ASN B 377 20.29 5.97 -43.04
CA ASN B 377 21.49 6.78 -43.20
C ASN B 377 21.19 8.23 -43.53
N ASP B 378 20.01 8.53 -44.08
CA ASP B 378 19.69 9.82 -44.65
C ASP B 378 18.25 10.17 -44.31
N THR B 379 18.00 10.56 -43.06
CA THR B 379 16.64 10.80 -42.58
C THR B 379 15.95 11.96 -43.28
N ALA B 380 16.71 12.91 -43.83
CA ALA B 380 16.10 13.98 -44.62
C ALA B 380 15.45 13.44 -45.89
N THR B 381 15.89 12.27 -46.37
CA THR B 381 15.32 11.64 -47.55
C THR B 381 14.00 10.93 -47.25
N LEU B 382 13.75 10.58 -45.98
CA LEU B 382 12.48 9.96 -45.60
C LEU B 382 11.31 10.80 -46.09
N PRO B 383 10.22 10.18 -46.53
CA PRO B 383 9.05 10.97 -46.94
C PRO B 383 8.54 11.81 -45.78
N ASP B 384 8.04 13.01 -46.10
CA ASP B 384 7.53 13.91 -45.08
C ASP B 384 6.45 13.26 -44.24
N SER B 385 5.68 12.33 -44.83
CA SER B 385 4.62 11.66 -44.10
C SER B 385 5.18 10.84 -42.94
N VAL B 386 6.38 10.28 -43.10
CA VAL B 386 7.03 9.57 -41.99
C VAL B 386 7.32 10.55 -40.86
N LEU B 387 7.93 11.69 -41.20
CA LEU B 387 8.27 12.69 -40.18
C LEU B 387 7.02 13.30 -39.56
N ASN B 388 6.00 13.60 -40.37
CA ASN B 388 4.74 14.10 -39.83
C ASN B 388 4.16 13.12 -38.83
N PHE B 389 4.21 11.82 -39.15
CA PHE B 389 3.63 10.82 -38.28
C PHE B 389 4.40 10.71 -36.95
N ILE B 390 5.72 10.60 -37.04
CA ILE B 390 6.50 10.34 -35.83
C ILE B 390 6.48 11.54 -34.89
N ARG B 391 6.32 12.76 -35.43
CA ARG B 391 6.23 13.92 -34.57
C ARG B 391 4.87 14.00 -33.87
N LYS B 392 3.83 13.38 -34.44
CA LYS B 392 2.53 13.33 -33.79
C LYS B 392 2.35 12.08 -32.93
N HIS B 393 3.12 11.02 -33.16
CA HIS B 393 2.97 9.75 -32.44
C HIS B 393 4.28 9.29 -31.82
N PRO B 394 4.83 10.06 -30.87
CA PRO B 394 6.07 9.61 -30.22
C PRO B 394 5.87 8.45 -29.27
N LEU B 395 4.66 8.24 -28.76
CA LEU B 395 4.39 7.27 -27.71
C LEU B 395 3.82 5.98 -28.30
N MET B 396 4.43 4.85 -27.95
CA MET B 396 3.97 3.56 -28.41
C MET B 396 2.76 3.11 -27.59
N ASP B 397 1.91 2.29 -28.21
CA ASP B 397 0.75 1.78 -27.48
C ASP B 397 1.17 0.75 -26.44
N LYS B 398 2.10 -0.13 -26.78
CA LYS B 398 2.49 -1.21 -25.89
C LYS B 398 3.34 -0.69 -24.73
N ALA B 399 3.05 -1.18 -23.53
CA ALA B 399 3.94 -0.98 -22.39
C ALA B 399 4.92 -2.14 -22.34
N VAL B 400 6.21 -1.82 -22.18
CA VAL B 400 7.25 -2.84 -22.24
C VAL B 400 6.99 -3.92 -21.21
N ASP B 401 6.93 -5.17 -21.67
CA ASP B 401 6.74 -6.30 -20.79
C ASP B 401 7.93 -6.46 -19.84
N HIS B 402 7.66 -6.60 -18.55
CA HIS B 402 8.67 -6.99 -17.59
C HIS B 402 8.74 -8.51 -17.52
N GLU B 403 9.94 -9.02 -17.22
CA GLU B 403 10.16 -10.45 -17.27
C GLU B 403 9.32 -11.16 -16.22
N PHE B 404 8.69 -12.27 -16.64
CA PHE B 404 7.82 -13.11 -15.83
C PHE B 404 6.55 -12.38 -15.40
N GLY B 405 6.34 -11.16 -15.90
CA GLY B 405 5.12 -10.43 -15.61
C GLY B 405 4.91 -10.10 -14.14
N ASN B 406 5.96 -10.18 -13.33
CA ASN B 406 5.88 -9.85 -11.91
C ASN B 406 7.21 -9.25 -11.49
N PRO B 407 7.24 -8.50 -10.39
CA PRO B 407 8.53 -8.03 -9.88
C PRO B 407 9.42 -9.18 -9.47
N VAL B 408 10.73 -9.02 -9.68
CA VAL B 408 11.70 -9.92 -9.07
C VAL B 408 11.47 -9.97 -7.56
N PHE B 409 11.18 -8.81 -6.98
CA PHE B 409 11.05 -8.64 -5.54
C PHE B 409 10.30 -7.34 -5.34
N PHE B 410 9.41 -7.33 -4.35
CA PHE B 410 8.73 -6.10 -3.98
C PHE B 410 8.57 -6.06 -2.46
N LYS B 411 8.41 -4.85 -1.94
CA LYS B 411 8.38 -4.64 -0.49
C LYS B 411 7.49 -3.46 -0.17
N ARG B 412 6.58 -3.66 0.78
CA ARG B 412 5.78 -2.56 1.29
C ARG B 412 6.63 -1.68 2.20
N ASP B 413 6.23 -0.41 2.31
CA ASP B 413 6.70 0.55 3.31
C ASP B 413 8.17 0.93 3.14
N VAL B 414 8.82 0.56 2.05
CA VAL B 414 10.20 0.91 1.81
C VAL B 414 10.31 1.56 0.44
N ILE B 415 11.21 2.53 0.32
CA ILE B 415 11.48 3.19 -0.95
C ILE B 415 12.83 2.71 -1.45
N LEU B 416 12.83 1.92 -2.53
CA LEU B 416 14.07 1.42 -3.11
C LEU B 416 14.57 2.41 -4.16
N THR B 417 15.87 2.68 -4.11
CA THR B 417 16.46 3.64 -5.03
C THR B 417 17.52 3.04 -5.93
N LYS B 418 18.80 3.30 -5.67
CA LYS B 418 19.85 2.80 -6.55
C LYS B 418 19.96 1.28 -6.45
N LEU B 419 20.51 0.67 -7.50
CA LEU B 419 20.72 -0.77 -7.51
C LEU B 419 21.87 -1.14 -8.44
N VAL B 420 22.55 -2.25 -8.09
CA VAL B 420 23.50 -2.93 -8.95
C VAL B 420 23.17 -4.41 -8.90
N VAL B 421 23.54 -5.14 -9.96
CA VAL B 421 23.19 -6.55 -10.10
C VAL B 421 24.42 -7.32 -10.53
N ASP B 422 24.76 -8.35 -9.75
CA ASP B 422 25.88 -9.23 -10.03
C ASP B 422 25.37 -10.57 -10.55
N LYS B 423 26.17 -11.23 -11.39
CA LYS B 423 25.82 -12.53 -11.93
C LYS B 423 26.87 -13.54 -11.49
N ILE B 424 26.42 -14.56 -10.75
CA ILE B 424 27.27 -15.70 -10.39
C ILE B 424 26.95 -16.83 -11.37
N ARG B 425 27.98 -17.33 -12.05
CA ARG B 425 27.81 -18.40 -13.02
C ARG B 425 28.15 -19.74 -12.36
N ILE B 426 27.20 -20.67 -12.39
CA ILE B 426 27.44 -22.04 -11.97
C ILE B 426 27.82 -22.85 -13.20
N ASP B 427 28.90 -23.63 -13.10
CA ASP B 427 29.34 -24.41 -14.24
C ASP B 427 28.37 -25.54 -14.54
N LYS B 428 27.98 -26.29 -13.51
CA LYS B 428 27.09 -27.42 -13.70
C LYS B 428 25.74 -26.96 -14.24
N LEU B 429 25.39 -27.43 -15.44
CA LEU B 429 24.10 -27.23 -16.08
C LEU B 429 23.83 -25.78 -16.48
N ASN B 430 24.88 -24.97 -16.66
CA ASN B 430 24.76 -23.61 -17.19
C ASN B 430 23.79 -22.76 -16.36
N GLN B 431 23.78 -22.97 -15.05
CA GLN B 431 22.90 -22.23 -14.17
C GLN B 431 23.56 -20.93 -13.73
N GLU B 432 22.76 -20.06 -13.10
CA GLU B 432 23.30 -18.78 -12.65
C GLU B 432 22.41 -18.20 -11.56
N PHE B 433 23.06 -17.50 -10.63
CA PHE B 433 22.38 -16.66 -9.67
C PHE B 433 22.56 -15.19 -10.06
N LEU B 434 21.51 -14.40 -9.90
CA LEU B 434 21.62 -12.95 -9.93
C LEU B 434 21.48 -12.45 -8.50
N VAL B 435 22.37 -11.56 -8.10
CA VAL B 435 22.33 -10.97 -6.77
C VAL B 435 22.10 -9.47 -6.94
N TYR B 436 20.95 -9.00 -6.47
CA TYR B 436 20.62 -7.59 -6.50
C TYR B 436 21.09 -6.93 -5.21
N PHE B 437 21.75 -5.78 -5.35
CA PHE B 437 22.11 -4.93 -4.22
C PHE B 437 21.34 -3.63 -4.40
N VAL B 438 20.37 -3.38 -3.53
CA VAL B 438 19.38 -2.32 -3.74
C VAL B 438 19.40 -1.39 -2.53
N ALA B 439 19.65 -0.10 -2.78
CA ALA B 439 19.67 0.88 -1.71
C ALA B 439 18.24 1.30 -1.34
N THR B 440 18.10 1.84 -0.13
CA THR B 440 16.85 2.42 0.33
C THR B 440 17.10 3.86 0.78
N THR B 441 16.02 4.63 0.87
CA THR B 441 16.15 6.01 1.34
C THR B 441 16.66 6.09 2.78
N SER B 442 16.52 5.01 3.55
CA SER B 442 16.98 4.98 4.93
C SER B 442 18.45 4.62 5.05
N GLY B 443 19.14 4.38 3.94
CA GLY B 443 20.56 4.11 3.96
C GLY B 443 20.96 2.65 3.96
N HIS B 444 20.01 1.74 3.76
CA HIS B 444 20.28 0.31 3.80
C HIS B 444 20.44 -0.27 2.40
N ILE B 445 21.14 -1.40 2.33
CA ILE B 445 21.30 -2.16 1.10
C ILE B 445 20.60 -3.50 1.28
N TYR B 446 19.64 -3.78 0.40
CA TYR B 446 19.01 -5.10 0.35
C TYR B 446 19.83 -6.01 -0.55
N LYS B 447 20.11 -7.23 -0.08
CA LYS B 447 20.85 -8.23 -0.85
C LYS B 447 19.87 -9.34 -1.22
N ILE B 448 19.44 -9.36 -2.48
CA ILE B 448 18.41 -10.27 -2.97
C ILE B 448 19.02 -11.18 -4.02
N VAL B 449 18.92 -12.50 -3.80
CA VAL B 449 19.37 -13.48 -4.77
C VAL B 449 18.17 -13.95 -5.59
N GLN B 450 18.37 -14.08 -6.90
CA GLN B 450 17.37 -14.61 -7.81
C GLN B 450 17.87 -15.94 -8.35
N PHE B 451 17.01 -16.95 -8.33
CA PHE B 451 17.38 -18.27 -8.82
C PHE B 451 16.23 -18.87 -9.62
N MET B 452 16.57 -19.83 -10.47
CA MET B 452 15.62 -20.46 -11.39
C MET B 452 15.37 -21.90 -10.97
N HIS B 453 14.12 -22.34 -11.14
CA HIS B 453 13.72 -23.68 -10.72
C HIS B 453 12.52 -24.10 -11.56
N TYR B 454 12.68 -25.17 -12.34
CA TYR B 454 11.64 -25.67 -13.23
C TYR B 454 11.13 -24.59 -14.17
N GLY B 455 12.02 -23.71 -14.62
CA GLY B 455 11.63 -22.62 -15.50
C GLY B 455 10.91 -21.48 -14.82
N GLN B 456 10.79 -21.52 -13.50
CA GLN B 456 10.15 -20.46 -12.73
C GLN B 456 11.21 -19.63 -12.02
N ARG B 457 10.98 -18.33 -11.92
CA ARG B 457 11.90 -17.43 -11.24
C ARG B 457 11.50 -17.28 -9.78
N HIS B 458 12.48 -17.34 -8.90
CA HIS B 458 12.29 -17.10 -7.48
C HIS B 458 13.33 -16.10 -7.00
N SER B 459 13.03 -15.44 -5.88
CA SER B 459 13.97 -14.52 -5.25
C SER B 459 13.90 -14.70 -3.75
N ASN B 460 15.00 -14.37 -3.08
CA ASN B 460 15.07 -14.49 -1.64
C ASN B 460 15.92 -13.36 -1.08
N LEU B 461 15.38 -12.63 -0.10
CA LEU B 461 16.13 -11.59 0.58
C LEU B 461 17.16 -12.24 1.52
N VAL B 462 18.43 -12.17 1.16
CA VAL B 462 19.49 -12.81 1.92
C VAL B 462 19.95 -11.96 3.08
N ASP B 463 20.12 -10.66 2.88
CA ASP B 463 20.70 -9.82 3.93
C ASP B 463 20.25 -8.37 3.75
N ILE B 464 20.27 -7.65 4.87
CA ILE B 464 20.17 -6.21 4.90
C ILE B 464 21.34 -5.70 5.73
N PHE B 465 22.08 -4.73 5.21
CA PHE B 465 23.13 -4.08 5.98
C PHE B 465 23.09 -2.59 5.72
N GLU B 466 23.83 -1.85 6.55
CA GLU B 466 23.79 -0.40 6.55
C GLU B 466 25.00 0.15 5.80
N ALA B 467 24.74 0.96 4.77
CA ALA B 467 25.78 1.61 4.02
C ALA B 467 25.89 3.10 4.31
N SER B 468 24.89 3.70 4.94
CA SER B 468 24.87 5.13 5.21
C SER B 468 23.86 5.41 6.32
N PRO B 469 24.10 6.42 7.15
CA PRO B 469 23.09 6.79 8.15
C PRO B 469 21.78 7.20 7.50
N HIS B 470 20.71 7.12 8.30
CA HIS B 470 19.37 7.39 7.79
C HIS B 470 19.26 8.80 7.21
N SER B 471 19.81 9.79 7.90
CA SER B 471 19.70 11.18 7.45
C SER B 471 20.61 11.48 6.27
N GLU B 472 21.48 10.55 5.87
CA GLU B 472 22.39 10.78 4.75
C GLU B 472 22.02 9.85 3.61
N PRO B 473 21.32 10.33 2.59
CA PRO B 473 20.85 9.45 1.52
C PRO B 473 22.00 8.94 0.65
N ILE B 474 21.73 7.84 -0.03
CA ILE B 474 22.68 7.24 -0.97
C ILE B 474 22.46 7.88 -2.34
N ARG B 475 23.52 8.47 -2.89
CA ARG B 475 23.43 9.24 -4.12
C ARG B 475 23.84 8.47 -5.36
N GLU B 476 24.83 7.58 -5.26
CA GLU B 476 25.30 6.80 -6.39
C GLU B 476 25.74 5.43 -5.90
N MET B 477 25.57 4.43 -6.74
CA MET B 477 26.03 3.08 -6.43
C MET B 477 26.52 2.40 -7.70
N THR B 478 27.71 1.81 -7.64
CA THR B 478 28.25 1.04 -8.75
C THR B 478 28.85 -0.25 -8.22
N LEU B 479 29.30 -1.11 -9.12
CA LEU B 479 29.75 -2.45 -8.78
C LEU B 479 30.94 -2.83 -9.64
N SER B 480 32.00 -3.33 -9.00
CA SER B 480 33.17 -3.85 -9.69
C SER B 480 33.23 -5.36 -9.49
N HIS B 481 32.92 -6.11 -10.55
CA HIS B 481 33.08 -7.55 -10.49
C HIS B 481 34.55 -7.94 -10.31
N LYS B 482 35.46 -7.11 -10.84
CA LYS B 482 36.88 -7.41 -10.71
C LYS B 482 37.33 -7.40 -9.25
N THR B 483 36.88 -6.43 -8.48
CA THR B 483 37.27 -6.30 -7.07
C THR B 483 36.27 -6.92 -6.11
N GLY B 484 35.13 -7.39 -6.61
CA GLY B 484 34.12 -7.95 -5.72
C GLY B 484 33.56 -6.95 -4.74
N SER B 485 33.47 -5.68 -5.14
CA SER B 485 33.01 -4.61 -4.27
C SER B 485 31.92 -3.80 -4.95
N LEU B 486 31.02 -3.26 -4.14
CA LEU B 486 30.16 -2.18 -4.57
C LEU B 486 30.65 -0.88 -3.95
N TYR B 487 30.26 0.23 -4.58
CA TYR B 487 30.73 1.55 -4.18
C TYR B 487 29.52 2.45 -4.01
N VAL B 488 29.44 3.13 -2.88
CA VAL B 488 28.30 3.95 -2.52
C VAL B 488 28.78 5.38 -2.30
N ALA B 489 28.10 6.34 -2.92
CA ALA B 489 28.41 7.75 -2.76
C ALA B 489 27.32 8.42 -1.96
N THR B 490 27.70 9.13 -0.91
CA THR B 490 26.82 10.01 -0.15
C THR B 490 27.40 11.42 -0.16
N ASP B 491 26.70 12.35 0.49
CA ASP B 491 27.21 13.71 0.57
C ASP B 491 28.50 13.79 1.38
N HIS B 492 28.76 12.81 2.25
CA HIS B 492 29.86 12.91 3.19
C HIS B 492 31.06 12.03 2.84
N GLN B 493 30.87 10.94 2.10
CA GLN B 493 31.98 10.05 1.82
C GLN B 493 31.64 9.14 0.64
N VAL B 494 32.63 8.32 0.26
CA VAL B 494 32.47 7.20 -0.64
C VAL B 494 32.84 5.95 0.14
N LYS B 495 32.02 4.90 0.03
CA LYS B 495 32.23 3.68 0.80
C LYS B 495 32.33 2.48 -0.13
N GLN B 496 33.40 1.71 0.02
CA GLN B 496 33.62 0.48 -0.71
C GLN B 496 33.25 -0.70 0.18
N ILE B 497 32.37 -1.56 -0.30
CA ILE B 497 31.82 -2.66 0.48
C ILE B 497 31.96 -3.94 -0.33
N ASP B 498 32.68 -4.93 0.22
CA ASP B 498 32.78 -6.23 -0.42
C ASP B 498 31.41 -6.89 -0.51
N ILE B 499 31.10 -7.44 -1.68
CA ILE B 499 29.82 -8.10 -1.87
C ILE B 499 29.78 -9.47 -1.21
N ALA B 500 30.92 -10.03 -0.84
CA ALA B 500 31.01 -11.31 -0.16
C ALA B 500 31.75 -11.10 1.15
N MET B 501 31.05 -11.29 2.27
CA MET B 501 31.61 -11.17 3.62
C MET B 501 31.31 -12.43 4.41
N CYS B 502 31.63 -13.58 3.83
CA CYS B 502 31.16 -14.85 4.38
C CYS B 502 31.66 -15.08 5.80
N ALA B 503 32.97 -14.92 6.03
CA ALA B 503 33.52 -15.22 7.35
C ALA B 503 33.13 -14.16 8.37
N ARG B 504 33.05 -12.90 7.95
CA ARG B 504 32.76 -11.82 8.89
C ARG B 504 31.29 -11.80 9.28
N ARG B 505 30.39 -11.88 8.29
CA ARG B 505 28.98 -11.64 8.54
C ARG B 505 28.32 -12.83 9.23
N TYR B 506 28.52 -14.03 8.72
CA TYR B 506 27.79 -15.22 9.16
C TYR B 506 28.68 -16.06 10.08
N ASP B 507 28.21 -16.27 11.31
CA ASP B 507 28.88 -17.21 12.22
C ASP B 507 28.02 -18.44 12.47
N SER B 508 27.01 -18.68 11.63
CA SER B 508 26.14 -19.84 11.74
C SER B 508 25.96 -20.48 10.37
N CYS B 509 25.79 -21.81 10.38
CA CYS B 509 25.47 -22.52 9.15
C CYS B 509 24.15 -22.03 8.57
N PHE B 510 23.16 -21.77 9.44
CA PHE B 510 21.83 -21.36 9.01
C PHE B 510 21.89 -20.18 8.04
N ARG B 511 22.62 -19.13 8.41
CA ARG B 511 22.72 -17.96 7.55
C ARG B 511 23.67 -18.18 6.39
N CYS B 512 24.73 -18.96 6.58
CA CYS B 512 25.77 -19.08 5.57
C CYS B 512 25.27 -19.76 4.31
N VAL B 513 24.50 -20.86 4.45
CA VAL B 513 24.11 -21.66 3.29
C VAL B 513 23.15 -20.92 2.37
N SER B 514 22.51 -19.85 2.84
CA SER B 514 21.54 -19.13 2.01
C SER B 514 22.18 -18.06 1.14
N ASP B 515 23.44 -17.72 1.36
CA ASP B 515 24.12 -16.70 0.58
C ASP B 515 24.81 -17.35 -0.62
N PRO B 516 24.52 -16.93 -1.85
CA PRO B 516 25.14 -17.59 -3.01
C PRO B 516 26.65 -17.41 -3.10
N TYR B 517 27.21 -16.42 -2.39
CA TYR B 517 28.65 -16.22 -2.39
C TYR B 517 29.38 -17.12 -1.41
N CYS B 518 28.66 -17.83 -0.54
CA CYS B 518 29.26 -18.44 0.64
C CYS B 518 28.93 -19.92 0.72
N GLY B 519 29.65 -20.60 1.61
CA GLY B 519 29.39 -22.00 1.91
C GLY B 519 29.89 -22.34 3.29
N TRP B 520 29.24 -23.29 3.93
CA TRP B 520 29.58 -23.66 5.30
C TRP B 520 30.56 -24.81 5.31
N ASP B 521 31.65 -24.63 6.06
CA ASP B 521 32.68 -25.64 6.23
C ASP B 521 32.51 -26.27 7.60
N LYS B 522 32.17 -27.56 7.63
CA LYS B 522 32.00 -28.24 8.91
C LYS B 522 33.32 -28.57 9.57
N ASP B 523 34.39 -28.74 8.79
CA ASP B 523 35.70 -29.03 9.36
C ASP B 523 36.15 -27.91 10.29
N VAL B 524 36.05 -26.66 9.83
CA VAL B 524 36.45 -25.51 10.63
C VAL B 524 35.29 -24.92 11.43
N ASN B 525 34.05 -25.29 11.10
CA ASN B 525 32.86 -24.73 11.74
C ASN B 525 32.81 -23.21 11.56
N ALA B 526 32.80 -22.79 10.30
CA ALA B 526 32.78 -21.37 9.95
C ALA B 526 32.22 -21.23 8.54
N CYS B 527 32.05 -19.98 8.13
CA CYS B 527 31.55 -19.65 6.80
C CYS B 527 32.71 -19.14 5.96
N ARG B 528 32.85 -19.68 4.76
CA ARG B 528 33.95 -19.38 3.85
C ARG B 528 33.39 -18.98 2.49
N PRO B 529 34.20 -18.30 1.67
CA PRO B 529 33.80 -18.10 0.28
C PRO B 529 33.52 -19.44 -0.38
N TYR B 530 32.43 -19.51 -1.15
CA TYR B 530 31.98 -20.80 -1.64
C TYR B 530 33.00 -21.43 -2.57
N GLN B 531 33.20 -22.73 -2.39
CA GLN B 531 33.92 -23.57 -3.34
C GLN B 531 33.25 -24.94 -3.33
N LEU B 532 33.53 -25.73 -4.37
CA LEU B 532 32.91 -27.04 -4.50
C LEU B 532 33.23 -27.90 -3.28
N GLY B 533 32.18 -28.35 -2.59
CA GLY B 533 32.32 -29.16 -1.38
C GLY B 533 31.66 -28.55 -0.16
N LEU B 534 31.66 -27.23 -0.05
CA LEU B 534 31.04 -26.57 1.08
C LEU B 534 29.52 -26.67 0.99
N LEU B 535 28.87 -26.53 2.14
CA LEU B 535 27.42 -26.62 2.21
C LEU B 535 26.78 -25.32 1.76
N GLN B 536 25.83 -25.42 0.82
CA GLN B 536 25.09 -24.26 0.34
C GLN B 536 23.70 -24.72 -0.06
N ASP B 537 22.71 -23.86 0.19
CA ASP B 537 21.32 -24.16 -0.14
C ASP B 537 20.60 -22.83 -0.39
N VAL B 538 21.02 -22.14 -1.44
CA VAL B 538 20.42 -20.85 -1.80
C VAL B 538 18.93 -21.00 -2.04
N ALA B 539 18.53 -22.05 -2.75
CA ALA B 539 17.13 -22.27 -3.10
C ALA B 539 16.33 -22.89 -1.97
N ASN B 540 16.96 -23.27 -0.88
CA ASN B 540 16.32 -23.96 0.24
C ASN B 540 15.60 -25.22 -0.25
N GLU B 541 16.39 -26.12 -0.83
CA GLU B 541 15.88 -27.39 -1.33
C GLU B 541 16.31 -28.58 -0.46
N THR B 542 17.18 -28.36 0.52
CA THR B 542 17.62 -29.39 1.46
C THR B 542 17.57 -28.76 2.84
N SER B 543 16.36 -28.67 3.40
CA SER B 543 16.13 -27.85 4.59
C SER B 543 16.93 -28.33 5.80
N GLY B 544 17.25 -29.62 5.86
CA GLY B 544 17.98 -30.15 7.00
C GLY B 544 19.48 -30.14 6.81
N ILE B 545 19.99 -29.26 5.95
CA ILE B 545 21.39 -29.27 5.59
C ILE B 545 22.27 -28.84 6.77
N CYS B 546 21.76 -27.98 7.64
CA CYS B 546 22.54 -27.45 8.75
C CYS B 546 22.24 -28.13 10.08
N ASP B 547 21.45 -29.20 10.08
CA ASP B 547 21.02 -29.82 11.33
C ASP B 547 22.21 -30.27 12.18
N THR B 548 23.22 -30.86 11.55
CA THR B 548 24.40 -31.33 12.29
C THR B 548 25.33 -30.21 12.70
N SER B 549 25.01 -28.95 12.36
CA SER B 549 25.90 -27.82 12.65
C SER B 549 25.20 -26.74 13.47
N VAL B 550 24.06 -27.06 14.10
CA VAL B 550 23.32 -26.05 14.84
C VAL B 550 23.93 -25.85 16.22
N LEU B 551 23.55 -24.75 16.86
CA LEU B 551 23.98 -24.45 18.22
C LEU B 551 23.27 -25.38 19.19
N ARG B 552 24.05 -26.15 19.97
CA ARG B 552 23.50 -27.08 20.94
C ARG B 552 24.17 -26.86 22.29
N LYS B 553 23.36 -26.72 23.34
CA LYS B 553 23.90 -26.49 24.68
C LYS B 553 22.89 -26.96 25.72
N LYS B 554 23.39 -27.20 26.93
CA LYS B 554 22.60 -27.65 28.07
C LYS B 554 22.53 -26.56 29.13
N VAL B 555 21.37 -26.44 29.77
CA VAL B 555 21.14 -25.42 30.79
C VAL B 555 20.41 -26.04 31.97
N THR B 556 20.53 -25.40 33.13
CA THR B 556 19.92 -25.84 34.37
C THR B 556 19.17 -24.69 35.01
N SER B 557 18.04 -25.00 35.66
CA SER B 557 17.21 -24.01 36.32
C SER B 557 16.96 -24.45 37.76
N SER B 558 17.19 -23.54 38.70
CA SER B 558 17.15 -23.85 40.12
C SER B 558 15.87 -23.30 40.75
N TYR B 559 15.20 -24.13 41.54
CA TYR B 559 14.03 -23.73 42.33
C TYR B 559 12.93 -23.11 41.46
N GLY B 560 12.87 -23.49 40.20
CA GLY B 560 11.81 -22.99 39.33
C GLY B 560 11.89 -21.52 39.03
N GLN B 561 13.10 -21.00 38.84
CA GLN B 561 13.26 -19.61 38.46
C GLN B 561 12.99 -19.43 36.97
N THR B 562 12.75 -18.19 36.58
CA THR B 562 12.49 -17.89 35.17
C THR B 562 13.72 -18.24 34.32
N LEU B 563 13.47 -18.90 33.20
CA LEU B 563 14.52 -19.38 32.31
C LEU B 563 14.34 -18.77 30.93
N HIS B 564 15.44 -18.34 30.33
CA HIS B 564 15.43 -17.68 29.02
C HIS B 564 16.28 -18.50 28.06
N LEU B 565 15.62 -19.10 27.06
CA LEU B 565 16.29 -19.81 25.99
C LEU B 565 16.40 -18.91 24.77
N SER B 566 17.50 -19.06 24.02
CA SER B 566 17.75 -18.19 22.88
C SER B 566 18.76 -18.84 21.95
N CYS B 567 18.74 -18.39 20.69
CA CYS B 567 19.72 -18.81 19.69
C CYS B 567 20.60 -17.67 19.20
N PHE B 568 20.01 -16.50 18.94
CA PHE B 568 20.75 -15.34 18.45
C PHE B 568 20.94 -14.32 19.57
N VAL B 569 22.06 -13.60 19.51
CA VAL B 569 22.20 -12.38 20.31
C VAL B 569 21.19 -11.34 19.84
N LYS B 570 21.25 -10.99 18.56
CA LYS B 570 20.22 -10.21 17.90
C LYS B 570 19.79 -10.98 16.66
N MET B 571 18.48 -11.19 16.51
CA MET B 571 17.96 -11.87 15.34
C MET B 571 18.27 -11.04 14.10
N PRO B 572 18.93 -11.59 13.08
CA PRO B 572 19.20 -10.82 11.87
C PRO B 572 17.91 -10.29 11.25
N GLU B 573 18.00 -9.07 10.71
CA GLU B 573 16.80 -8.35 10.27
C GLU B 573 15.95 -9.18 9.32
N VAL B 574 16.58 -9.84 8.35
CA VAL B 574 15.83 -10.61 7.36
C VAL B 574 15.20 -11.86 7.96
N LEU B 575 15.60 -12.27 9.15
CA LEU B 575 15.04 -13.45 9.80
C LEU B 575 13.92 -13.13 10.79
N ARG B 576 13.72 -11.84 11.11
CA ARG B 576 12.62 -11.47 12.00
C ARG B 576 11.26 -11.66 11.34
N LYS B 577 11.22 -11.75 10.01
CA LYS B 577 9.96 -11.93 9.30
C LYS B 577 9.40 -13.34 9.46
N LYS B 578 10.25 -14.32 9.75
CA LYS B 578 9.83 -15.70 9.91
C LYS B 578 9.38 -15.96 11.34
N GLN B 579 8.70 -17.10 11.54
CA GLN B 579 8.11 -17.44 12.83
C GLN B 579 9.04 -18.34 13.60
N THR B 580 9.44 -17.90 14.80
CA THR B 580 10.16 -18.75 15.73
C THR B 580 9.18 -19.64 16.47
N ARG B 581 9.45 -20.94 16.49
CA ARG B 581 8.61 -21.89 17.20
C ARG B 581 9.51 -22.83 18.00
N TRP B 582 9.19 -23.00 19.28
CA TRP B 582 9.91 -23.91 20.15
C TRP B 582 9.12 -25.19 20.36
N TYR B 583 9.83 -26.31 20.37
CA TYR B 583 9.24 -27.63 20.62
C TYR B 583 9.89 -28.22 21.86
N HIS B 584 9.08 -28.91 22.66
CA HIS B 584 9.52 -29.46 23.95
C HIS B 584 9.37 -30.98 23.92
N HIS B 585 10.49 -31.69 24.04
CA HIS B 585 10.49 -33.14 24.09
C HIS B 585 10.68 -33.59 25.54
N SER B 586 9.67 -34.27 26.07
CA SER B 586 9.72 -34.84 27.41
C SER B 586 9.38 -36.32 27.34
N THR B 587 9.82 -37.06 28.35
CA THR B 587 9.53 -38.49 28.41
C THR B 587 8.10 -38.79 28.84
N GLU B 588 7.39 -37.82 29.41
CA GLU B 588 6.01 -38.00 29.84
C GLU B 588 5.02 -37.13 29.08
N LYS B 589 5.48 -36.18 28.27
CA LYS B 589 4.61 -35.33 27.47
C LYS B 589 4.79 -35.50 25.97
N GLY B 590 5.80 -36.24 25.53
CA GLY B 590 6.08 -36.37 24.11
C GLY B 590 6.61 -35.07 23.53
N ARG B 591 6.89 -35.11 22.22
CA ARG B 591 7.33 -33.93 21.49
C ARG B 591 6.10 -33.16 21.04
N TYR B 592 5.98 -31.91 21.52
CA TYR B 592 4.83 -31.07 21.22
C TYR B 592 5.32 -29.64 21.07
N GLU B 593 4.65 -28.89 20.20
CA GLU B 593 4.96 -27.47 20.06
C GLU B 593 4.53 -26.72 21.32
N VAL B 594 5.42 -25.90 21.85
CA VAL B 594 5.14 -25.15 23.07
C VAL B 594 4.11 -24.07 22.75
N ARG B 595 2.88 -24.27 23.21
CA ARG B 595 1.84 -23.27 23.03
C ARG B 595 2.14 -22.02 23.85
N TYR B 596 2.02 -20.85 23.23
CA TYR B 596 2.32 -19.59 23.90
C TYR B 596 1.14 -19.19 24.78
N THR B 597 1.31 -19.34 26.09
CA THR B 597 0.29 -18.97 27.06
C THR B 597 0.81 -17.83 27.92
N PRO B 598 0.01 -16.79 28.17
CA PRO B 598 0.54 -15.59 28.85
C PRO B 598 1.08 -15.86 30.25
N THR B 599 0.51 -16.82 30.98
CA THR B 599 0.95 -17.11 32.33
C THR B 599 2.09 -18.12 32.40
N LYS B 600 2.68 -18.49 31.26
CA LYS B 600 3.72 -19.50 31.27
C LYS B 600 4.80 -19.25 30.22
N TYR B 601 4.41 -19.02 28.98
CA TYR B 601 5.34 -18.91 27.86
C TYR B 601 5.20 -17.55 27.20
N ILE B 602 6.31 -16.81 27.13
CA ILE B 602 6.36 -15.47 26.56
C ILE B 602 7.42 -15.46 25.47
N ASP B 603 7.24 -14.56 24.49
CA ASP B 603 8.14 -14.45 23.36
C ASP B 603 9.16 -13.34 23.60
N THR B 604 10.38 -13.57 23.14
CA THR B 604 11.44 -12.57 23.15
C THR B 604 11.64 -12.02 21.73
N ASN B 605 11.81 -10.71 21.63
CA ASN B 605 11.93 -10.05 20.32
C ASN B 605 13.09 -10.59 19.49
N GLU B 606 14.02 -11.34 20.10
CA GLU B 606 15.12 -11.94 19.36
C GLU B 606 14.94 -13.44 19.17
N GLY B 607 13.70 -13.92 19.20
CA GLY B 607 13.40 -15.32 18.97
C GLY B 607 13.52 -16.20 20.19
N GLY B 608 13.66 -15.63 21.38
CA GLY B 608 13.85 -16.42 22.58
C GLY B 608 12.55 -16.97 23.14
N LEU B 609 12.69 -17.83 24.15
CA LEU B 609 11.57 -18.42 24.86
C LEU B 609 11.75 -18.17 26.35
N VAL B 610 10.72 -17.61 26.98
CA VAL B 610 10.76 -17.26 28.40
C VAL B 610 9.80 -18.20 29.13
N LEU B 611 10.35 -19.13 29.89
CA LEU B 611 9.57 -20.02 30.74
C LEU B 611 9.60 -19.45 32.17
N LEU B 612 8.46 -18.94 32.62
CA LEU B 612 8.31 -18.51 34.00
C LEU B 612 7.66 -19.63 34.80
N ALA B 613 8.00 -19.68 36.10
CA ALA B 613 7.52 -20.73 37.01
C ALA B 613 7.90 -22.12 36.49
N VAL B 614 9.22 -22.35 36.40
CA VAL B 614 9.72 -23.63 35.95
C VAL B 614 9.34 -24.72 36.93
N ASN B 615 8.95 -25.89 36.41
CA ASN B 615 8.60 -27.02 37.26
C ASN B 615 9.33 -28.28 36.81
N GLU B 616 8.94 -29.43 37.35
CA GLU B 616 9.59 -30.69 36.98
C GLU B 616 9.31 -31.06 35.54
N GLY B 617 8.05 -31.00 35.12
CA GLY B 617 7.68 -31.34 33.76
C GLY B 617 8.24 -30.43 32.69
N ASP B 618 8.76 -29.25 33.07
CA ASP B 618 9.33 -28.33 32.10
C ASP B 618 10.68 -28.82 31.56
N GLY B 619 11.38 -29.66 32.30
CA GLY B 619 12.66 -30.15 31.82
C GLY B 619 12.52 -31.05 30.62
N GLY B 620 13.57 -31.08 29.80
CA GLY B 620 13.61 -31.87 28.60
C GLY B 620 14.34 -31.13 27.50
N ARG B 621 14.18 -31.62 26.27
CA ARG B 621 14.84 -31.02 25.12
C ARG B 621 13.96 -29.94 24.51
N TYR B 622 14.57 -28.81 24.19
CA TYR B 622 13.88 -27.67 23.57
C TYR B 622 14.56 -27.34 22.25
N ASP B 623 13.88 -27.62 21.15
CA ASP B 623 14.35 -27.28 19.82
C ASP B 623 13.72 -25.98 19.35
N SER B 624 14.54 -25.08 18.84
CA SER B 624 14.07 -23.81 18.28
C SER B 624 14.12 -23.90 16.77
N TYR B 625 12.97 -23.74 16.13
CA TYR B 625 12.86 -23.77 14.68
C TYR B 625 12.48 -22.39 14.16
N LEU B 626 13.10 -21.98 13.07
CA LEU B 626 12.78 -20.73 12.38
C LEU B 626 12.07 -21.11 11.09
N ASP B 627 10.74 -20.99 11.09
CA ASP B 627 9.91 -21.31 9.94
C ASP B 627 10.06 -22.78 9.53
N GLY B 628 10.25 -23.63 10.53
CA GLY B 628 10.38 -25.06 10.29
C GLY B 628 11.76 -25.54 9.92
N THR B 629 12.80 -24.76 10.20
CA THR B 629 14.17 -25.18 10.01
C THR B 629 14.89 -25.06 11.34
N LEU B 630 15.65 -26.09 11.70
CA LEU B 630 16.31 -26.13 13.01
C LEU B 630 17.35 -25.02 13.11
N LEU B 631 17.21 -24.16 14.11
CA LEU B 631 18.16 -23.08 14.37
C LEU B 631 19.12 -23.40 15.50
N CYS B 632 18.59 -23.82 16.66
CA CYS B 632 19.43 -24.24 17.77
C CYS B 632 18.58 -25.08 18.71
N SER B 633 19.27 -25.88 19.54
CA SER B 633 18.60 -26.85 20.41
C SER B 633 19.15 -26.73 21.83
N TYR B 634 18.29 -27.06 22.79
CA TYR B 634 18.61 -26.96 24.21
C TYR B 634 18.36 -28.28 24.91
N GLY B 635 19.13 -28.52 25.97
CA GLY B 635 18.88 -29.61 26.89
C GLY B 635 18.61 -29.06 28.28
N VAL B 636 17.36 -29.09 28.71
CA VAL B 636 16.94 -28.45 29.95
C VAL B 636 16.76 -29.52 31.02
N THR B 637 17.44 -29.34 32.14
CA THR B 637 17.26 -30.16 33.34
C THR B 637 16.86 -29.25 34.50
N VAL B 638 15.96 -29.75 35.34
CA VAL B 638 15.42 -28.98 36.46
C VAL B 638 15.70 -29.72 37.75
N ASP B 639 16.13 -28.99 38.78
CA ASP B 639 16.40 -29.58 40.09
C ASP B 639 15.93 -28.67 41.23
C1 NAG C . -28.77 -12.99 29.42
C2 NAG C . -28.19 -12.77 30.82
C3 NAG C . -27.42 -14.01 31.26
C4 NAG C . -28.29 -15.26 31.15
C5 NAG C . -28.85 -15.37 29.73
C6 NAG C . -29.81 -16.53 29.56
C7 NAG C . -27.71 -10.43 31.41
C8 NAG C . -26.70 -9.33 31.36
N2 NAG C . -27.34 -11.59 30.86
O3 NAG C . -26.99 -13.84 32.60
O4 NAG C . -27.52 -16.41 31.45
O5 NAG C . -29.57 -14.18 29.40
O6 NAG C . -31.07 -16.25 30.16
O7 NAG C . -28.82 -10.29 31.92
C1 NAG C . -27.81 -17.00 32.66
C2 NAG C . -27.67 -18.52 32.72
C3 NAG C . -28.33 -19.07 33.98
C4 NAG C . -27.82 -18.34 35.22
C5 NAG C . -27.97 -16.83 35.05
C6 NAG C . -27.37 -16.05 36.20
C7 NAG C . -27.47 -19.55 30.50
C8 NAG C . -28.21 -20.17 29.35
N2 NAG C . -28.22 -19.15 31.53
O3 NAG C . -28.08 -20.46 34.09
O4 NAG C . -28.54 -18.76 36.37
O5 NAG C . -27.29 -16.41 33.85
O6 NAG C . -26.07 -15.56 35.87
O7 NAG C . -26.26 -19.42 30.49
C1 NAG D . -49.53 -12.27 16.72
C2 NAG D . -50.51 -12.91 17.71
C3 NAG D . -51.92 -12.95 17.11
C4 NAG D . -52.34 -11.58 16.63
C5 NAG D . -51.31 -11.05 15.64
C6 NAG D . -51.61 -9.66 15.14
C7 NAG D . -49.37 -14.50 19.20
C8 NAG D . -49.01 -15.94 19.42
N2 NAG D . -50.08 -14.25 18.09
O3 NAG D . -52.84 -13.43 18.09
O4 NAG D . -53.62 -11.65 15.99
O5 NAG D . -50.03 -10.99 16.29
O6 NAG D . -51.62 -8.71 16.20
O7 NAG D . -49.04 -13.62 19.97
C1 NAG D . -54.55 -10.90 16.68
C2 NAG D . -55.70 -10.41 15.79
C3 NAG D . -56.54 -9.38 16.52
C4 NAG D . -57.00 -9.92 17.88
C5 NAG D . -55.79 -10.41 18.68
C6 NAG D . -56.17 -11.06 19.98
C7 NAG D . -54.96 -10.58 13.45
C8 NAG D . -54.42 -9.84 12.26
N2 NAG D . -55.18 -9.85 14.54
O3 NAG D . -57.67 -9.04 15.74
O4 NAG D . -57.66 -8.90 18.62
O5 NAG D . -55.08 -11.40 17.91
O6 NAG D . -56.07 -12.47 19.91
O7 NAG D . -55.17 -11.79 13.42
C1 NAG E . -20.22 -9.06 -2.24
C2 NAG E . -19.49 -9.82 -3.33
C3 NAG E . -18.41 -10.70 -2.73
C4 NAG E . -17.50 -9.90 -1.80
C5 NAG E . -18.32 -9.12 -0.78
C6 NAG E . -17.49 -8.19 0.08
C7 NAG E . -20.39 -10.65 -5.46
C8 NAG E . -21.42 -11.52 -6.11
N2 NAG E . -20.41 -10.61 -4.13
O3 NAG E . -17.63 -11.28 -3.76
O4 NAG E . -16.64 -10.79 -1.10
O5 NAG E . -19.28 -8.30 -1.47
O6 NAG E . -17.04 -7.04 -0.63
O7 NAG E . -19.57 -10.01 -6.11
C1 NAG E . -15.37 -11.03 -1.60
C2 NAG E . -14.53 -11.28 -0.36
C3 NAG E . -13.31 -12.13 -0.72
C4 NAG E . -13.73 -13.39 -1.49
C5 NAG E . -14.65 -13.02 -2.66
C6 NAG E . -15.21 -14.23 -3.37
C7 NAG E . -14.58 -9.58 1.42
C8 NAG E . -14.05 -8.27 1.89
N2 NAG E . -14.11 -10.02 0.25
O3 NAG E . -12.64 -12.51 0.47
O4 NAG E . -12.57 -14.03 -2.01
O5 NAG E . -15.77 -12.26 -2.18
O6 NAG E . -16.18 -14.91 -2.58
O7 NAG E . -15.40 -10.23 2.08
C1 BMA E . -12.32 -15.28 -1.51
C2 BMA E . -11.53 -16.00 -2.61
C3 BMA E . -11.23 -17.43 -2.16
C4 BMA E . -10.57 -17.42 -0.76
C5 BMA E . -11.42 -16.61 0.25
C6 BMA E . -10.75 -16.48 1.61
O2 BMA E . -10.28 -15.35 -2.81
O3 BMA E . -10.39 -18.11 -3.11
O4 BMA E . -10.41 -18.76 -0.28
O5 BMA E . -11.63 -15.29 -0.27
O6 BMA E . -9.44 -15.95 1.40
C1 MAN E . -8.75 -15.36 2.43
C2 MAN E . -7.57 -14.65 1.77
C3 MAN E . -6.66 -15.65 1.07
C4 MAN E . -6.24 -16.76 2.06
C5 MAN E . -7.49 -17.43 2.64
C6 MAN E . -7.18 -18.48 3.69
O2 MAN E . -6.75 -14.02 2.76
O3 MAN E . -5.52 -15.03 0.49
O4 MAN E . -5.46 -17.73 1.39
O5 MAN E . -8.35 -16.44 3.26
O6 MAN E . -8.34 -19.29 3.86
C1 MAN E . -5.75 -14.69 -0.82
C2 MAN E . -4.45 -14.84 -1.63
C3 MAN E . -3.45 -13.78 -1.20
C4 MAN E . -4.08 -12.37 -1.27
C5 MAN E . -5.37 -12.33 -0.46
C6 MAN E . -6.12 -11.01 -0.60
O2 MAN E . -4.67 -14.60 -3.02
O3 MAN E . -2.25 -13.83 -1.96
O4 MAN E . -3.17 -11.42 -0.75
O5 MAN E . -6.27 -13.38 -0.90
O6 MAN E . -7.49 -11.23 -0.26
C1 NAG F . -10.60 13.98 -3.84
C2 NAG F . -10.34 14.65 -5.19
C3 NAG F . -8.91 15.19 -5.25
C4 NAG F . -8.65 16.12 -4.06
C5 NAG F . -8.96 15.38 -2.76
C6 NAG F . -8.79 16.23 -1.52
C7 NAG F . -11.51 13.89 -7.22
C8 NAG F . -11.60 12.84 -8.28
N2 NAG F . -10.57 13.71 -6.29
O3 NAG F . -8.74 15.91 -6.46
O4 NAG F . -7.29 16.52 -4.04
O5 NAG F . -10.31 14.91 -2.78
O6 NAG F . -9.83 17.18 -1.38
O7 NAG F . -12.26 14.86 -7.21
C1 NAG F . -6.79 17.54 -4.81
C2 NAG F . -5.61 18.20 -4.11
C3 NAG F . -4.75 18.97 -5.12
C4 NAG F . -4.36 18.05 -6.27
C5 NAG F . -5.61 17.41 -6.89
C6 NAG F . -5.29 16.40 -7.96
C7 NAG F . -5.68 18.93 -1.77
C8 NAG F . -6.25 19.92 -0.80
N2 NAG F . -6.06 19.07 -3.05
O3 NAG F . -3.60 19.48 -4.47
O4 NAG F . -3.67 18.80 -7.28
O5 NAG F . -6.33 16.70 -5.86
O6 NAG F . -6.48 15.90 -8.56
O7 NAG F . -4.90 18.05 -1.41
C1 BMA F . -4.19 19.79 -8.07
C2 BMA F . -3.16 20.91 -8.23
C3 BMA F . -3.66 21.91 -9.26
C4 BMA F . -4.12 21.22 -10.56
C5 BMA F . -5.12 20.09 -10.24
C6 BMA F . -5.54 19.30 -11.45
O2 BMA F . -1.94 20.39 -8.72
O3 BMA F . -2.68 22.89 -9.56
O4 BMA F . -4.70 22.16 -11.46
O5 BMA F . -4.49 19.19 -9.32
O6 BMA F . -4.39 19.02 -12.23
C1 MAN F . -4.44 18.03 -13.18
C2 MAN F . -3.21 17.84 -14.08
C3 MAN F . -3.19 18.89 -15.19
C4 MAN F . -4.55 18.92 -15.91
C5 MAN F . -5.64 19.23 -14.89
C6 MAN F . -7.02 19.29 -15.49
O2 MAN F . -3.26 16.58 -14.76
O3 MAN F . -2.13 18.67 -16.11
O4 MAN F . -4.54 19.92 -16.91
O5 MAN F . -5.65 18.20 -13.89
O6 MAN F . -7.18 18.13 -16.30
C1 MAN F . -8.50 17.75 -16.23
C2 MAN F . -8.63 16.39 -16.92
C3 MAN F . -8.50 16.57 -18.45
C4 MAN F . -9.46 17.64 -18.97
C5 MAN F . -9.30 18.96 -18.17
C6 MAN F . -10.36 19.98 -18.52
O2 MAN F . -9.92 15.82 -16.70
O3 MAN F . -8.70 15.34 -19.14
O4 MAN F . -9.18 17.89 -20.35
O5 MAN F . -9.41 18.70 -16.75
O6 MAN F . -11.62 19.48 -18.05
C1 MAN F . -10.21 15.02 -15.62
C2 MAN F . -11.51 14.31 -16.00
C3 MAN F . -12.66 15.31 -16.08
C4 MAN F . -12.75 16.18 -14.80
C5 MAN F . -11.38 16.82 -14.49
C6 MAN F . -11.35 17.57 -13.18
O2 MAN F . -11.88 13.37 -14.99
O3 MAN F . -13.90 14.66 -16.32
O4 MAN F . -13.71 17.20 -14.98
O5 MAN F . -10.36 15.80 -14.44
O6 MAN F . -11.24 16.61 -12.13
C1 MAN F . -1.42 19.83 -16.31
C2 MAN F . -0.84 19.53 -17.71
C3 MAN F . 0.21 18.42 -17.63
C4 MAN F . 1.24 18.69 -16.51
C5 MAN F . 0.51 18.94 -15.18
C6 MAN F . 1.46 19.32 -14.05
O2 MAN F . -0.15 20.68 -18.24
O3 MAN F . 0.87 18.22 -18.88
O4 MAN F . 2.11 17.57 -16.38
O5 MAN F . -0.42 20.02 -15.34
O6 MAN F . 0.88 18.86 -12.83
C1 MAN F . -2.94 24.08 -8.91
C2 MAN F . -2.06 25.01 -9.78
C3 MAN F . -0.59 24.69 -9.53
C4 MAN F . -0.26 24.74 -8.04
C5 MAN F . -1.19 23.78 -7.26
C6 MAN F . -1.03 23.86 -5.76
O2 MAN F . -2.22 26.37 -9.35
O3 MAN F . 0.25 25.57 -10.26
O4 MAN F . 1.08 24.34 -7.83
O5 MAN F . -2.57 24.12 -7.55
O6 MAN F . -2.10 23.13 -5.16
C1 MAN F . -2.99 27.27 -10.05
C2 MAN F . -3.30 28.44 -9.11
C3 MAN F . -4.51 28.10 -8.23
C4 MAN F . -5.70 27.67 -9.11
C5 MAN F . -5.30 26.51 -10.04
C6 MAN F . -6.37 26.11 -11.02
O2 MAN F . -3.69 29.60 -9.84
O3 MAN F . -4.87 29.18 -7.39
O4 MAN F . -6.75 27.22 -8.26
O5 MAN F . -4.11 26.87 -10.80
O6 MAN F . -5.73 25.79 -12.25
C1 NAG G . -56.30 4.22 -0.80
C2 NAG G . -56.24 5.73 -0.55
C3 NAG G . -57.19 6.14 0.58
C4 NAG G . -58.57 5.54 0.39
C5 NAG G . -58.49 4.05 0.14
C6 NAG G . -59.83 3.40 -0.14
C7 NAG G . -54.26 7.16 -0.85
C8 NAG G . -52.85 7.42 -0.42
N2 NAG G . -54.87 6.13 -0.25
O3 NAG G . -57.28 7.55 0.62
O4 NAG G . -59.36 5.76 1.56
O5 NAG G . -57.67 3.81 -1.00
O6 NAG G . -60.45 3.93 -1.31
O7 NAG G . -54.82 7.84 -1.70
C1 NAG G . -60.44 6.56 1.30
C2 NAG G . -61.34 6.31 2.51
C3 NAG G . -62.69 7.00 2.30
C4 NAG G . -62.48 8.47 1.95
C5 NAG G . -61.49 8.64 0.82
C6 NAG G . -61.12 10.09 0.56
C7 NAG G . -60.94 4.19 3.70
C8 NAG G . -61.24 2.73 3.74
N2 NAG G . -61.53 4.87 2.72
O3 NAG G . -63.46 6.87 3.47
O4 NAG G . -63.73 9.04 1.54
O5 NAG G . -60.26 7.96 1.14
O6 NAG G . -60.74 10.76 1.76
O7 NAG G . -60.20 4.73 4.52
C1 BMA G . -64.12 9.98 2.47
C2 BMA G . -65.37 10.55 1.79
C3 BMA G . -65.97 11.63 2.68
C4 BMA G . -66.16 11.12 4.13
C5 BMA G . -64.87 10.45 4.68
C6 BMA G . -65.09 9.76 6.00
O2 BMA G . -66.36 9.53 1.67
O3 BMA G . -67.21 12.11 2.17
O4 BMA G . -66.55 12.19 4.99
O5 BMA G . -64.43 9.45 3.75
O6 BMA G . -66.15 8.82 5.82
C1 MAN G . -67.15 13.16 1.30
C2 MAN G . -68.56 13.74 1.45
C3 MAN G . -69.57 12.81 0.77
C4 MAN G . -69.16 12.51 -0.68
C5 MAN G . -67.72 11.98 -0.73
C6 MAN G . -67.20 11.81 -2.15
O2 MAN G . -68.68 14.99 0.78
O3 MAN G . -70.90 13.35 0.82
O4 MAN G . -70.04 11.53 -1.24
O5 MAN G . -66.83 12.89 -0.05
O6 MAN G . -65.80 11.53 -2.07
C1 MAN G . -68.46 16.13 1.53
C2 MAN G . -69.02 17.26 0.66
C3 MAN G . -68.07 17.56 -0.50
C4 MAN G . -66.62 17.75 -0.02
C5 MAN G . -66.19 16.55 0.83
C6 MAN G . -64.81 16.71 1.46
O2 MAN G . -69.11 18.48 1.41
O3 MAN G . -68.49 18.70 -1.26
O4 MAN G . -65.75 17.86 -1.14
O5 MAN G . -67.13 16.34 1.92
O6 MAN G . -64.53 15.55 2.23
C1 MAN G . -66.63 7.89 6.73
C2 MAN G . -67.80 7.07 6.18
C3 MAN G . -69.06 7.94 6.10
C4 MAN G . -69.33 8.63 7.45
C5 MAN G . -68.10 9.44 7.87
C6 MAN G . -68.25 10.10 9.23
O2 MAN G . -68.14 6.00 7.08
O3 MAN G . -70.20 7.18 5.68
O4 MAN G . -70.45 9.50 7.32
O5 MAN G . -66.94 8.58 7.93
O6 MAN G . -67.63 11.38 9.17
C1 NAG H . 0.88 11.32 23.57
C2 NAG H . 1.38 9.88 23.52
C3 NAG H . 2.87 9.84 23.79
C4 NAG H . 3.61 10.75 22.82
C5 NAG H . 3.04 12.17 22.90
C6 NAG H . 3.64 13.11 21.87
C7 NAG H . -0.25 8.12 24.11
C8 NAG H . -0.51 7.99 22.64
N2 NAG H . 0.66 9.04 24.48
O3 NAG H . 3.35 8.50 23.68
O4 NAG H . 5.01 10.77 23.13
O5 NAG H . 1.63 12.13 22.65
O6 NAG H . 2.83 14.25 21.69
O7 NAG H . -0.83 7.43 24.95
C1 NAG H . 5.86 10.38 22.13
C2 NAG H . 7.25 10.28 22.73
C3 NAG H . 8.31 10.10 21.64
C4 NAG H . 7.94 8.93 20.76
C5 NAG H . 6.52 9.07 20.22
C6 NAG H . 6.05 7.87 19.45
C7 NAG H . 7.61 12.71 23.12
C8 NAG H . 7.95 13.75 24.16
N2 NAG H . 7.57 11.44 23.57
O3 NAG H . 9.57 9.91 22.24
O4 NAG H . 8.85 8.84 19.65
O5 NAG H . 5.60 9.23 21.32
O6 NAG H . 4.77 8.09 18.85
O7 NAG H . 7.39 13.01 21.96
C1 BMA H . 10.13 8.83 19.16
C2 BMA H . 11.19 8.22 20.07
C3 BMA H . 12.58 8.51 19.52
C4 BMA H . 12.68 8.14 18.03
C5 BMA H . 11.54 8.82 17.23
C6 BMA H . 11.52 8.42 15.77
O2 BMA H . 11.07 6.80 20.11
O3 BMA H . 13.60 7.86 20.26
O4 BMA H . 13.93 8.54 17.51
O5 BMA H . 10.28 8.43 17.81
O6 BMA H . 10.94 7.12 15.68
C1 MAN H . 11.33 6.29 14.65
C2 MAN H . 10.26 5.18 14.57
C3 MAN H . 10.72 3.92 15.33
C4 MAN H . 12.16 3.54 14.93
C5 MAN H . 13.09 4.72 15.17
C6 MAN H . 14.53 4.43 14.80
O2 MAN H . 10.04 4.76 13.22
O3 MAN H . 9.84 2.83 15.12
O4 MAN H . 12.60 2.42 15.70
O5 MAN H . 12.63 5.83 14.37
O6 MAN H . 14.54 3.82 13.50
C1 NAG I . 43.13 -0.29 2.46
C2 NAG I . 43.69 -1.41 3.35
C3 NAG I . 43.69 -0.97 4.81
C4 NAG I . 44.40 0.36 4.98
C5 NAG I . 43.79 1.40 4.06
C6 NAG I . 44.49 2.72 4.09
C7 NAG I . 43.35 -3.64 2.37
C8 NAG I . 42.46 -4.84 2.32
N2 NAG I . 42.95 -2.65 3.17
O3 NAG I . 44.32 -1.97 5.60
O4 NAG I . 44.31 0.80 6.33
O5 NAG I . 43.85 0.93 2.69
O6 NAG I . 45.80 2.63 3.55
O7 NAG I . 44.38 -3.56 1.72
C1 NAG I . 45.56 0.88 6.89
C2 NAG I . 45.77 1.69 8.18
C3 NAG I . 47.25 1.80 8.50
C4 NAG I . 47.91 0.43 8.51
C5 NAG I . 47.61 -0.30 7.21
C6 NAG I . 48.15 -1.71 7.18
C7 NAG I . 43.87 3.26 8.28
C8 NAG I . 43.43 4.68 8.10
N2 NAG I . 45.17 3.01 8.05
O3 NAG I . 47.41 2.42 9.78
O4 NAG I . 49.32 0.56 8.65
O5 NAG I . 46.19 -0.39 7.01
O6 NAG I . 48.07 -2.27 5.87
O7 NAG I . 43.09 2.38 8.62
C1 NAG J . 49.32 13.06 -17.04
C2 NAG J . 50.82 13.26 -16.80
C3 NAG J . 51.43 14.09 -17.92
C4 NAG J . 51.09 13.50 -19.28
C5 NAG J . 49.58 13.35 -19.41
C6 NAG J . 49.16 12.69 -20.70
C7 NAG J . 51.38 13.19 -14.41
C8 NAG J . 51.61 13.99 -13.17
N2 NAG J . 51.06 13.88 -15.51
O3 NAG J . 52.85 14.14 -17.75
O4 NAG J . 51.58 14.34 -20.32
O5 NAG J . 49.10 12.51 -18.35
O6 NAG J . 49.82 11.45 -20.90
O7 NAG J . 51.50 11.97 -14.42
C1 NAG J . 52.57 13.78 -21.09
C2 NAG J . 52.72 14.50 -22.44
C3 NAG J . 53.85 13.89 -23.25
C4 NAG J . 55.13 13.83 -22.43
C5 NAG J . 54.88 13.14 -21.10
C6 NAG J . 56.08 13.13 -20.19
C7 NAG J . 50.55 15.40 -23.14
C8 NAG J . 49.32 15.18 -23.97
N2 NAG J . 51.47 14.44 -23.18
O3 NAG J . 54.06 14.67 -24.42
O4 NAG J . 56.13 13.12 -23.15
O5 NAG J . 53.83 13.81 -20.40
O6 NAG J . 55.94 12.17 -19.15
O7 NAG J . 50.69 16.42 -22.46
C1 NAG K . 15.46 13.52 -8.52
C2 NAG K . 14.42 14.56 -8.10
C3 NAG K . 14.23 14.53 -6.59
C4 NAG K . 13.95 13.12 -6.09
C5 NAG K . 15.01 12.16 -6.61
C6 NAG K . 14.75 10.71 -6.26
C7 NAG K . 13.94 16.79 -8.99
C8 NAG K . 14.54 18.12 -9.41
N2 NAG K . 14.81 15.88 -8.54
O3 NAG K . 13.14 15.40 -6.25
O4 NAG K . 13.98 13.08 -4.67
O5 NAG K . 15.06 12.23 -8.04
O6 NAG K . 13.53 10.24 -6.82
O7 NAG K . 12.74 16.57 -9.06
C1 NAG K . 12.98 13.47 -3.80
C2 NAG K . 12.99 12.69 -2.50
C3 NAG K . 12.00 13.28 -1.50
C4 NAG K . 12.23 14.78 -1.33
C5 NAG K . 12.25 15.46 -2.70
C6 NAG K . 12.59 16.93 -2.63
C7 NAG K . 13.61 10.34 -2.89
C8 NAG K . 13.10 8.96 -3.16
N2 NAG K . 12.68 11.29 -2.75
O3 NAG K . 12.16 12.64 -0.24
O4 NAG K . 11.19 15.35 -0.55
O5 NAG K . 13.25 14.85 -3.53
O6 NAG K . 13.98 17.16 -2.83
O7 NAG K . 14.81 10.59 -2.83
C1 BMA K . 11.60 15.79 0.68
C2 BMA K . 10.64 16.93 1.11
C3 BMA K . 11.22 17.72 2.29
C4 BMA K . 11.78 16.79 3.37
C5 BMA K . 12.80 15.85 2.74
C6 BMA K . 13.50 14.94 3.75
O2 BMA K . 9.40 16.39 1.54
O3 BMA K . 10.26 18.62 2.83
O4 BMA K . 12.40 17.56 4.39
O5 BMA K . 12.10 15.05 1.78
O6 BMA K . 12.64 13.84 4.08
C1 MAN K . 13.01 13.03 5.13
C2 MAN K . 12.10 11.80 5.24
C3 MAN K . 10.78 12.21 5.88
C4 MAN K . 11.02 12.94 7.22
C5 MAN K . 11.99 14.12 7.02
C6 MAN K . 12.40 14.78 8.32
O2 MAN K . 12.67 10.82 6.13
O3 MAN K . 9.91 11.10 6.07
O4 MAN K . 9.79 13.42 7.73
O5 MAN K . 13.20 13.67 6.37
O6 MAN K . 13.21 15.90 8.02
C1 NAG L . 1.39 -5.02 -17.38
C2 NAG L . 0.16 -4.78 -18.26
C3 NAG L . -1.04 -5.57 -17.71
C4 NAG L . -0.68 -7.03 -17.49
C5 NAG L . 0.56 -7.14 -16.61
C6 NAG L . 1.03 -8.56 -16.40
C7 NAG L . -0.06 -2.66 -19.48
C8 NAG L . -0.42 -1.21 -19.37
N2 NAG L . -0.15 -3.37 -18.35
O3 NAG L . -2.12 -5.46 -18.64
O4 NAG L . -1.75 -7.71 -16.82
O5 NAG L . 1.64 -6.43 -17.25
O6 NAG L . 1.48 -9.18 -17.59
O7 NAG L . 0.30 -3.17 -20.54
C1 NAG L . -2.89 -8.13 -17.44
C2 NAG L . -3.44 -9.45 -16.91
C3 NAG L . -4.85 -9.69 -17.43
C4 NAG L . -5.74 -8.47 -17.22
C5 NAG L . -5.04 -7.19 -17.69
C6 NAG L . -5.81 -5.93 -17.32
C7 NAG L . -1.99 -11.36 -16.40
C8 NAG L . -1.10 -12.44 -16.96
N2 NAG L . -2.55 -10.54 -17.29
O3 NAG L . -5.40 -10.80 -16.73
O4 NAG L . -6.92 -8.60 -18.00
O5 NAG L . -3.75 -7.09 -17.07
O6 NAG L . -5.17 -4.77 -17.82
O7 NAG L . -2.20 -11.25 -15.20
C1 MAN L . -8.28 -8.48 -17.89
C2 MAN L . -9.28 -9.53 -18.30
C3 MAN L . -9.24 -9.72 -19.81
C4 MAN L . -9.44 -8.40 -20.52
C5 MAN L . -8.31 -7.44 -20.09
C6 MAN L . -8.41 -6.07 -20.69
O2 MAN L . -10.62 -9.09 -18.00
O3 MAN L . -10.19 -10.71 -20.23
O4 MAN L . -9.38 -8.58 -21.93
O5 MAN L . -8.37 -7.30 -18.66
O6 MAN L . -9.73 -5.58 -20.48
C1 MAN L . -9.96 -4.28 -20.10
C2 MAN L . -11.33 -3.86 -19.56
C3 MAN L . -12.39 -3.99 -20.65
C4 MAN L . -11.95 -3.26 -21.92
C5 MAN L . -10.55 -3.73 -22.35
C6 MAN L . -10.01 -2.90 -23.50
O2 MAN L . -11.36 -2.46 -19.20
O3 MAN L . -13.64 -3.48 -20.22
O4 MAN L . -12.88 -3.54 -22.97
O5 MAN L . -9.62 -3.58 -21.25
O6 MAN L . -10.01 -1.56 -23.07
C1 MAN L . -9.17 -0.85 -23.90
C2 MAN L . -9.21 0.62 -23.48
C3 MAN L . -10.32 1.35 -24.25
C4 MAN L . -10.21 1.09 -25.76
C5 MAN L . -10.16 -0.42 -26.04
C6 MAN L . -9.93 -0.75 -27.51
O2 MAN L . -7.98 1.29 -23.82
O3 MAN L . -10.33 2.75 -23.99
O4 MAN L . -11.35 1.64 -26.42
O5 MAN L . -9.09 -1.02 -25.29
O6 MAN L . -8.74 -0.09 -27.94
C1 MAN L . -6.85 1.24 -23.06
C2 MAN L . -5.98 2.40 -23.58
C3 MAN L . -5.44 2.08 -24.97
C4 MAN L . -4.76 0.70 -24.99
C5 MAN L . -5.73 -0.37 -24.44
C6 MAN L . -5.10 -1.76 -24.33
O2 MAN L . -4.84 2.59 -22.76
O3 MAN L . -4.55 3.08 -25.43
O4 MAN L . -4.38 0.37 -26.32
O5 MAN L . -6.18 0.00 -23.12
O6 MAN L . -4.32 -1.79 -23.14
C1 MAN L . -14.58 -4.45 -19.98
C2 MAN L . -15.58 -4.73 -21.10
C3 MAN L . -16.58 -3.57 -21.19
C4 MAN L . -17.22 -3.31 -19.82
C5 MAN L . -16.15 -3.10 -18.74
C6 MAN L . -16.70 -3.04 -17.34
O2 MAN L . -16.36 -5.89 -20.80
O3 MAN L . -17.55 -3.80 -22.18
O4 MAN L . -18.02 -2.13 -19.88
O5 MAN L . -15.24 -4.22 -18.76
O6 MAN L . -15.77 -2.27 -16.58
C1 MAN L . -10.18 -11.96 -19.65
C2 MAN L . -8.83 -12.61 -20.02
C3 MAN L . -8.72 -12.77 -21.55
C4 MAN L . -9.98 -13.43 -22.11
C5 MAN L . -11.24 -12.65 -21.69
C6 MAN L . -12.51 -13.31 -22.13
O2 MAN L . -8.73 -13.94 -19.49
O3 MAN L . -7.55 -13.48 -21.92
O4 MAN L . -9.90 -13.48 -23.52
O5 MAN L . -11.29 -12.57 -20.26
O6 MAN L . -12.43 -13.51 -23.54
C1 NAG M . 38.35 13.50 -39.30
C2 NAG M . 38.05 12.27 -40.16
C3 NAG M . 39.35 11.55 -40.56
C4 NAG M . 40.36 12.53 -41.13
C5 NAG M . 40.56 13.69 -40.17
C6 NAG M . 41.53 14.73 -40.65
C7 NAG M . 36.10 10.78 -39.99
C8 NAG M . 35.31 9.87 -39.11
N2 NAG M . 37.18 11.36 -39.44
O3 NAG M . 39.04 10.54 -41.52
O4 NAG M . 41.61 11.86 -41.35
O5 NAG M . 39.30 14.33 -39.97
O6 NAG M . 41.40 14.96 -42.05
O7 NAG M . 35.78 10.99 -41.16
C1 NAG M . 42.21 11.82 -42.58
C2 NAG M . 43.71 11.62 -42.39
C3 NAG M . 44.40 11.48 -43.76
C4 NAG M . 43.72 10.41 -44.61
C5 NAG M . 42.21 10.68 -44.67
C6 NAG M . 41.45 9.61 -45.41
C7 NAG M . 44.79 12.57 -40.41
C8 NAG M . 45.35 13.82 -39.78
N2 NAG M . 44.29 12.72 -41.64
O3 NAG M . 45.76 11.15 -43.56
O4 NAG M . 44.26 10.40 -45.92
O5 NAG M . 41.67 10.75 -43.35
O6 NAG M . 40.79 10.13 -46.55
O7 NAG M . 44.77 11.50 -39.82
C1 MAN M . 44.94 9.38 -46.52
C2 MAN M . 46.34 9.13 -45.95
C3 MAN M . 47.29 10.23 -46.41
C4 MAN M . 47.22 10.44 -47.93
C5 MAN M . 45.76 10.68 -48.37
C6 MAN M . 45.60 10.78 -49.88
O2 MAN M . 46.90 7.90 -46.45
O3 MAN M . 48.63 9.98 -46.00
O4 MAN M . 48.01 11.56 -48.31
O5 MAN M . 44.94 9.58 -47.91
O6 MAN M . 45.38 9.47 -50.39
C1 MAN M . 44.65 9.03 -51.48
C2 MAN M . 43.63 8.03 -52.11
C3 MAN M . 44.32 7.00 -53.03
C4 MAN M . 45.38 7.66 -53.91
C5 MAN M . 46.37 8.40 -53.02
C6 MAN M . 47.56 9.01 -53.76
O2 MAN M . 42.66 8.71 -52.92
O3 MAN M . 43.38 6.30 -53.83
O4 MAN M . 46.06 6.68 -54.69
O5 MAN M . 45.66 9.47 -52.37
O6 MAN M . 47.47 10.43 -53.65
C1 NAG N . 12.63 -23.96 3.39
C2 NAG N . 12.39 -22.96 4.51
C3 NAG N . 11.41 -23.52 5.55
C4 NAG N . 10.15 -24.04 4.88
C5 NAG N . 10.54 -25.06 3.80
C6 NAG N . 9.36 -25.62 3.04
C7 NAG N . 14.29 -21.44 4.88
C8 NAG N . 15.57 -21.23 5.64
N2 NAG N . 13.64 -22.58 5.15
O3 NAG N . 11.07 -22.50 6.48
O4 NAG N . 9.29 -24.66 5.83
O5 NAG N . 11.39 -24.41 2.84
O6 NAG N . 8.42 -24.60 2.72
O7 NAG N . 13.86 -20.62 4.08
C1 NAG N . 8.05 -24.10 5.94
C2 NAG N . 7.20 -24.87 6.95
C3 NAG N . 5.76 -24.35 6.96
C4 NAG N . 5.75 -22.84 7.15
C5 NAG N . 6.66 -22.16 6.13
C6 NAG N . 6.77 -20.67 6.35
C7 NAG N . 7.71 -27.20 7.52
C8 NAG N . 7.64 -28.63 7.06
N2 NAG N . 7.22 -26.30 6.66
O3 NAG N . 5.04 -24.97 8.01
O4 NAG N . 4.43 -22.35 6.99
O5 NAG N . 7.98 -22.70 6.23
O6 NAG N . 7.61 -20.06 5.36
O7 NAG N . 8.16 -26.90 8.61
C1 BMA N . 3.54 -21.81 7.89
C2 BMA N . 2.67 -20.68 7.32
C3 BMA N . 1.92 -19.96 8.44
C4 BMA N . 1.25 -20.95 9.43
C5 BMA N . 2.27 -21.99 9.90
C6 BMA N . 1.67 -23.03 10.82
O2 BMA N . 1.69 -21.19 6.42
O3 BMA N . 0.94 -19.06 7.92
O4 BMA N . 0.73 -20.25 10.54
O5 BMA N . 2.81 -22.66 8.75
O6 BMA N . 0.80 -23.85 10.06
C1 NAG O . -46.69 18.72 -5.61
C2 NAG O . -47.54 19.99 -5.56
C3 NAG O . -47.64 20.50 -4.11
C4 NAG O . -48.12 19.40 -3.18
C5 NAG O . -47.22 18.17 -3.32
C6 NAG O . -47.69 17.00 -2.49
C7 NAG O . -47.36 21.17 -7.70
C8 NAG O . -46.69 22.28 -8.45
N2 NAG O . -46.99 21.01 -6.42
O3 NAG O . -48.54 21.60 -4.07
O4 NAG O . -48.09 19.85 -1.83
O5 NAG O . -47.21 17.75 -4.69
O6 NAG O . -48.82 16.37 -3.10
O7 NAG O . -48.19 20.44 -8.23
C1 GOL P . -42.63 -3.90 14.20
O1 GOL P . -41.46 -4.33 14.83
C2 GOL P . -42.20 -3.08 12.97
O2 GOL P . -41.75 -1.82 13.31
C3 GOL P . -43.46 -3.03 12.09
O3 GOL P . -43.45 -1.82 11.41
C1 NAG Q . 24.64 3.22 -44.48
C2 NAG Q . 24.65 2.28 -45.68
C3 NAG Q . 25.34 0.96 -45.32
C4 NAG Q . 26.73 1.24 -44.76
C5 NAG Q . 26.66 2.25 -43.61
C6 NAG Q . 28.03 2.67 -43.11
C7 NAG Q . 22.78 2.62 -47.24
C8 NAG Q . 21.38 2.24 -47.59
N2 NAG Q . 23.29 2.03 -46.16
O3 NAG Q . 25.43 0.13 -46.47
O4 NAG Q . 27.32 0.03 -44.28
O5 NAG Q . 25.99 3.44 -44.04
O6 NAG Q . 28.21 4.07 -43.25
O7 NAG Q . 23.43 3.42 -47.91
C1 GOL R . 32.09 15.75 -28.28
O1 GOL R . 32.53 16.46 -29.40
C2 GOL R . 30.82 16.48 -27.73
O2 GOL R . 30.08 15.68 -26.90
C3 GOL R . 31.35 17.73 -27.01
O3 GOL R . 30.25 18.36 -26.44
C1 GOL S . 16.79 -12.22 -16.87
O1 GOL S . 17.83 -11.41 -16.45
C2 GOL S . 17.03 -13.62 -16.27
O2 GOL S . 17.22 -13.58 -14.90
C3 GOL S . 15.76 -14.42 -16.65
O3 GOL S . 14.74 -13.94 -15.83
CAC FLC T . 20.06 -15.18 -19.11
CA FLC T . 19.75 -15.46 -20.57
CB FLC T . 18.33 -15.97 -20.80
CBC FLC T . 18.10 -17.27 -20.03
CG FLC T . 18.16 -16.23 -22.29
CGC FLC T . 16.69 -16.38 -22.68
OA1 FLC T . 20.23 -14.00 -18.71
OA2 FLC T . 20.17 -16.14 -18.29
OB1 FLC T . 18.85 -18.26 -20.23
OB2 FLC T . 17.17 -17.35 -19.18
OG1 FLC T . 16.29 -15.84 -23.74
OG2 FLC T . 15.89 -17.02 -21.96
OHB FLC T . 17.39 -15.01 -20.38
#